data_2DNX
#
_entry.id   2DNX
#
_entity_poly.entity_id   1
_entity_poly.type   'polypeptide(L)'
_entity_poly.pdbx_seq_one_letter_code
;GSSGSSGQLRDFSSIIQTCSGNIQRISQATAQIKNLMSQLGTKQDSSKLQENLQQLQHSTNQLAKETNELLKELGSLPLP
LSTSEQRQQRLQKERLMNDFSAALNNFQAVQRRVSEKEKESIARSGPSSG
;
_entity_poly.pdbx_strand_id   A
#
# COMPACT_ATOMS: atom_id res chain seq x y z
N GLY A 1 20.50 9.82 6.71
CA GLY A 1 19.06 9.94 6.84
C GLY A 1 18.66 11.29 7.45
N SER A 2 17.46 11.33 7.99
CA SER A 2 16.97 12.55 8.61
C SER A 2 17.75 12.86 9.89
N SER A 3 18.20 14.10 9.98
CA SER A 3 18.97 14.54 11.13
C SER A 3 18.74 16.03 11.37
N GLY A 4 17.89 16.32 12.34
CA GLY A 4 17.57 17.69 12.69
C GLY A 4 16.09 17.84 13.08
N SER A 5 15.72 19.07 13.38
CA SER A 5 14.35 19.36 13.76
C SER A 5 14.15 20.87 13.92
N SER A 6 13.49 21.45 12.93
CA SER A 6 13.24 22.88 12.95
C SER A 6 12.26 23.25 11.82
N GLY A 7 12.68 22.93 10.61
CA GLY A 7 11.86 23.22 9.44
C GLY A 7 10.43 22.70 9.63
N GLN A 8 10.29 21.39 9.47
CA GLN A 8 8.99 20.75 9.61
C GLN A 8 8.04 21.21 8.49
N LEU A 9 8.21 20.59 7.33
CA LEU A 9 7.39 20.92 6.19
C LEU A 9 7.35 19.74 5.22
N ARG A 10 6.32 19.71 4.40
CA ARG A 10 6.17 18.64 3.42
C ARG A 10 7.22 18.76 2.32
N ASP A 11 8.47 18.58 2.72
CA ASP A 11 9.57 18.67 1.78
C ASP A 11 9.68 17.36 1.00
N PHE A 12 10.23 17.46 -0.20
CA PHE A 12 10.40 16.29 -1.05
C PHE A 12 10.98 15.12 -0.26
N SER A 13 11.99 15.42 0.53
CA SER A 13 12.64 14.41 1.35
C SER A 13 11.69 13.95 2.46
N SER A 14 10.88 14.89 2.93
CA SER A 14 9.94 14.60 3.99
C SER A 14 8.77 13.76 3.45
N ILE A 15 8.39 14.06 2.22
CA ILE A 15 7.30 13.35 1.57
C ILE A 15 7.80 11.97 1.13
N ILE A 16 8.92 11.99 0.41
CA ILE A 16 9.51 10.76 -0.09
C ILE A 16 9.55 9.72 1.04
N GLN A 17 10.34 10.02 2.06
CA GLN A 17 10.46 9.13 3.19
C GLN A 17 9.11 8.56 3.57
N THR A 18 8.13 9.44 3.65
CA THR A 18 6.77 9.04 4.01
C THR A 18 6.21 8.09 2.95
N CYS A 19 6.40 8.46 1.69
CA CYS A 19 5.92 7.66 0.59
C CYS A 19 6.51 6.26 0.72
N SER A 20 7.83 6.22 0.86
CA SER A 20 8.53 4.95 1.00
C SER A 20 7.86 4.09 2.06
N GLY A 21 7.72 4.66 3.25
CA GLY A 21 7.10 3.97 4.36
C GLY A 21 5.75 3.38 3.94
N ASN A 22 4.86 4.25 3.50
CA ASN A 22 3.53 3.83 3.06
C ASN A 22 3.66 2.54 2.25
N ILE A 23 4.47 2.61 1.21
CA ILE A 23 4.68 1.46 0.35
C ILE A 23 4.90 0.22 1.21
N GLN A 24 5.95 0.28 2.02
CA GLN A 24 6.29 -0.84 2.89
C GLN A 24 5.01 -1.41 3.53
N ARG A 25 4.35 -0.56 4.29
CA ARG A 25 3.12 -0.96 4.97
C ARG A 25 2.20 -1.70 3.98
N ILE A 26 1.85 -1.00 2.92
CA ILE A 26 0.98 -1.57 1.90
C ILE A 26 1.41 -3.01 1.61
N SER A 27 2.71 -3.17 1.38
CA SER A 27 3.25 -4.49 1.09
C SER A 27 3.20 -5.36 2.35
N GLN A 28 3.32 -4.71 3.49
CA GLN A 28 3.28 -5.41 4.75
C GLN A 28 1.89 -6.00 5.00
N ALA A 29 0.92 -5.11 5.15
CA ALA A 29 -0.45 -5.53 5.39
C ALA A 29 -0.82 -6.61 4.38
N THR A 30 -0.41 -6.39 3.14
CA THR A 30 -0.70 -7.34 2.07
C THR A 30 -0.11 -8.71 2.41
N ALA A 31 0.98 -8.68 3.16
CA ALA A 31 1.64 -9.92 3.55
C ALA A 31 0.86 -10.57 4.71
N GLN A 32 0.36 -9.72 5.59
CA GLN A 32 -0.40 -10.20 6.73
C GLN A 32 -1.67 -10.92 6.25
N ILE A 33 -2.27 -10.37 5.22
CA ILE A 33 -3.49 -10.94 4.66
C ILE A 33 -3.19 -12.35 4.14
N LYS A 34 -2.04 -12.46 3.47
CA LYS A 34 -1.63 -13.74 2.92
C LYS A 34 -1.22 -14.68 4.06
N ASN A 35 -0.49 -14.13 5.00
CA ASN A 35 -0.04 -14.91 6.15
C ASN A 35 -1.24 -15.34 6.97
N LEU A 36 -2.15 -14.39 7.18
CA LEU A 36 -3.35 -14.67 7.95
C LEU A 36 -4.28 -15.57 7.14
N MET A 37 -4.17 -15.45 5.83
CA MET A 37 -4.99 -16.25 4.93
C MET A 37 -4.91 -17.74 5.30
N SER A 38 -3.74 -18.31 5.13
CA SER A 38 -3.53 -19.71 5.43
C SER A 38 -4.10 -20.03 6.82
N GLN A 39 -3.74 -19.19 7.78
CA GLN A 39 -4.21 -19.37 9.14
C GLN A 39 -5.68 -19.80 9.14
N LEU A 40 -6.49 -19.05 8.41
CA LEU A 40 -7.91 -19.34 8.33
C LEU A 40 -8.10 -20.72 7.72
N GLY A 41 -7.31 -21.01 6.70
CA GLY A 41 -7.37 -22.29 6.03
C GLY A 41 -6.91 -23.42 6.94
N THR A 42 -7.69 -23.66 7.99
CA THR A 42 -7.37 -24.69 8.95
C THR A 42 -8.65 -25.39 9.43
N LYS A 43 -9.49 -25.72 8.46
CA LYS A 43 -10.75 -26.39 8.78
C LYS A 43 -11.73 -25.38 9.38
N GLN A 44 -11.30 -24.79 10.50
CA GLN A 44 -12.12 -23.81 11.18
C GLN A 44 -11.64 -22.40 10.87
N ASP A 45 -12.35 -21.42 11.40
CA ASP A 45 -12.00 -20.02 11.20
C ASP A 45 -12.19 -19.25 12.50
N SER A 46 -11.67 -18.04 12.51
CA SER A 46 -11.77 -17.18 13.69
C SER A 46 -12.03 -15.74 13.26
N SER A 47 -13.03 -15.14 13.90
CA SER A 47 -13.39 -13.76 13.60
C SER A 47 -12.22 -12.83 13.92
N LYS A 48 -11.42 -13.26 14.89
CA LYS A 48 -10.26 -12.48 15.30
C LYS A 48 -9.34 -12.26 14.10
N LEU A 49 -9.39 -13.21 13.17
CA LEU A 49 -8.57 -13.14 11.98
C LEU A 49 -9.30 -12.32 10.91
N GLN A 50 -10.46 -12.84 10.52
CA GLN A 50 -11.27 -12.16 9.51
C GLN A 50 -11.22 -10.65 9.71
N GLU A 51 -11.31 -10.25 10.98
CA GLU A 51 -11.27 -8.83 11.32
C GLU A 51 -9.89 -8.25 11.02
N ASN A 52 -8.87 -8.99 11.43
CA ASN A 52 -7.50 -8.56 11.23
C ASN A 52 -7.28 -8.25 9.74
N LEU A 53 -7.75 -9.17 8.91
CA LEU A 53 -7.61 -9.01 7.47
C LEU A 53 -8.11 -7.62 7.07
N GLN A 54 -9.42 -7.43 7.21
CA GLN A 54 -10.03 -6.16 6.87
C GLN A 54 -9.18 -5.00 7.38
N GLN A 55 -9.01 -4.96 8.70
CA GLN A 55 -8.22 -3.92 9.33
C GLN A 55 -6.93 -3.69 8.54
N LEU A 56 -6.27 -4.79 8.21
CA LEU A 56 -5.03 -4.73 7.46
C LEU A 56 -5.31 -4.21 6.05
N GLN A 57 -6.46 -4.61 5.53
CA GLN A 57 -6.85 -4.19 4.19
C GLN A 57 -7.14 -2.69 4.17
N HIS A 58 -8.19 -2.31 4.88
CA HIS A 58 -8.57 -0.91 4.95
C HIS A 58 -7.33 -0.04 5.16
N SER A 59 -6.64 -0.30 6.27
CA SER A 59 -5.44 0.45 6.60
C SER A 59 -4.64 0.72 5.33
N THR A 60 -4.22 -0.37 4.69
CA THR A 60 -3.44 -0.27 3.47
C THR A 60 -4.17 0.60 2.44
N ASN A 61 -5.46 0.35 2.31
CA ASN A 61 -6.27 1.09 1.37
C ASN A 61 -5.95 2.59 1.49
N GLN A 62 -6.27 3.14 2.64
CA GLN A 62 -6.02 4.55 2.91
C GLN A 62 -4.55 4.88 2.63
N LEU A 63 -3.67 4.10 3.26
CA LEU A 63 -2.25 4.31 3.10
C LEU A 63 -1.94 4.65 1.64
N ALA A 64 -2.55 3.87 0.75
CA ALA A 64 -2.37 4.08 -0.68
C ALA A 64 -2.99 5.42 -1.09
N LYS A 65 -4.20 5.64 -0.62
CA LYS A 65 -4.92 6.87 -0.92
C LYS A 65 -3.98 8.06 -0.70
N GLU A 66 -3.22 7.98 0.39
CA GLU A 66 -2.29 9.04 0.71
C GLU A 66 -1.12 9.06 -0.27
N THR A 67 -0.51 7.89 -0.43
CA THR A 67 0.61 7.74 -1.34
C THR A 67 0.33 8.47 -2.65
N ASN A 68 -0.78 8.11 -3.27
CA ASN A 68 -1.17 8.72 -4.53
C ASN A 68 -1.27 10.24 -4.34
N GLU A 69 -1.83 10.63 -3.20
CA GLU A 69 -1.99 12.04 -2.89
C GLU A 69 -0.62 12.71 -2.79
N LEU A 70 0.28 12.05 -2.09
CA LEU A 70 1.62 12.58 -1.91
C LEU A 70 2.34 12.62 -3.26
N LEU A 71 2.32 11.48 -3.94
CA LEU A 71 2.95 11.38 -5.25
C LEU A 71 2.51 12.55 -6.12
N LYS A 72 1.34 13.09 -5.78
CA LYS A 72 0.80 14.21 -6.53
C LYS A 72 1.38 15.51 -5.99
N GLU A 73 1.47 15.58 -4.66
CA GLU A 73 2.02 16.76 -4.02
C GLU A 73 3.52 16.85 -4.23
N LEU A 74 4.13 15.69 -4.48
CA LEU A 74 5.55 15.62 -4.70
C LEU A 74 5.91 16.39 -5.97
N GLY A 75 5.45 15.85 -7.10
CA GLY A 75 5.71 16.48 -8.39
C GLY A 75 5.24 17.93 -8.39
N SER A 76 4.26 18.21 -7.54
CA SER A 76 3.71 19.55 -7.44
C SER A 76 4.80 20.52 -7.00
N LEU A 77 5.62 20.08 -6.07
CA LEU A 77 6.71 20.89 -5.56
C LEU A 77 7.45 21.53 -6.73
N PRO A 78 8.14 22.66 -6.42
CA PRO A 78 8.90 23.38 -7.44
C PRO A 78 10.19 22.64 -7.78
N LEU A 79 10.96 23.24 -8.68
CA LEU A 79 12.22 22.65 -9.10
C LEU A 79 13.37 23.59 -8.73
N PRO A 80 14.54 22.97 -8.44
CA PRO A 80 15.71 23.74 -8.06
C PRO A 80 16.34 24.41 -9.29
N LEU A 81 17.24 25.34 -9.00
CA LEU A 81 17.92 26.07 -10.06
C LEU A 81 18.84 25.13 -10.83
N SER A 82 19.39 24.16 -10.09
CA SER A 82 20.29 23.19 -10.69
C SER A 82 19.49 22.08 -11.36
N THR A 83 19.94 21.69 -12.54
CA THR A 83 19.27 20.64 -13.29
C THR A 83 19.66 19.27 -12.73
N SER A 84 20.76 19.24 -12.00
CA SER A 84 21.23 18.00 -11.40
C SER A 84 20.24 17.51 -10.36
N GLU A 85 19.71 18.45 -9.58
CA GLU A 85 18.75 18.12 -8.55
C GLU A 85 17.37 17.87 -9.16
N GLN A 86 17.17 18.44 -10.34
CA GLN A 86 15.91 18.28 -11.05
C GLN A 86 15.69 16.82 -11.41
N ARG A 87 16.69 16.23 -12.04
CA ARG A 87 16.61 14.84 -12.44
C ARG A 87 16.52 13.93 -11.21
N GLN A 88 17.48 14.11 -10.32
CA GLN A 88 17.51 13.32 -9.09
C GLN A 88 16.14 13.33 -8.40
N GLN A 89 15.43 14.43 -8.61
CA GLN A 89 14.11 14.58 -8.02
C GLN A 89 13.10 13.66 -8.72
N ARG A 90 12.87 13.95 -9.99
CA ARG A 90 11.93 13.15 -10.78
C ARG A 90 12.37 11.68 -10.78
N LEU A 91 13.67 11.49 -10.88
CA LEU A 91 14.22 10.15 -10.90
C LEU A 91 13.72 9.37 -9.67
N GLN A 92 13.82 10.03 -8.53
CA GLN A 92 13.38 9.43 -7.28
C GLN A 92 11.89 9.10 -7.33
N LYS A 93 11.11 10.12 -7.70
CA LYS A 93 9.68 9.95 -7.80
C LYS A 93 9.36 8.80 -8.76
N GLU A 94 10.05 8.81 -9.89
CA GLU A 94 9.86 7.78 -10.90
C GLU A 94 9.85 6.40 -10.24
N ARG A 95 10.88 6.15 -9.44
CA ARG A 95 11.01 4.88 -8.76
C ARG A 95 9.86 4.69 -7.76
N LEU A 96 9.61 5.73 -6.99
CA LEU A 96 8.55 5.70 -6.00
C LEU A 96 7.27 5.17 -6.65
N MET A 97 6.88 5.85 -7.72
CA MET A 97 5.67 5.47 -8.45
C MET A 97 5.68 3.97 -8.77
N ASN A 98 6.80 3.52 -9.32
CA ASN A 98 6.95 2.12 -9.67
C ASN A 98 6.85 1.26 -8.40
N ASP A 99 7.78 1.51 -7.49
CA ASP A 99 7.81 0.77 -6.24
C ASP A 99 6.39 0.64 -5.69
N PHE A 100 5.75 1.79 -5.49
CA PHE A 100 4.40 1.82 -4.98
C PHE A 100 3.50 0.85 -5.75
N SER A 101 3.64 0.88 -7.06
CA SER A 101 2.86 0.01 -7.92
C SER A 101 3.10 -1.45 -7.55
N ALA A 102 4.36 -1.85 -7.65
CA ALA A 102 4.73 -3.22 -7.33
C ALA A 102 4.03 -3.66 -6.05
N ALA A 103 3.90 -2.70 -5.13
CA ALA A 103 3.26 -2.98 -3.86
C ALA A 103 1.73 -3.02 -4.06
N LEU A 104 1.26 -2.07 -4.85
CA LEU A 104 -0.17 -1.98 -5.13
C LEU A 104 -0.65 -3.32 -5.72
N ASN A 105 -0.05 -3.67 -6.85
CA ASN A 105 -0.41 -4.92 -7.52
C ASN A 105 -0.55 -6.03 -6.48
N ASN A 106 0.46 -6.11 -5.61
CA ASN A 106 0.46 -7.12 -4.57
C ASN A 106 -0.90 -7.15 -3.88
N PHE A 107 -1.28 -6.00 -3.34
CA PHE A 107 -2.55 -5.89 -2.65
C PHE A 107 -3.70 -6.40 -3.54
N GLN A 108 -3.65 -6.00 -4.80
CA GLN A 108 -4.66 -6.40 -5.76
C GLN A 108 -4.75 -7.93 -5.83
N ALA A 109 -3.68 -8.53 -6.32
CA ALA A 109 -3.61 -9.97 -6.45
C ALA A 109 -4.10 -10.61 -5.15
N VAL A 110 -3.96 -9.87 -4.06
CA VAL A 110 -4.38 -10.34 -2.76
C VAL A 110 -5.88 -10.12 -2.60
N GLN A 111 -6.33 -8.94 -3.04
CA GLN A 111 -7.73 -8.59 -2.95
C GLN A 111 -8.60 -9.65 -3.63
N ARG A 112 -8.08 -10.14 -4.76
CA ARG A 112 -8.80 -11.16 -5.52
C ARG A 112 -8.95 -12.43 -4.68
N ARG A 113 -7.82 -12.95 -4.25
CA ARG A 113 -7.82 -14.16 -3.44
C ARG A 113 -8.81 -14.04 -2.29
N VAL A 114 -8.76 -12.90 -1.63
CA VAL A 114 -9.65 -12.63 -0.51
C VAL A 114 -11.10 -12.71 -0.98
N SER A 115 -11.41 -11.90 -1.98
CA SER A 115 -12.75 -11.87 -2.53
C SER A 115 -13.23 -13.29 -2.83
N GLU A 116 -12.30 -14.09 -3.32
CA GLU A 116 -12.61 -15.48 -3.66
C GLU A 116 -13.12 -16.22 -2.42
N LYS A 117 -12.39 -16.05 -1.33
CA LYS A 117 -12.76 -16.70 -0.08
C LYS A 117 -14.17 -16.25 0.32
N GLU A 118 -14.45 -14.99 0.06
CA GLU A 118 -15.75 -14.44 0.39
C GLU A 118 -16.78 -14.81 -0.69
N LYS A 119 -16.26 -15.22 -1.84
CA LYS A 119 -17.11 -15.60 -2.95
C LYS A 119 -17.73 -16.96 -2.66
N GLU A 120 -16.89 -17.87 -2.17
CA GLU A 120 -17.35 -19.22 -1.86
C GLU A 120 -18.34 -19.18 -0.69
N SER A 121 -18.05 -18.31 0.26
CA SER A 121 -18.90 -18.17 1.43
C SER A 121 -20.34 -17.90 1.00
N ILE A 122 -20.51 -16.80 0.28
CA ILE A 122 -21.83 -16.42 -0.21
C ILE A 122 -22.27 -17.39 -1.30
N ALA A 123 -21.33 -17.70 -2.19
CA ALA A 123 -21.61 -18.61 -3.28
C ALA A 123 -22.84 -18.12 -4.06
N ARG A 124 -23.99 -18.60 -3.63
CA ARG A 124 -25.24 -18.21 -4.27
C ARG A 124 -25.43 -18.98 -5.58
N SER A 125 -26.06 -20.15 -5.45
CA SER A 125 -26.30 -20.99 -6.60
C SER A 125 -27.70 -21.63 -6.49
N GLY A 126 -28.33 -21.78 -7.64
CA GLY A 126 -29.66 -22.38 -7.69
C GLY A 126 -30.67 -21.51 -6.94
N PRO A 127 -31.40 -20.67 -7.71
CA PRO A 127 -32.41 -19.79 -7.13
C PRO A 127 -33.65 -20.58 -6.74
N SER A 128 -34.37 -20.03 -5.75
CA SER A 128 -35.59 -20.67 -5.27
C SER A 128 -36.50 -19.62 -4.62
N SER A 129 -37.59 -19.33 -5.31
CA SER A 129 -38.54 -18.36 -4.81
C SER A 129 -39.97 -18.85 -5.06
N GLY A 130 -40.89 -18.30 -4.29
CA GLY A 130 -42.30 -18.68 -4.42
C GLY A 130 -42.71 -19.64 -3.31
N GLY A 1 24.58 14.08 -4.36
CA GLY A 1 24.94 14.07 -2.95
C GLY A 1 24.02 14.98 -2.14
N SER A 2 24.37 16.26 -2.12
CA SER A 2 23.58 17.23 -1.39
C SER A 2 23.61 16.93 0.10
N SER A 3 23.27 17.94 0.89
CA SER A 3 23.26 17.78 2.34
C SER A 3 21.81 17.68 2.84
N GLY A 4 21.04 18.71 2.53
CA GLY A 4 19.65 18.75 2.94
C GLY A 4 19.14 20.19 3.00
N SER A 5 17.81 20.31 3.03
CA SER A 5 17.19 21.62 3.09
C SER A 5 16.53 21.83 4.45
N SER A 6 16.53 23.08 4.89
CA SER A 6 15.94 23.42 6.17
C SER A 6 14.79 24.42 5.97
N GLY A 7 13.58 23.93 6.20
CA GLY A 7 12.40 24.77 6.05
C GLY A 7 11.45 24.18 5.00
N GLN A 8 10.52 25.02 4.57
CA GLN A 8 9.55 24.61 3.57
C GLN A 8 8.75 23.40 4.08
N LEU A 9 7.49 23.65 4.39
CA LEU A 9 6.61 22.61 4.89
C LEU A 9 6.47 21.52 3.82
N ARG A 10 6.30 20.29 4.30
CA ARG A 10 6.15 19.16 3.39
C ARG A 10 7.16 19.26 2.24
N ASP A 11 8.41 18.93 2.56
CA ASP A 11 9.47 18.97 1.57
C ASP A 11 9.56 17.62 0.88
N PHE A 12 9.97 17.66 -0.38
CA PHE A 12 10.11 16.44 -1.16
C PHE A 12 10.58 15.28 -0.30
N SER A 13 11.77 15.45 0.26
CA SER A 13 12.35 14.42 1.11
C SER A 13 11.33 13.99 2.18
N SER A 14 10.71 14.99 2.79
CA SER A 14 9.72 14.73 3.82
C SER A 14 8.59 13.87 3.26
N ILE A 15 8.27 14.12 2.00
CA ILE A 15 7.21 13.39 1.33
C ILE A 15 7.75 12.04 0.87
N ILE A 16 9.02 12.03 0.49
CA ILE A 16 9.66 10.81 0.03
C ILE A 16 9.50 9.72 1.10
N GLN A 17 10.11 9.97 2.24
CA GLN A 17 10.04 9.03 3.35
C GLN A 17 8.61 8.53 3.54
N THR A 18 7.70 9.48 3.70
CA THR A 18 6.30 9.15 3.88
C THR A 18 5.80 8.26 2.74
N CYS A 19 6.28 8.57 1.55
CA CYS A 19 5.89 7.82 0.37
C CYS A 19 6.44 6.39 0.51
N SER A 20 7.74 6.32 0.76
CA SER A 20 8.40 5.04 0.93
C SER A 20 7.71 4.23 2.03
N GLY A 21 7.73 4.79 3.23
CA GLY A 21 7.11 4.14 4.37
C GLY A 21 5.72 3.59 4.01
N ASN A 22 4.88 4.49 3.51
CA ASN A 22 3.54 4.11 3.12
C ASN A 22 3.59 2.87 2.23
N ILE A 23 4.36 2.99 1.15
CA ILE A 23 4.51 1.88 0.21
C ILE A 23 4.71 0.59 0.99
N GLN A 24 5.73 0.58 1.83
CA GLN A 24 6.04 -0.59 2.63
C GLN A 24 4.76 -1.15 3.26
N ARG A 25 4.13 -0.33 4.08
CA ARG A 25 2.90 -0.73 4.76
C ARG A 25 1.98 -1.45 3.77
N ILE A 26 1.63 -0.74 2.71
CA ILE A 26 0.75 -1.30 1.70
C ILE A 26 1.19 -2.73 1.38
N SER A 27 2.48 -2.89 1.14
CA SER A 27 3.04 -4.19 0.83
C SER A 27 3.00 -5.08 2.06
N GLN A 28 3.14 -4.45 3.22
CA GLN A 28 3.13 -5.16 4.48
C GLN A 28 1.74 -5.77 4.74
N ALA A 29 0.76 -4.88 4.91
CA ALA A 29 -0.59 -5.31 5.16
C ALA A 29 -0.99 -6.38 4.14
N THR A 30 -0.57 -6.16 2.90
CA THR A 30 -0.87 -7.08 1.83
C THR A 30 -0.25 -8.46 2.12
N ALA A 31 0.85 -8.43 2.86
CA ALA A 31 1.54 -9.66 3.22
C ALA A 31 0.81 -10.32 4.39
N GLN A 32 0.34 -9.49 5.31
CA GLN A 32 -0.38 -9.99 6.48
C GLN A 32 -1.64 -10.73 6.04
N ILE A 33 -2.26 -10.22 4.98
CA ILE A 33 -3.47 -10.82 4.46
C ILE A 33 -3.15 -12.20 3.90
N LYS A 34 -2.07 -12.26 3.13
CA LYS A 34 -1.63 -13.51 2.53
C LYS A 34 -1.17 -14.46 3.62
N ASN A 35 -0.55 -13.89 4.63
CA ASN A 35 -0.04 -14.68 5.75
C ASN A 35 -1.22 -15.14 6.61
N LEU A 36 -2.13 -14.21 6.85
CA LEU A 36 -3.31 -14.50 7.65
C LEU A 36 -4.29 -15.35 6.83
N MET A 37 -4.04 -15.38 5.53
CA MET A 37 -4.89 -16.14 4.63
C MET A 37 -4.84 -17.63 4.96
N SER A 38 -3.66 -18.21 4.80
CA SER A 38 -3.46 -19.62 5.08
C SER A 38 -4.02 -19.96 6.46
N GLN A 39 -3.64 -19.16 7.44
CA GLN A 39 -4.10 -19.36 8.81
C GLN A 39 -5.58 -19.76 8.81
N LEU A 40 -6.38 -18.96 8.13
CA LEU A 40 -7.81 -19.21 8.05
C LEU A 40 -8.04 -20.60 7.43
N GLY A 41 -7.42 -20.81 6.29
CA GLY A 41 -7.54 -22.08 5.59
C GLY A 41 -6.92 -23.21 6.40
N THR A 42 -7.66 -23.65 7.41
CA THR A 42 -7.18 -24.73 8.26
C THR A 42 -8.36 -25.53 8.81
N LYS A 43 -8.04 -26.50 9.66
CA LYS A 43 -9.06 -27.35 10.25
C LYS A 43 -9.58 -26.69 11.54
N GLN A 44 -10.01 -25.44 11.41
CA GLN A 44 -10.52 -24.71 12.55
C GLN A 44 -11.03 -23.33 12.11
N ASP A 45 -11.72 -22.67 13.02
CA ASP A 45 -12.27 -21.36 12.74
C ASP A 45 -11.27 -20.29 13.17
N SER A 46 -11.58 -19.05 12.80
CA SER A 46 -10.71 -17.94 13.14
C SER A 46 -11.40 -16.61 12.79
N SER A 47 -11.94 -15.97 13.81
CA SER A 47 -12.62 -14.70 13.63
C SER A 47 -11.61 -13.55 13.69
N LYS A 48 -10.73 -13.63 14.67
CA LYS A 48 -9.72 -12.60 14.84
C LYS A 48 -9.09 -12.27 13.49
N LEU A 49 -8.39 -13.24 12.93
CA LEU A 49 -7.75 -13.07 11.65
C LEU A 49 -8.69 -12.30 10.71
N GLN A 50 -9.84 -12.92 10.44
CA GLN A 50 -10.82 -12.31 9.57
C GLN A 50 -10.88 -10.81 9.79
N GLU A 51 -11.20 -10.43 11.02
CA GLU A 51 -11.28 -9.03 11.37
C GLU A 51 -9.99 -8.30 11.00
N ASN A 52 -8.87 -8.99 11.26
CA ASN A 52 -7.58 -8.42 10.96
C ASN A 52 -7.45 -8.18 9.46
N LEU A 53 -7.85 -9.19 8.70
CA LEU A 53 -7.79 -9.10 7.24
C LEU A 53 -8.40 -7.76 6.80
N GLN A 54 -9.67 -7.59 7.14
CA GLN A 54 -10.37 -6.37 6.78
C GLN A 54 -9.58 -5.14 7.23
N GLN A 55 -9.51 -4.95 8.54
CA GLN A 55 -8.79 -3.82 9.10
C GLN A 55 -7.51 -3.58 8.31
N LEU A 56 -6.75 -4.64 8.12
CA LEU A 56 -5.50 -4.55 7.38
C LEU A 56 -5.77 -3.95 6.01
N GLN A 57 -6.74 -4.53 5.31
CA GLN A 57 -7.10 -4.05 3.98
C GLN A 57 -7.37 -2.54 4.01
N HIS A 58 -8.44 -2.17 4.69
CA HIS A 58 -8.82 -0.78 4.81
C HIS A 58 -7.57 0.07 5.05
N SER A 59 -6.86 -0.26 6.13
CA SER A 59 -5.65 0.46 6.48
C SER A 59 -4.87 0.80 5.22
N THR A 60 -4.51 -0.24 4.48
CA THR A 60 -3.75 -0.07 3.24
C THR A 60 -4.52 0.84 2.27
N ASN A 61 -5.80 0.56 2.14
CA ASN A 61 -6.66 1.34 1.25
C ASN A 61 -6.35 2.82 1.43
N GLN A 62 -6.59 3.30 2.65
CA GLN A 62 -6.35 4.70 2.96
C GLN A 62 -4.92 5.08 2.58
N LEU A 63 -3.97 4.38 3.16
CA LEU A 63 -2.57 4.64 2.90
C LEU A 63 -2.38 4.96 1.41
N ALA A 64 -2.88 4.04 0.58
CA ALA A 64 -2.78 4.21 -0.86
C ALA A 64 -3.32 5.59 -1.24
N LYS A 65 -4.57 5.82 -0.87
CA LYS A 65 -5.22 7.09 -1.17
C LYS A 65 -4.25 8.24 -0.88
N GLU A 66 -3.60 8.14 0.27
CA GLU A 66 -2.65 9.16 0.68
C GLU A 66 -1.43 9.15 -0.26
N THR A 67 -0.88 7.96 -0.44
CA THR A 67 0.28 7.80 -1.31
C THR A 67 0.04 8.49 -2.65
N ASN A 68 -1.07 8.15 -3.28
CA ASN A 68 -1.41 8.73 -4.56
C ASN A 68 -1.46 10.24 -4.43
N GLU A 69 -1.89 10.70 -3.26
CA GLU A 69 -1.99 12.12 -2.99
C GLU A 69 -0.60 12.73 -2.80
N LEU A 70 0.33 11.88 -2.39
CA LEU A 70 1.69 12.31 -2.16
C LEU A 70 2.48 12.20 -3.48
N LEU A 71 2.15 11.18 -4.24
CA LEU A 71 2.81 10.95 -5.51
C LEU A 71 2.51 12.12 -6.45
N LYS A 72 1.42 12.81 -6.16
CA LYS A 72 1.01 13.96 -6.95
C LYS A 72 1.68 15.22 -6.42
N GLU A 73 1.68 15.33 -5.10
CA GLU A 73 2.28 16.48 -4.44
C GLU A 73 3.80 16.47 -4.63
N LEU A 74 4.34 15.27 -4.76
CA LEU A 74 5.77 15.10 -4.94
C LEU A 74 6.22 15.93 -6.14
N GLY A 75 5.79 15.48 -7.32
CA GLY A 75 6.15 16.17 -8.55
C GLY A 75 5.65 17.61 -8.53
N SER A 76 4.62 17.84 -7.74
CA SER A 76 4.04 19.17 -7.62
C SER A 76 5.10 20.16 -7.13
N LEU A 77 5.95 19.66 -6.23
CA LEU A 77 7.00 20.49 -5.66
C LEU A 77 7.77 21.18 -6.80
N PRO A 78 8.42 22.32 -6.44
CA PRO A 78 9.18 23.08 -7.41
C PRO A 78 10.50 22.38 -7.74
N LEU A 79 11.15 22.88 -8.78
CA LEU A 79 12.43 22.31 -9.21
C LEU A 79 13.55 23.29 -8.89
N PRO A 80 14.72 22.73 -8.50
CA PRO A 80 15.88 23.54 -8.17
C PRO A 80 16.53 24.11 -9.43
N LEU A 81 17.38 25.10 -9.22
CA LEU A 81 18.08 25.73 -10.33
C LEU A 81 19.06 24.74 -10.95
N SER A 82 19.59 23.87 -10.10
CA SER A 82 20.55 22.86 -10.54
C SER A 82 19.80 21.65 -11.09
N THR A 83 20.12 21.31 -12.33
CA THR A 83 19.48 20.16 -12.97
C THR A 83 19.87 18.87 -12.26
N SER A 84 21.13 18.79 -11.88
CA SER A 84 21.65 17.61 -11.19
C SER A 84 20.66 17.18 -10.11
N GLU A 85 20.00 18.17 -9.53
CA GLU A 85 19.03 17.90 -8.47
C GLU A 85 17.67 17.55 -9.09
N GLN A 86 17.29 18.30 -10.09
CA GLN A 86 16.03 18.08 -10.77
C GLN A 86 15.82 16.58 -11.02
N ARG A 87 16.84 15.97 -11.59
CA ARG A 87 16.78 14.54 -11.88
C ARG A 87 16.76 13.74 -10.60
N GLN A 88 17.82 13.90 -9.82
CA GLN A 88 17.94 13.18 -8.55
C GLN A 88 16.59 13.17 -7.83
N GLN A 89 15.80 14.19 -8.09
CA GLN A 89 14.49 14.30 -7.47
C GLN A 89 13.51 13.32 -8.12
N ARG A 90 13.16 13.62 -9.36
CA ARG A 90 12.23 12.77 -10.10
C ARG A 90 12.71 11.31 -10.07
N LEU A 91 14.02 11.15 -10.08
CA LEU A 91 14.61 9.83 -10.06
C LEU A 91 14.07 9.06 -8.85
N GLN A 92 13.95 9.77 -7.74
CA GLN A 92 13.45 9.16 -6.52
C GLN A 92 11.95 8.86 -6.65
N LYS A 93 11.17 9.93 -6.71
CA LYS A 93 9.74 9.80 -6.84
C LYS A 93 9.41 8.77 -7.93
N GLU A 94 10.18 8.83 -9.00
CA GLU A 94 9.99 7.92 -10.11
C GLU A 94 9.91 6.47 -9.60
N ARG A 95 10.96 6.07 -8.91
CA ARG A 95 11.02 4.72 -8.35
C ARG A 95 9.83 4.47 -7.43
N LEU A 96 9.53 5.47 -6.62
CA LEU A 96 8.42 5.39 -5.68
C LEU A 96 7.15 5.03 -6.45
N MET A 97 6.94 5.73 -7.56
CA MET A 97 5.77 5.50 -8.39
C MET A 97 5.69 4.04 -8.84
N ASN A 98 6.82 3.55 -9.33
CA ASN A 98 6.90 2.19 -9.80
C ASN A 98 6.79 1.22 -8.61
N ASP A 99 7.57 1.54 -7.58
CA ASP A 99 7.58 0.71 -6.38
C ASP A 99 6.16 0.66 -5.80
N PHE A 100 5.60 1.83 -5.56
CA PHE A 100 4.26 1.93 -5.01
C PHE A 100 3.28 1.06 -5.80
N SER A 101 3.54 0.96 -7.09
CA SER A 101 2.69 0.17 -7.96
C SER A 101 2.84 -1.31 -7.64
N ALA A 102 4.09 -1.78 -7.72
CA ALA A 102 4.38 -3.17 -7.43
C ALA A 102 3.69 -3.58 -6.12
N ALA A 103 3.77 -2.69 -5.15
CA ALA A 103 3.15 -2.94 -3.85
C ALA A 103 1.64 -2.87 -4.00
N LEU A 104 1.19 -1.96 -4.84
CA LEU A 104 -0.23 -1.78 -5.08
C LEU A 104 -0.80 -3.06 -5.69
N ASN A 105 -0.29 -3.39 -6.87
CA ASN A 105 -0.74 -4.57 -7.57
C ASN A 105 -0.92 -5.72 -6.58
N ASN A 106 0.08 -5.89 -5.73
CA ASN A 106 0.05 -6.94 -4.73
C ASN A 106 -1.29 -6.90 -4.01
N PHE A 107 -1.55 -5.77 -3.35
CA PHE A 107 -2.80 -5.60 -2.63
C PHE A 107 -4.00 -5.99 -3.49
N GLN A 108 -4.00 -5.49 -4.71
CA GLN A 108 -5.08 -5.78 -5.64
C GLN A 108 -5.24 -7.30 -5.81
N ALA A 109 -4.19 -7.92 -6.29
CA ALA A 109 -4.21 -9.36 -6.51
C ALA A 109 -4.64 -10.05 -5.21
N VAL A 110 -4.49 -9.34 -4.11
CA VAL A 110 -4.85 -9.87 -2.81
C VAL A 110 -6.32 -9.53 -2.52
N GLN A 111 -6.75 -8.40 -3.06
CA GLN A 111 -8.12 -7.95 -2.87
C GLN A 111 -9.08 -8.84 -3.67
N ARG A 112 -8.60 -9.28 -4.82
CA ARG A 112 -9.41 -10.14 -5.68
C ARG A 112 -9.40 -11.58 -5.16
N ARG A 113 -8.29 -11.94 -4.52
CA ARG A 113 -8.15 -13.28 -3.97
C ARG A 113 -8.89 -13.38 -2.64
N VAL A 114 -8.94 -12.27 -1.93
CA VAL A 114 -9.62 -12.23 -0.64
C VAL A 114 -11.12 -12.41 -0.86
N SER A 115 -11.66 -11.58 -1.74
CA SER A 115 -13.08 -11.64 -2.05
C SER A 115 -13.49 -13.07 -2.40
N GLU A 116 -12.73 -13.65 -3.31
CA GLU A 116 -12.99 -15.02 -3.75
C GLU A 116 -13.13 -15.95 -2.54
N LYS A 117 -12.26 -15.71 -1.56
CA LYS A 117 -12.28 -16.51 -0.35
C LYS A 117 -13.62 -16.34 0.36
N GLU A 118 -13.93 -15.10 0.70
CA GLU A 118 -15.18 -14.80 1.37
C GLU A 118 -16.37 -15.20 0.50
N LYS A 119 -16.08 -15.44 -0.77
CA LYS A 119 -17.10 -15.84 -1.71
C LYS A 119 -17.49 -17.30 -1.46
N GLU A 120 -16.56 -18.19 -1.75
CA GLU A 120 -16.79 -19.60 -1.56
C GLU A 120 -17.52 -19.85 -0.23
N SER A 121 -17.08 -19.15 0.79
CA SER A 121 -17.68 -19.27 2.11
C SER A 121 -19.20 -19.20 2.00
N ILE A 122 -19.67 -18.03 1.60
CA ILE A 122 -21.11 -17.81 1.43
C ILE A 122 -21.63 -18.71 0.31
N ALA A 123 -20.94 -18.66 -0.81
CA ALA A 123 -21.32 -19.46 -1.97
C ALA A 123 -21.35 -20.93 -1.57
N ARG A 124 -21.51 -21.78 -2.58
CA ARG A 124 -21.56 -23.21 -2.35
C ARG A 124 -20.21 -23.70 -1.80
N SER A 125 -20.29 -24.75 -1.00
CA SER A 125 -19.10 -25.33 -0.40
C SER A 125 -18.27 -24.23 0.25
N GLY A 126 -18.54 -24.01 1.53
CA GLY A 126 -17.82 -22.99 2.29
C GLY A 126 -17.90 -23.27 3.79
N PRO A 127 -16.70 -23.42 4.41
CA PRO A 127 -16.63 -23.69 5.84
C PRO A 127 -16.92 -22.43 6.65
N SER A 128 -17.90 -22.54 7.53
CA SER A 128 -18.29 -21.43 8.37
C SER A 128 -19.41 -21.84 9.32
N SER A 129 -19.65 -21.01 10.33
CA SER A 129 -20.68 -21.28 11.30
C SER A 129 -21.77 -20.20 11.23
N GLY A 130 -22.98 -20.62 11.51
CA GLY A 130 -24.11 -19.71 11.47
C GLY A 130 -24.00 -18.73 10.30
N GLY A 1 17.05 14.65 -3.23
CA GLY A 1 18.38 14.54 -2.65
C GLY A 1 18.29 14.31 -1.14
N SER A 2 17.87 13.11 -0.77
CA SER A 2 17.74 12.76 0.63
C SER A 2 18.91 13.34 1.42
N SER A 3 18.57 13.94 2.56
CA SER A 3 19.58 14.54 3.42
C SER A 3 18.93 15.07 4.70
N GLY A 4 18.97 14.23 5.72
CA GLY A 4 18.39 14.60 7.01
C GLY A 4 16.98 15.18 6.83
N SER A 5 16.89 16.48 7.02
CA SER A 5 15.61 17.17 6.88
C SER A 5 14.62 16.64 7.90
N SER A 6 14.69 17.19 9.10
CA SER A 6 13.80 16.79 10.17
C SER A 6 13.02 17.99 10.71
N GLY A 7 11.86 18.23 10.12
CA GLY A 7 11.02 19.33 10.52
C GLY A 7 9.54 18.94 10.50
N GLN A 8 8.73 19.84 9.99
CA GLN A 8 7.29 19.60 9.91
C GLN A 8 6.68 20.38 8.74
N LEU A 9 7.09 19.99 7.54
CA LEU A 9 6.60 20.63 6.34
C LEU A 9 6.51 19.61 5.21
N ARG A 10 5.79 19.98 4.16
CA ARG A 10 5.62 19.11 3.02
C ARG A 10 6.83 19.22 2.08
N ASP A 11 8.00 18.89 2.64
CA ASP A 11 9.23 18.95 1.87
C ASP A 11 9.36 17.66 1.06
N PHE A 12 9.99 17.80 -0.11
CA PHE A 12 10.20 16.67 -1.00
C PHE A 12 10.66 15.44 -0.20
N SER A 13 11.66 15.65 0.64
CA SER A 13 12.21 14.57 1.45
C SER A 13 11.16 14.12 2.47
N SER A 14 10.31 15.06 2.85
CA SER A 14 9.26 14.76 3.82
C SER A 14 8.12 13.99 3.15
N ILE A 15 7.86 14.36 1.91
CA ILE A 15 6.80 13.72 1.15
C ILE A 15 7.27 12.34 0.69
N ILE A 16 8.54 12.28 0.30
CA ILE A 16 9.12 11.03 -0.17
C ILE A 16 9.16 10.04 1.00
N GLN A 17 9.90 10.41 2.03
CA GLN A 17 10.04 9.56 3.20
C GLN A 17 8.67 8.97 3.58
N THR A 18 7.67 9.83 3.58
CA THR A 18 6.32 9.40 3.91
C THR A 18 5.82 8.37 2.91
N CYS A 19 6.20 8.56 1.66
CA CYS A 19 5.79 7.65 0.60
C CYS A 19 6.52 6.32 0.82
N SER A 20 7.83 6.39 0.80
CA SER A 20 8.65 5.20 0.99
C SER A 20 8.13 4.39 2.17
N GLY A 21 7.66 5.11 3.18
CA GLY A 21 7.13 4.46 4.37
C GLY A 21 5.78 3.80 4.08
N ASN A 22 4.86 4.59 3.55
CA ASN A 22 3.54 4.08 3.22
C ASN A 22 3.68 2.82 2.37
N ILE A 23 4.39 2.97 1.26
CA ILE A 23 4.61 1.85 0.36
C ILE A 23 4.86 0.58 1.18
N GLN A 24 5.92 0.63 1.98
CA GLN A 24 6.27 -0.52 2.82
C GLN A 24 5.01 -1.12 3.45
N ARG A 25 4.34 -0.30 4.25
CA ARG A 25 3.14 -0.74 4.93
C ARG A 25 2.21 -1.46 3.94
N ILE A 26 1.89 -0.76 2.86
CA ILE A 26 1.02 -1.31 1.84
C ILE A 26 1.42 -2.76 1.56
N SER A 27 2.71 -2.94 1.32
CA SER A 27 3.24 -4.27 1.03
C SER A 27 3.16 -5.14 2.28
N GLN A 28 3.36 -4.50 3.43
CA GLN A 28 3.31 -5.20 4.70
C GLN A 28 1.92 -5.80 4.92
N ALA A 29 0.94 -4.92 5.05
CA ALA A 29 -0.43 -5.36 5.26
C ALA A 29 -0.78 -6.44 4.25
N THR A 30 -0.32 -6.24 3.02
CA THR A 30 -0.58 -7.20 1.96
C THR A 30 0.03 -8.56 2.30
N ALA A 31 1.09 -8.51 3.08
CA ALA A 31 1.77 -9.73 3.49
C ALA A 31 1.00 -10.38 4.63
N GLN A 32 0.48 -9.54 5.52
CA GLN A 32 -0.28 -10.02 6.65
C GLN A 32 -1.50 -10.80 6.18
N ILE A 33 -2.11 -10.30 5.11
CA ILE A 33 -3.28 -10.94 4.55
C ILE A 33 -2.90 -12.33 4.02
N LYS A 34 -1.80 -12.37 3.28
CA LYS A 34 -1.33 -13.62 2.71
C LYS A 34 -0.85 -14.53 3.84
N ASN A 35 -0.29 -13.92 4.86
CA ASN A 35 0.20 -14.66 6.01
C ASN A 35 -0.99 -15.15 6.84
N LEU A 36 -1.99 -14.30 6.96
CA LEU A 36 -3.18 -14.65 7.72
C LEU A 36 -4.07 -15.55 6.87
N MET A 37 -3.89 -15.46 5.56
CA MET A 37 -4.68 -16.27 4.65
C MET A 37 -4.55 -17.75 4.99
N SER A 38 -3.32 -18.20 5.14
CA SER A 38 -3.05 -19.59 5.47
C SER A 38 -4.03 -20.07 6.55
N GLN A 39 -4.03 -19.34 7.65
CA GLN A 39 -4.91 -19.67 8.77
C GLN A 39 -6.28 -20.11 8.25
N LEU A 40 -7.01 -19.13 7.73
CA LEU A 40 -8.34 -19.40 7.20
C LEU A 40 -8.32 -20.72 6.43
N GLY A 41 -7.16 -21.01 5.86
CA GLY A 41 -7.00 -22.24 5.09
C GLY A 41 -7.04 -23.47 5.99
N THR A 42 -8.15 -23.61 6.70
CA THR A 42 -8.33 -24.73 7.61
C THR A 42 -9.82 -25.03 7.82
N LYS A 43 -10.56 -23.96 8.08
CA LYS A 43 -11.99 -24.09 8.30
C LYS A 43 -12.24 -24.71 9.67
N GLN A 44 -11.83 -23.97 10.70
CA GLN A 44 -12.01 -24.43 12.06
C GLN A 44 -11.84 -23.27 13.04
N ASP A 45 -12.84 -22.40 13.05
CA ASP A 45 -12.82 -21.24 13.93
C ASP A 45 -11.63 -20.34 13.56
N SER A 46 -11.90 -19.05 13.48
CA SER A 46 -10.88 -18.08 13.13
C SER A 46 -11.53 -16.76 12.74
N SER A 47 -12.11 -16.10 13.73
CA SER A 47 -12.77 -14.82 13.51
C SER A 47 -11.75 -13.69 13.68
N LYS A 48 -11.14 -13.65 14.85
CA LYS A 48 -10.15 -12.63 15.14
C LYS A 48 -9.23 -12.44 13.94
N LEU A 49 -9.06 -13.53 13.20
CA LEU A 49 -8.21 -13.49 12.02
C LEU A 49 -8.89 -12.67 10.93
N GLN A 50 -9.98 -13.21 10.41
CA GLN A 50 -10.73 -12.54 9.36
C GLN A 50 -10.79 -11.04 9.64
N GLU A 51 -11.36 -10.71 10.79
CA GLU A 51 -11.49 -9.31 11.19
C GLU A 51 -10.18 -8.57 10.92
N ASN A 52 -9.08 -9.26 11.14
CA ASN A 52 -7.77 -8.67 10.93
C ASN A 52 -7.56 -8.43 9.43
N LEU A 53 -7.96 -9.43 8.65
CA LEU A 53 -7.81 -9.34 7.20
C LEU A 53 -8.44 -8.04 6.71
N GLN A 54 -9.74 -7.90 6.96
CA GLN A 54 -10.46 -6.71 6.55
C GLN A 54 -9.69 -5.46 6.96
N GLN A 55 -9.53 -5.29 8.27
CA GLN A 55 -8.82 -4.15 8.80
C GLN A 55 -7.55 -3.89 7.99
N LEU A 56 -6.77 -4.94 7.81
CA LEU A 56 -5.53 -4.83 7.06
C LEU A 56 -5.82 -4.19 5.70
N GLN A 57 -6.73 -4.81 4.97
CA GLN A 57 -7.10 -4.31 3.65
C GLN A 57 -7.32 -2.80 3.71
N HIS A 58 -8.33 -2.40 4.47
CA HIS A 58 -8.65 -0.99 4.61
C HIS A 58 -7.39 -0.21 4.99
N SER A 59 -6.73 -0.70 6.04
CA SER A 59 -5.51 -0.06 6.52
C SER A 59 -4.66 0.40 5.34
N THR A 60 -4.51 -0.51 4.37
CA THR A 60 -3.72 -0.21 3.18
C THR A 60 -4.48 0.74 2.26
N ASN A 61 -5.79 0.52 2.18
CA ASN A 61 -6.64 1.35 1.35
C ASN A 61 -6.37 2.82 1.64
N GLN A 62 -6.47 3.16 2.91
CA GLN A 62 -6.24 4.53 3.34
C GLN A 62 -4.84 4.98 2.95
N LEU A 63 -3.85 4.28 3.48
CA LEU A 63 -2.46 4.59 3.18
C LEU A 63 -2.33 4.98 1.71
N ALA A 64 -2.66 4.03 0.84
CA ALA A 64 -2.59 4.25 -0.58
C ALA A 64 -3.13 5.66 -0.91
N LYS A 65 -4.37 5.89 -0.49
CA LYS A 65 -5.01 7.17 -0.72
C LYS A 65 -4.00 8.29 -0.46
N GLU A 66 -3.35 8.21 0.69
CA GLU A 66 -2.36 9.20 1.07
C GLU A 66 -1.21 9.22 0.05
N THR A 67 -0.73 8.02 -0.26
CA THR A 67 0.37 7.89 -1.22
C THR A 67 0.10 8.74 -2.46
N ASN A 68 -1.03 8.46 -3.09
CA ASN A 68 -1.41 9.19 -4.29
C ASN A 68 -1.28 10.69 -4.04
N GLU A 69 -1.90 11.13 -2.94
CA GLU A 69 -1.86 12.54 -2.59
C GLU A 69 -0.41 13.01 -2.48
N LEU A 70 0.41 12.20 -1.83
CA LEU A 70 1.80 12.53 -1.66
C LEU A 70 2.48 12.66 -3.02
N LEU A 71 2.25 11.64 -3.84
CA LEU A 71 2.82 11.61 -5.18
C LEU A 71 2.45 12.91 -5.91
N LYS A 72 1.26 13.40 -5.61
CA LYS A 72 0.79 14.63 -6.23
C LYS A 72 1.68 15.80 -5.79
N GLU A 73 1.95 15.82 -4.50
CA GLU A 73 2.79 16.88 -3.93
C GLU A 73 4.18 16.85 -4.57
N LEU A 74 4.78 15.67 -4.56
CA LEU A 74 6.10 15.49 -5.13
C LEU A 74 6.19 16.27 -6.45
N GLY A 75 5.36 15.86 -7.40
CA GLY A 75 5.34 16.52 -8.69
C GLY A 75 4.96 18.00 -8.57
N SER A 76 4.24 18.29 -7.49
CA SER A 76 3.80 19.65 -7.24
C SER A 76 5.00 20.52 -6.87
N LEU A 77 5.88 19.95 -6.07
CA LEU A 77 7.07 20.66 -5.64
C LEU A 77 7.78 21.26 -6.85
N PRO A 78 8.54 22.36 -6.60
CA PRO A 78 9.27 23.03 -7.66
C PRO A 78 10.50 22.23 -8.06
N LEU A 79 11.40 22.91 -8.76
CA LEU A 79 12.63 22.28 -9.22
C LEU A 79 13.82 23.17 -8.87
N PRO A 80 14.98 22.51 -8.62
CA PRO A 80 16.19 23.23 -8.28
C PRO A 80 16.80 23.90 -9.51
N LEU A 81 17.66 24.87 -9.25
CA LEU A 81 18.32 25.60 -10.32
C LEU A 81 19.25 24.65 -11.08
N SER A 82 19.77 23.68 -10.35
CA SER A 82 20.68 22.70 -10.93
C SER A 82 19.89 21.54 -11.51
N THR A 83 20.46 20.93 -12.54
CA THR A 83 19.82 19.80 -13.20
C THR A 83 20.13 18.50 -12.46
N SER A 84 21.38 18.38 -12.03
CA SER A 84 21.82 17.19 -11.31
C SER A 84 20.79 16.81 -10.26
N GLU A 85 20.16 17.84 -9.69
CA GLU A 85 19.15 17.62 -8.67
C GLU A 85 17.79 17.34 -9.31
N GLN A 86 17.52 18.07 -10.39
CA GLN A 86 16.26 17.91 -11.11
C GLN A 86 16.04 16.43 -11.45
N ARG A 87 17.12 15.78 -11.85
CA ARG A 87 17.06 14.37 -12.22
C ARG A 87 16.84 13.51 -10.97
N GLN A 88 17.76 13.65 -10.03
CA GLN A 88 17.67 12.89 -8.79
C GLN A 88 16.28 13.03 -8.17
N GLN A 89 15.65 14.17 -8.47
CA GLN A 89 14.32 14.44 -7.95
C GLN A 89 13.29 13.59 -8.68
N ARG A 90 13.16 13.84 -9.96
CA ARG A 90 12.21 13.10 -10.78
C ARG A 90 12.52 11.60 -10.75
N LEU A 91 13.81 11.31 -10.72
CA LEU A 91 14.25 9.93 -10.67
C LEU A 91 13.62 9.22 -9.47
N GLN A 92 13.79 9.82 -8.31
CA GLN A 92 13.24 9.27 -7.08
C GLN A 92 11.72 9.09 -7.22
N LYS A 93 11.09 10.13 -7.76
CA LYS A 93 9.65 10.10 -7.95
C LYS A 93 9.27 8.89 -8.82
N GLU A 94 9.84 8.88 -10.01
CA GLU A 94 9.58 7.79 -10.94
C GLU A 94 9.55 6.45 -10.21
N ARG A 95 10.60 6.21 -9.45
CA ARG A 95 10.71 4.97 -8.69
C ARG A 95 9.57 4.86 -7.70
N LEU A 96 9.35 5.95 -6.98
CA LEU A 96 8.28 5.99 -5.98
C LEU A 96 6.99 5.44 -6.60
N MET A 97 6.69 5.95 -7.79
CA MET A 97 5.50 5.52 -8.50
C MET A 97 5.51 4.01 -8.76
N ASN A 98 6.54 3.58 -9.46
CA ASN A 98 6.69 2.17 -9.77
C ASN A 98 6.67 1.35 -8.48
N ASP A 99 7.54 1.73 -7.56
CA ASP A 99 7.62 1.05 -6.28
C ASP A 99 6.24 0.96 -5.66
N PHE A 100 5.60 2.12 -5.53
CA PHE A 100 4.27 2.18 -4.96
C PHE A 100 3.31 1.25 -5.70
N SER A 101 3.43 1.24 -7.02
CA SER A 101 2.59 0.40 -7.86
C SER A 101 2.81 -1.07 -7.51
N ALA A 102 4.07 -1.48 -7.59
CA ALA A 102 4.43 -2.86 -7.29
C ALA A 102 3.79 -3.27 -5.97
N ALA A 103 3.73 -2.32 -5.05
CA ALA A 103 3.16 -2.57 -3.75
C ALA A 103 1.63 -2.55 -3.86
N LEU A 104 1.14 -1.73 -4.77
CA LEU A 104 -0.29 -1.63 -4.99
C LEU A 104 -0.81 -2.93 -5.62
N ASN A 105 -0.32 -3.20 -6.82
CA ASN A 105 -0.72 -4.40 -7.53
C ASN A 105 -0.75 -5.58 -6.55
N ASN A 106 0.26 -5.66 -5.72
CA ASN A 106 0.35 -6.72 -4.74
C ASN A 106 -0.95 -6.79 -3.95
N PHE A 107 -1.33 -5.65 -3.39
CA PHE A 107 -2.56 -5.58 -2.61
C PHE A 107 -3.76 -6.06 -3.43
N GLN A 108 -3.81 -5.61 -4.68
CA GLN A 108 -4.88 -5.98 -5.57
C GLN A 108 -4.96 -7.51 -5.70
N ALA A 109 -3.92 -8.07 -6.28
CA ALA A 109 -3.85 -9.51 -6.47
C ALA A 109 -4.25 -10.21 -5.17
N VAL A 110 -4.05 -9.50 -4.07
CA VAL A 110 -4.38 -10.05 -2.76
C VAL A 110 -5.87 -9.83 -2.49
N GLN A 111 -6.35 -8.65 -2.85
CA GLN A 111 -7.74 -8.31 -2.65
C GLN A 111 -8.64 -9.36 -3.31
N ARG A 112 -8.21 -9.82 -4.48
CA ARG A 112 -8.96 -10.81 -5.22
C ARG A 112 -9.01 -12.13 -4.45
N ARG A 113 -7.82 -12.70 -4.24
CA ARG A 113 -7.72 -13.96 -3.51
C ARG A 113 -8.63 -13.94 -2.27
N VAL A 114 -8.53 -12.84 -1.54
CA VAL A 114 -9.34 -12.69 -0.34
C VAL A 114 -10.82 -12.86 -0.69
N SER A 115 -11.23 -12.14 -1.71
CA SER A 115 -12.62 -12.20 -2.17
C SER A 115 -13.04 -13.66 -2.37
N GLU A 116 -12.19 -14.38 -3.09
CA GLU A 116 -12.46 -15.79 -3.37
C GLU A 116 -12.71 -16.54 -2.06
N LYS A 117 -11.88 -16.25 -1.09
CA LYS A 117 -12.01 -16.90 0.21
C LYS A 117 -13.42 -16.66 0.77
N GLU A 118 -13.80 -15.39 0.79
CA GLU A 118 -15.12 -15.02 1.28
C GLU A 118 -16.21 -15.68 0.44
N LYS A 119 -15.85 -15.98 -0.80
CA LYS A 119 -16.79 -16.61 -1.71
C LYS A 119 -16.96 -18.08 -1.32
N GLU A 120 -15.83 -18.77 -1.26
CA GLU A 120 -15.83 -20.18 -0.92
C GLU A 120 -16.71 -20.42 0.32
N SER A 121 -16.53 -19.56 1.31
CA SER A 121 -17.30 -19.67 2.55
C SER A 121 -18.80 -19.68 2.23
N ILE A 122 -19.27 -18.56 1.69
CA ILE A 122 -20.67 -18.44 1.34
C ILE A 122 -21.04 -19.53 0.33
N ALA A 123 -20.45 -19.42 -0.85
CA ALA A 123 -20.71 -20.39 -1.90
C ALA A 123 -20.62 -21.81 -1.32
N ARG A 124 -21.29 -22.73 -1.99
CA ARG A 124 -21.29 -24.12 -1.57
C ARG A 124 -19.88 -24.68 -1.55
N SER A 125 -19.72 -25.81 -0.88
CA SER A 125 -18.42 -26.46 -0.79
C SER A 125 -18.34 -27.61 -1.78
N GLY A 126 -19.24 -28.57 -1.62
CA GLY A 126 -19.27 -29.73 -2.49
C GLY A 126 -19.40 -29.30 -3.96
N PRO A 127 -18.29 -29.48 -4.71
CA PRO A 127 -18.27 -29.12 -6.12
C PRO A 127 -19.05 -30.14 -6.95
N SER A 128 -18.93 -31.40 -6.56
CA SER A 128 -19.60 -32.47 -7.26
C SER A 128 -20.25 -33.44 -6.26
N SER A 129 -21.56 -33.60 -6.39
CA SER A 129 -22.29 -34.48 -5.50
C SER A 129 -22.06 -35.94 -5.89
N GLY A 130 -22.41 -36.25 -7.13
CA GLY A 130 -22.23 -37.60 -7.64
C GLY A 130 -21.19 -37.64 -8.76
N GLY A 1 15.14 12.05 -2.61
CA GLY A 1 16.11 12.86 -3.33
C GLY A 1 16.20 14.26 -2.73
N SER A 2 16.45 15.22 -3.59
CA SER A 2 16.56 16.61 -3.16
C SER A 2 17.74 16.76 -2.20
N SER A 3 18.05 18.02 -1.90
CA SER A 3 19.15 18.31 -1.00
C SER A 3 19.00 19.73 -0.45
N GLY A 4 19.63 19.95 0.70
CA GLY A 4 19.58 21.26 1.35
C GLY A 4 19.00 21.15 2.75
N SER A 5 19.71 21.73 3.71
CA SER A 5 19.27 21.71 5.08
C SER A 5 18.28 22.85 5.34
N SER A 6 17.01 22.48 5.41
CA SER A 6 15.95 23.45 5.65
C SER A 6 14.78 22.79 6.37
N GLY A 7 13.91 23.62 6.92
CA GLY A 7 12.75 23.13 7.62
C GLY A 7 11.55 22.99 6.68
N GLN A 8 10.81 24.07 6.56
CA GLN A 8 9.64 24.09 5.70
C GLN A 8 8.61 23.07 6.19
N LEU A 9 7.57 22.90 5.38
CA LEU A 9 6.50 21.97 5.71
C LEU A 9 6.35 20.94 4.59
N ARG A 10 6.30 19.68 4.98
CA ARG A 10 6.16 18.60 4.02
C ARG A 10 7.16 18.78 2.87
N ASP A 11 8.42 18.55 3.19
CA ASP A 11 9.47 18.69 2.19
C ASP A 11 9.57 17.39 1.39
N PHE A 12 10.14 17.51 0.19
CA PHE A 12 10.30 16.36 -0.67
C PHE A 12 10.82 15.15 0.10
N SER A 13 11.86 15.39 0.89
CA SER A 13 12.45 14.33 1.69
C SER A 13 11.45 13.86 2.75
N SER A 14 10.65 14.80 3.23
CA SER A 14 9.64 14.49 4.23
C SER A 14 8.51 13.68 3.61
N ILE A 15 8.15 14.06 2.39
CA ILE A 15 7.08 13.39 1.67
C ILE A 15 7.58 12.02 1.20
N ILE A 16 8.78 12.03 0.65
CA ILE A 16 9.39 10.80 0.14
C ILE A 16 9.30 9.72 1.22
N GLN A 17 10.02 9.95 2.31
CA GLN A 17 10.02 9.01 3.41
C GLN A 17 8.63 8.42 3.63
N THR A 18 7.66 9.31 3.77
CA THR A 18 6.29 8.90 3.98
C THR A 18 5.83 7.98 2.85
N CYS A 19 6.20 8.37 1.63
CA CYS A 19 5.83 7.61 0.46
C CYS A 19 6.45 6.21 0.59
N SER A 20 7.76 6.19 0.72
CA SER A 20 8.49 4.93 0.85
C SER A 20 7.84 4.07 1.95
N GLY A 21 7.72 4.66 3.13
CA GLY A 21 7.12 3.96 4.25
C GLY A 21 5.76 3.38 3.88
N ASN A 22 4.90 4.26 3.40
CA ASN A 22 3.55 3.85 3.00
C ASN A 22 3.64 2.60 2.14
N ILE A 23 4.48 2.69 1.10
CA ILE A 23 4.66 1.57 0.20
C ILE A 23 4.88 0.29 1.00
N GLN A 24 5.88 0.35 1.88
CA GLN A 24 6.20 -0.80 2.71
C GLN A 24 4.94 -1.36 3.35
N ARG A 25 4.28 -0.53 4.14
CA ARG A 25 3.06 -0.93 4.81
C ARG A 25 2.12 -1.61 3.83
N ILE A 26 1.81 -0.90 2.76
CA ILE A 26 0.92 -1.41 1.73
C ILE A 26 1.29 -2.88 1.44
N SER A 27 2.58 -3.09 1.21
CA SER A 27 3.07 -4.42 0.91
C SER A 27 2.97 -5.30 2.16
N GLN A 28 3.15 -4.68 3.32
CA GLN A 28 3.09 -5.39 4.58
C GLN A 28 1.70 -5.99 4.78
N ALA A 29 0.72 -5.10 4.90
CA ALA A 29 -0.66 -5.53 5.09
C ALA A 29 -1.00 -6.61 4.06
N THR A 30 -0.51 -6.40 2.84
CA THR A 30 -0.76 -7.34 1.77
C THR A 30 -0.16 -8.71 2.10
N ALA A 31 0.90 -8.68 2.90
CA ALA A 31 1.57 -9.89 3.31
C ALA A 31 0.79 -10.55 4.45
N GLN A 32 0.26 -9.71 5.33
CA GLN A 32 -0.50 -10.19 6.46
C GLN A 32 -1.75 -10.92 5.98
N ILE A 33 -2.33 -10.42 4.90
CA ILE A 33 -3.52 -11.03 4.33
C ILE A 33 -3.17 -12.40 3.77
N LYS A 34 -2.06 -12.45 3.06
CA LYS A 34 -1.60 -13.69 2.46
C LYS A 34 -1.17 -14.66 3.56
N ASN A 35 -0.66 -14.08 4.64
CA ASN A 35 -0.20 -14.87 5.77
C ASN A 35 -1.41 -15.31 6.60
N LEU A 36 -2.35 -14.40 6.76
CA LEU A 36 -3.55 -14.67 7.53
C LEU A 36 -4.50 -15.52 6.68
N MET A 37 -4.22 -15.56 5.38
CA MET A 37 -5.03 -16.31 4.45
C MET A 37 -5.01 -17.81 4.79
N SER A 38 -3.85 -18.41 4.57
CA SER A 38 -3.69 -19.82 4.85
C SER A 38 -4.07 -20.12 6.31
N GLN A 39 -3.67 -19.21 7.18
CA GLN A 39 -3.96 -19.36 8.59
C GLN A 39 -5.41 -19.80 8.80
N LEU A 40 -6.30 -19.12 8.09
CA LEU A 40 -7.71 -19.43 8.18
C LEU A 40 -7.93 -20.94 8.01
N GLY A 41 -7.49 -21.43 6.86
CA GLY A 41 -7.61 -22.85 6.56
C GLY A 41 -7.23 -23.70 7.77
N THR A 42 -6.07 -23.40 8.32
CA THR A 42 -5.58 -24.14 9.48
C THR A 42 -5.94 -23.40 10.76
N LYS A 43 -7.13 -23.71 11.27
CA LYS A 43 -7.60 -23.09 12.50
C LYS A 43 -9.11 -23.32 12.63
N GLN A 44 -9.66 -22.83 13.74
CA GLN A 44 -11.08 -22.98 13.98
C GLN A 44 -11.75 -21.60 14.08
N ASP A 45 -12.64 -21.35 13.13
CA ASP A 45 -13.36 -20.08 13.10
C ASP A 45 -12.41 -18.98 12.62
N SER A 46 -11.33 -18.80 13.39
CA SER A 46 -10.34 -17.79 13.06
C SER A 46 -11.05 -16.48 12.66
N SER A 47 -11.75 -15.91 13.62
CA SER A 47 -12.47 -14.68 13.39
C SER A 47 -11.54 -13.48 13.60
N LYS A 48 -10.54 -13.69 14.45
CA LYS A 48 -9.58 -12.64 14.75
C LYS A 48 -8.87 -12.23 13.45
N LEU A 49 -8.73 -13.20 12.56
CA LEU A 49 -8.08 -12.94 11.28
C LEU A 49 -9.05 -12.21 10.36
N GLN A 50 -10.17 -12.88 10.08
CA GLN A 50 -11.18 -12.30 9.21
C GLN A 50 -11.28 -10.79 9.44
N GLU A 51 -11.42 -10.42 10.70
CA GLU A 51 -11.52 -9.02 11.06
C GLU A 51 -10.23 -8.27 10.67
N ASN A 52 -9.11 -8.89 11.03
CA ASN A 52 -7.81 -8.30 10.72
C ASN A 52 -7.68 -8.11 9.22
N LEU A 53 -7.92 -9.20 8.50
CA LEU A 53 -7.82 -9.17 7.04
C LEU A 53 -8.41 -7.85 6.53
N GLN A 54 -9.61 -7.55 7.00
CA GLN A 54 -10.28 -6.33 6.59
C GLN A 54 -9.58 -5.11 7.19
N GLN A 55 -9.11 -5.28 8.41
CA GLN A 55 -8.42 -4.21 9.10
C GLN A 55 -7.05 -3.95 8.45
N LEU A 56 -6.61 -4.93 7.69
CA LEU A 56 -5.32 -4.83 7.01
C LEU A 56 -5.54 -4.27 5.60
N GLN A 57 -6.71 -4.57 5.05
CA GLN A 57 -7.05 -4.09 3.72
C GLN A 57 -7.31 -2.59 3.73
N HIS A 58 -8.29 -2.21 4.55
CA HIS A 58 -8.65 -0.80 4.66
C HIS A 58 -7.39 0.04 4.90
N SER A 59 -6.67 -0.33 5.93
CA SER A 59 -5.44 0.37 6.28
C SER A 59 -4.63 0.67 5.02
N THR A 60 -4.35 -0.40 4.28
CA THR A 60 -3.58 -0.27 3.05
C THR A 60 -4.34 0.59 2.03
N ASN A 61 -5.61 0.24 1.84
CA ASN A 61 -6.45 0.96 0.91
C ASN A 61 -6.19 2.47 1.05
N GLN A 62 -6.39 2.95 2.26
CA GLN A 62 -6.18 4.36 2.55
C GLN A 62 -4.74 4.75 2.26
N LEU A 63 -3.82 4.04 2.90
CA LEU A 63 -2.40 4.31 2.72
C LEU A 63 -2.14 4.64 1.26
N ALA A 64 -2.72 3.83 0.38
CA ALA A 64 -2.55 4.04 -1.05
C ALA A 64 -3.17 5.38 -1.44
N LYS A 65 -4.41 5.57 -1.03
CA LYS A 65 -5.13 6.80 -1.33
C LYS A 65 -4.25 8.00 -0.96
N GLU A 66 -3.41 7.78 0.04
CA GLU A 66 -2.52 8.83 0.50
C GLU A 66 -1.29 8.94 -0.42
N THR A 67 -0.63 7.80 -0.59
CA THR A 67 0.54 7.75 -1.45
C THR A 67 0.27 8.45 -2.78
N ASN A 68 -0.92 8.22 -3.30
CA ASN A 68 -1.32 8.82 -4.56
C ASN A 68 -1.38 10.34 -4.40
N GLU A 69 -1.98 10.77 -3.30
CA GLU A 69 -2.11 12.19 -3.02
C GLU A 69 -0.72 12.82 -2.83
N LEU A 70 0.15 12.07 -2.17
CA LEU A 70 1.49 12.55 -1.92
C LEU A 70 2.28 12.55 -3.24
N LEU A 71 2.21 11.44 -3.93
CA LEU A 71 2.91 11.30 -5.20
C LEU A 71 2.51 12.44 -6.12
N LYS A 72 1.37 13.04 -5.81
CA LYS A 72 0.86 14.16 -6.60
C LYS A 72 1.40 15.47 -6.03
N GLU A 73 1.56 15.49 -4.71
CA GLU A 73 2.07 16.67 -4.03
C GLU A 73 3.60 16.75 -4.16
N LEU A 74 4.20 15.57 -4.25
CA LEU A 74 5.65 15.49 -4.37
C LEU A 74 6.09 16.23 -5.63
N GLY A 75 5.72 15.67 -6.77
CA GLY A 75 6.07 16.26 -8.05
C GLY A 75 5.63 17.74 -8.11
N SER A 76 4.58 18.03 -7.35
CA SER A 76 4.06 19.39 -7.31
C SER A 76 5.15 20.36 -6.86
N LEU A 77 5.87 19.95 -5.82
CA LEU A 77 6.95 20.77 -5.28
C LEU A 77 7.74 21.39 -6.44
N PRO A 78 8.42 22.51 -6.12
CA PRO A 78 9.21 23.21 -7.12
C PRO A 78 10.52 22.46 -7.40
N LEU A 79 11.24 22.94 -8.39
CA LEU A 79 12.51 22.33 -8.78
C LEU A 79 13.66 23.21 -8.30
N PRO A 80 14.80 22.55 -8.00
CA PRO A 80 15.98 23.26 -7.53
C PRO A 80 16.67 23.99 -8.69
N LEU A 81 17.58 24.88 -8.32
CA LEU A 81 18.31 25.66 -9.31
C LEU A 81 19.24 24.72 -10.09
N SER A 82 19.73 23.71 -9.39
CA SER A 82 20.63 22.74 -10.00
C SER A 82 19.83 21.70 -10.78
N THR A 83 20.36 21.34 -11.94
CA THR A 83 19.70 20.37 -12.80
C THR A 83 20.04 18.95 -12.34
N SER A 84 21.06 18.86 -11.49
CA SER A 84 21.49 17.57 -10.97
C SER A 84 20.43 17.02 -10.01
N GLU A 85 19.87 17.92 -9.22
CA GLU A 85 18.85 17.53 -8.26
C GLU A 85 17.50 17.35 -8.96
N GLN A 86 17.33 18.07 -10.05
CA GLN A 86 16.10 18.00 -10.81
C GLN A 86 15.79 16.54 -11.18
N ARG A 87 16.71 15.94 -11.92
CA ARG A 87 16.55 14.57 -12.34
C ARG A 87 16.46 13.65 -11.12
N GLN A 88 17.39 13.86 -10.20
CA GLN A 88 17.42 13.05 -8.99
C GLN A 88 16.08 13.12 -8.26
N GLN A 89 15.36 14.20 -8.51
CA GLN A 89 14.06 14.40 -7.89
C GLN A 89 13.02 13.51 -8.57
N ARG A 90 12.82 13.75 -9.86
CA ARG A 90 11.86 12.99 -10.63
C ARG A 90 12.23 11.50 -10.61
N LEU A 91 13.52 11.25 -10.63
CA LEU A 91 14.01 9.88 -10.62
C LEU A 91 13.45 9.15 -9.39
N GLN A 92 13.66 9.76 -8.23
CA GLN A 92 13.18 9.19 -6.99
C GLN A 92 11.67 8.91 -7.08
N LYS A 93 10.93 9.96 -7.35
CA LYS A 93 9.48 9.85 -7.48
C LYS A 93 9.14 8.74 -8.46
N GLU A 94 9.65 8.88 -9.67
CA GLU A 94 9.40 7.89 -10.72
C GLU A 94 9.51 6.48 -10.14
N ARG A 95 10.62 6.23 -9.47
CA ARG A 95 10.86 4.92 -8.87
C ARG A 95 9.79 4.62 -7.82
N LEU A 96 9.49 5.63 -7.01
CA LEU A 96 8.50 5.49 -5.97
C LEU A 96 7.14 5.18 -6.60
N MET A 97 6.92 5.75 -7.76
CA MET A 97 5.68 5.54 -8.49
C MET A 97 5.59 4.10 -9.01
N ASN A 98 6.73 3.60 -9.45
CA ASN A 98 6.79 2.24 -9.98
C ASN A 98 6.77 1.25 -8.82
N ASP A 99 7.66 1.47 -7.86
CA ASP A 99 7.75 0.62 -6.70
C ASP A 99 6.39 0.53 -6.01
N PHE A 100 5.71 1.67 -5.98
CA PHE A 100 4.40 1.74 -5.37
C PHE A 100 3.39 0.88 -6.11
N SER A 101 3.55 0.83 -7.42
CA SER A 101 2.66 0.04 -8.27
C SER A 101 2.78 -1.43 -7.90
N ALA A 102 4.01 -1.94 -7.97
CA ALA A 102 4.27 -3.32 -7.65
C ALA A 102 3.61 -3.68 -6.31
N ALA A 103 3.70 -2.73 -5.38
CA ALA A 103 3.11 -2.92 -4.07
C ALA A 103 1.59 -2.81 -4.17
N LEU A 104 1.15 -2.03 -5.14
CA LEU A 104 -0.28 -1.82 -5.35
C LEU A 104 -0.88 -3.10 -5.94
N ASN A 105 -0.43 -3.43 -7.13
CA ASN A 105 -0.93 -4.63 -7.80
C ASN A 105 -1.01 -5.78 -6.80
N ASN A 106 0.04 -5.89 -5.99
CA ASN A 106 0.09 -6.94 -4.98
C ASN A 106 -1.21 -6.93 -4.17
N PHE A 107 -1.54 -5.75 -3.66
CA PHE A 107 -2.74 -5.58 -2.86
C PHE A 107 -3.98 -6.02 -3.65
N GLN A 108 -4.08 -5.52 -4.86
CA GLN A 108 -5.20 -5.84 -5.73
C GLN A 108 -5.34 -7.37 -5.87
N ALA A 109 -4.27 -7.98 -6.35
CA ALA A 109 -4.26 -9.42 -6.54
C ALA A 109 -4.63 -10.11 -5.22
N VAL A 110 -4.41 -9.38 -4.13
CA VAL A 110 -4.73 -9.90 -2.81
C VAL A 110 -6.19 -9.59 -2.48
N GLN A 111 -6.63 -8.44 -2.95
CA GLN A 111 -8.00 -8.02 -2.71
C GLN A 111 -8.98 -8.89 -3.52
N ARG A 112 -8.51 -9.30 -4.69
CA ARG A 112 -9.33 -10.13 -5.56
C ARG A 112 -9.30 -11.59 -5.10
N ARG A 113 -8.19 -11.94 -4.47
CA ARG A 113 -8.02 -13.30 -3.98
C ARG A 113 -8.73 -13.47 -2.63
N VAL A 114 -8.97 -12.35 -1.98
CA VAL A 114 -9.64 -12.36 -0.69
C VAL A 114 -11.15 -12.45 -0.92
N SER A 115 -11.63 -11.67 -1.87
CA SER A 115 -13.05 -11.65 -2.19
C SER A 115 -13.48 -13.04 -2.66
N GLU A 116 -12.68 -13.62 -3.54
CA GLU A 116 -12.98 -14.93 -4.07
C GLU A 116 -13.11 -15.95 -2.94
N LYS A 117 -12.26 -15.78 -1.94
CA LYS A 117 -12.27 -16.68 -0.79
C LYS A 117 -13.62 -16.56 -0.07
N GLU A 118 -14.01 -15.33 0.19
CA GLU A 118 -15.27 -15.07 0.87
C GLU A 118 -16.45 -15.44 -0.04
N LYS A 119 -16.13 -15.59 -1.33
CA LYS A 119 -17.15 -15.93 -2.30
C LYS A 119 -17.36 -17.44 -2.29
N GLU A 120 -16.27 -18.16 -2.09
CA GLU A 120 -16.33 -19.62 -2.06
C GLU A 120 -17.01 -20.09 -0.77
N SER A 121 -16.80 -19.32 0.29
CA SER A 121 -17.38 -19.65 1.57
C SER A 121 -18.91 -19.74 1.46
N ILE A 122 -19.51 -18.59 1.16
CA ILE A 122 -20.95 -18.52 1.03
C ILE A 122 -21.37 -19.31 -0.22
N ALA A 123 -21.00 -18.78 -1.37
CA ALA A 123 -21.33 -19.42 -2.63
C ALA A 123 -22.83 -19.24 -2.91
N ARG A 124 -23.26 -19.83 -4.01
CA ARG A 124 -24.66 -19.75 -4.39
C ARG A 124 -24.93 -20.67 -5.59
N SER A 125 -26.18 -21.10 -5.70
CA SER A 125 -26.58 -21.97 -6.78
C SER A 125 -25.93 -21.53 -8.09
N GLY A 126 -25.03 -22.38 -8.59
CA GLY A 126 -24.33 -22.08 -9.82
C GLY A 126 -23.04 -22.89 -9.92
N PRO A 127 -22.01 -22.26 -10.55
CA PRO A 127 -20.71 -22.91 -10.71
C PRO A 127 -19.95 -22.95 -9.39
N SER A 128 -18.79 -23.59 -9.44
CA SER A 128 -17.94 -23.71 -8.26
C SER A 128 -16.47 -23.76 -8.66
N SER A 129 -15.61 -23.65 -7.67
CA SER A 129 -14.18 -23.68 -7.91
C SER A 129 -13.42 -23.70 -6.57
N GLY A 130 -12.82 -24.85 -6.30
CA GLY A 130 -12.06 -25.01 -5.07
C GLY A 130 -11.65 -26.47 -4.87
N GLY A 1 20.86 13.32 -0.49
CA GLY A 1 19.86 12.46 0.15
C GLY A 1 19.77 12.76 1.65
N SER A 2 19.59 11.70 2.42
CA SER A 2 19.49 11.84 3.86
C SER A 2 18.26 12.68 4.22
N SER A 3 17.54 12.22 5.24
CA SER A 3 16.36 12.92 5.69
C SER A 3 15.82 12.26 6.97
N GLY A 4 15.48 13.11 7.93
CA GLY A 4 14.95 12.63 9.19
C GLY A 4 14.74 13.79 10.18
N SER A 5 13.50 14.23 10.27
CA SER A 5 13.16 15.32 11.16
C SER A 5 11.64 15.42 11.31
N SER A 6 11.22 16.08 12.38
CA SER A 6 9.80 16.26 12.64
C SER A 6 9.33 17.61 12.11
N GLY A 7 8.04 17.70 11.88
CA GLY A 7 7.46 18.93 11.37
C GLY A 7 8.10 19.35 10.05
N GLN A 8 8.44 20.63 9.97
CA GLN A 8 9.07 21.16 8.78
C GLN A 8 8.15 21.00 7.57
N LEU A 9 8.18 22.00 6.70
CA LEU A 9 7.35 21.97 5.50
C LEU A 9 7.48 20.61 4.83
N ARG A 10 6.44 20.25 4.09
CA ARG A 10 6.42 18.98 3.38
C ARG A 10 7.47 18.96 2.28
N ASP A 11 8.72 18.81 2.71
CA ASP A 11 9.84 18.79 1.77
C ASP A 11 9.81 17.46 1.01
N PHE A 12 10.24 17.53 -0.25
CA PHE A 12 10.27 16.34 -1.10
C PHE A 12 10.73 15.12 -0.31
N SER A 13 11.93 15.23 0.25
CA SER A 13 12.50 14.15 1.03
C SER A 13 11.52 13.73 2.14
N SER A 14 10.91 14.73 2.75
CA SER A 14 9.96 14.49 3.82
C SER A 14 8.75 13.71 3.28
N ILE A 15 8.46 13.94 2.01
CA ILE A 15 7.35 13.26 1.36
C ILE A 15 7.81 11.89 0.87
N ILE A 16 9.05 11.85 0.40
CA ILE A 16 9.62 10.61 -0.10
C ILE A 16 9.49 9.52 0.97
N GLN A 17 10.24 9.71 2.04
CA GLN A 17 10.22 8.76 3.14
C GLN A 17 8.80 8.25 3.38
N THR A 18 7.91 9.19 3.65
CA THR A 18 6.52 8.84 3.91
C THR A 18 5.96 8.00 2.75
N CYS A 19 6.33 8.39 1.55
CA CYS A 19 5.87 7.69 0.36
C CYS A 19 6.46 6.28 0.38
N SER A 20 7.78 6.22 0.50
CA SER A 20 8.47 4.95 0.54
C SER A 20 7.89 4.07 1.65
N GLY A 21 7.81 4.65 2.84
CA GLY A 21 7.29 3.94 3.99
C GLY A 21 5.90 3.38 3.70
N ASN A 22 5.02 4.27 3.25
CA ASN A 22 3.67 3.88 2.93
C ASN A 22 3.69 2.62 2.04
N ILE A 23 4.48 2.70 0.98
CA ILE A 23 4.59 1.59 0.05
C ILE A 23 4.82 0.30 0.85
N GLN A 24 5.85 0.33 1.69
CA GLN A 24 6.18 -0.82 2.50
C GLN A 24 4.94 -1.35 3.21
N ARG A 25 4.34 -0.49 4.02
CA ARG A 25 3.15 -0.86 4.76
C ARG A 25 2.16 -1.58 3.85
N ILE A 26 1.91 -0.96 2.70
CA ILE A 26 0.99 -1.54 1.73
C ILE A 26 1.36 -3.00 1.48
N SER A 27 2.59 -3.20 1.03
CA SER A 27 3.08 -4.54 0.75
C SER A 27 3.07 -5.38 2.04
N GLN A 28 3.30 -4.70 3.15
CA GLN A 28 3.31 -5.37 4.44
C GLN A 28 1.93 -5.94 4.76
N ALA A 29 0.97 -5.03 4.93
CA ALA A 29 -0.39 -5.43 5.24
C ALA A 29 -0.84 -6.50 4.24
N THR A 30 -0.41 -6.34 3.00
CA THR A 30 -0.76 -7.28 1.96
C THR A 30 -0.16 -8.66 2.25
N ALA A 31 0.96 -8.63 2.97
CA ALA A 31 1.64 -9.86 3.33
C ALA A 31 0.85 -10.57 4.44
N GLN A 32 0.42 -9.77 5.41
CA GLN A 32 -0.34 -10.32 6.53
C GLN A 32 -1.62 -10.99 6.02
N ILE A 33 -2.35 -10.25 5.20
CA ILE A 33 -3.59 -10.77 4.65
C ILE A 33 -3.36 -12.18 4.10
N LYS A 34 -2.20 -12.35 3.48
CA LYS A 34 -1.85 -13.64 2.91
C LYS A 34 -1.48 -14.61 4.02
N ASN A 35 -0.96 -14.04 5.11
CA ASN A 35 -0.56 -14.84 6.25
C ASN A 35 -1.81 -15.26 7.04
N LEU A 36 -2.71 -14.30 7.21
CA LEU A 36 -3.95 -14.55 7.93
C LEU A 36 -4.89 -15.35 7.05
N MET A 37 -4.57 -15.40 5.76
CA MET A 37 -5.37 -16.12 4.80
C MET A 37 -5.39 -17.62 5.11
N SER A 38 -4.21 -18.21 5.08
CA SER A 38 -4.07 -19.62 5.35
C SER A 38 -4.99 -20.03 6.50
N GLN A 39 -4.97 -19.22 7.55
CA GLN A 39 -5.81 -19.48 8.70
C GLN A 39 -7.22 -19.89 8.27
N LEU A 40 -7.91 -18.96 7.64
CA LEU A 40 -9.26 -19.21 7.17
C LEU A 40 -9.31 -20.59 6.49
N GLY A 41 -8.45 -20.75 5.50
CA GLY A 41 -8.39 -22.00 4.76
C GLY A 41 -8.33 -23.19 5.72
N THR A 42 -7.18 -23.38 6.32
CA THR A 42 -6.97 -24.48 7.26
C THR A 42 -8.05 -24.43 8.35
N LYS A 43 -8.06 -25.49 9.15
CA LYS A 43 -9.03 -25.60 10.22
C LYS A 43 -8.60 -24.69 11.38
N GLN A 44 -8.55 -23.40 11.09
CA GLN A 44 -8.14 -22.43 12.09
C GLN A 44 -8.65 -21.03 11.71
N ASP A 45 -9.89 -20.76 12.08
CA ASP A 45 -10.49 -19.48 11.78
C ASP A 45 -10.93 -18.80 13.08
N SER A 46 -10.98 -17.48 13.04
CA SER A 46 -11.38 -16.71 14.21
C SER A 46 -11.88 -15.33 13.77
N SER A 47 -12.52 -14.66 14.72
CA SER A 47 -13.06 -13.33 14.44
C SER A 47 -11.94 -12.29 14.53
N LYS A 48 -10.96 -12.58 15.38
CA LYS A 48 -9.84 -11.68 15.57
C LYS A 48 -9.03 -11.61 14.28
N LEU A 49 -9.24 -12.61 13.43
CA LEU A 49 -8.53 -12.67 12.16
C LEU A 49 -9.32 -11.91 11.10
N GLN A 50 -10.50 -12.42 10.80
CA GLN A 50 -11.36 -11.79 9.82
C GLN A 50 -11.43 -10.27 10.05
N GLU A 51 -11.38 -9.91 11.32
CA GLU A 51 -11.42 -8.50 11.69
C GLU A 51 -10.13 -7.80 11.28
N ASN A 52 -9.04 -8.53 11.39
CA ASN A 52 -7.74 -7.99 11.03
C ASN A 52 -7.64 -7.87 9.51
N LEU A 53 -8.06 -8.92 8.83
CA LEU A 53 -8.04 -8.94 7.38
C LEU A 53 -8.54 -7.60 6.84
N GLN A 54 -9.68 -7.17 7.38
CA GLN A 54 -10.28 -5.92 6.96
C GLN A 54 -9.46 -4.74 7.49
N GLN A 55 -8.88 -4.94 8.65
CA GLN A 55 -8.06 -3.91 9.27
C GLN A 55 -6.70 -3.81 8.56
N LEU A 56 -6.41 -4.83 7.77
CA LEU A 56 -5.16 -4.86 7.03
C LEU A 56 -5.39 -4.32 5.62
N GLN A 57 -6.58 -4.58 5.09
CA GLN A 57 -6.94 -4.13 3.77
C GLN A 57 -7.23 -2.62 3.79
N HIS A 58 -8.07 -2.23 4.75
CA HIS A 58 -8.44 -0.83 4.88
C HIS A 58 -7.18 0.02 5.09
N SER A 59 -6.45 -0.31 6.15
CA SER A 59 -5.23 0.41 6.47
C SER A 59 -4.44 0.68 5.19
N THR A 60 -4.26 -0.36 4.40
CA THR A 60 -3.52 -0.24 3.16
C THR A 60 -4.29 0.63 2.16
N ASN A 61 -5.56 0.27 1.97
CA ASN A 61 -6.41 1.01 1.05
C ASN A 61 -6.15 2.51 1.21
N GLN A 62 -6.26 2.96 2.46
CA GLN A 62 -6.04 4.36 2.76
C GLN A 62 -4.61 4.77 2.38
N LEU A 63 -3.66 4.10 2.99
CA LEU A 63 -2.26 4.37 2.73
C LEU A 63 -2.07 4.68 1.24
N ALA A 64 -2.45 3.71 0.41
CA ALA A 64 -2.32 3.87 -1.02
C ALA A 64 -2.90 5.23 -1.43
N LYS A 65 -4.14 5.46 -1.04
CA LYS A 65 -4.81 6.71 -1.36
C LYS A 65 -3.88 7.88 -1.06
N GLU A 66 -3.33 7.86 0.15
CA GLU A 66 -2.42 8.91 0.58
C GLU A 66 -1.21 8.96 -0.35
N THR A 67 -0.67 7.78 -0.64
CA THR A 67 0.49 7.69 -1.51
C THR A 67 0.26 8.48 -2.79
N ASN A 68 -0.82 8.12 -3.48
CA ASN A 68 -1.17 8.79 -4.73
C ASN A 68 -1.26 10.30 -4.48
N GLU A 69 -1.79 10.64 -3.33
CA GLU A 69 -1.95 12.05 -2.96
C GLU A 69 -0.58 12.70 -2.77
N LEU A 70 0.33 11.94 -2.17
CA LEU A 70 1.67 12.42 -1.93
C LEU A 70 2.46 12.42 -3.24
N LEU A 71 2.25 11.36 -4.02
CA LEU A 71 2.93 11.23 -5.29
C LEU A 71 2.54 12.40 -6.20
N LYS A 72 1.45 13.05 -5.84
CA LYS A 72 0.96 14.18 -6.60
C LYS A 72 1.54 15.48 -6.03
N GLU A 73 1.66 15.49 -4.71
CA GLU A 73 2.19 16.65 -4.02
C GLU A 73 3.71 16.71 -4.18
N LEU A 74 4.30 15.55 -4.44
CA LEU A 74 5.74 15.46 -4.63
C LEU A 74 6.13 16.21 -5.89
N GLY A 75 5.65 15.70 -7.02
CA GLY A 75 5.95 16.31 -8.31
C GLY A 75 5.48 17.77 -8.34
N SER A 76 4.52 18.07 -7.48
CA SER A 76 3.98 19.41 -7.40
C SER A 76 5.07 20.40 -7.00
N LEU A 77 5.87 19.98 -6.03
CA LEU A 77 6.95 20.82 -5.54
C LEU A 77 7.67 21.47 -6.73
N PRO A 78 8.35 22.61 -6.43
CA PRO A 78 9.07 23.34 -7.47
C PRO A 78 10.37 22.62 -7.83
N LEU A 79 11.24 23.35 -8.51
CA LEU A 79 12.51 22.79 -8.93
C LEU A 79 13.65 23.61 -8.30
N PRO A 80 14.72 22.89 -7.89
CA PRO A 80 15.87 23.53 -7.28
C PRO A 80 16.72 24.26 -8.32
N LEU A 81 17.39 25.30 -7.88
CA LEU A 81 18.25 26.08 -8.76
C LEU A 81 19.13 25.14 -9.57
N SER A 82 19.56 24.07 -8.92
CA SER A 82 20.41 23.09 -9.57
C SER A 82 19.56 22.05 -10.30
N THR A 83 20.11 21.53 -11.39
CA THR A 83 19.41 20.54 -12.18
C THR A 83 19.68 19.13 -11.63
N SER A 84 20.87 18.96 -11.11
CA SER A 84 21.26 17.67 -10.55
C SER A 84 20.19 17.17 -9.58
N GLU A 85 19.56 18.12 -8.91
CA GLU A 85 18.52 17.81 -7.95
C GLU A 85 17.18 17.63 -8.66
N GLN A 86 17.07 18.27 -9.81
CA GLN A 86 15.85 18.20 -10.60
C GLN A 86 15.62 16.76 -11.09
N ARG A 87 16.72 16.09 -11.38
CA ARG A 87 16.65 14.72 -11.85
C ARG A 87 16.38 13.77 -10.68
N GLN A 88 17.27 13.81 -9.71
CA GLN A 88 17.13 12.97 -8.52
C GLN A 88 15.70 13.04 -7.99
N GLN A 89 15.09 14.20 -8.17
CA GLN A 89 13.73 14.41 -7.71
C GLN A 89 12.76 13.51 -8.48
N ARG A 90 12.61 13.81 -9.76
CA ARG A 90 11.72 13.05 -10.62
C ARG A 90 12.14 11.58 -10.62
N LEU A 91 13.45 11.37 -10.65
CA LEU A 91 13.98 10.01 -10.66
C LEU A 91 13.37 9.21 -9.51
N GLN A 92 13.46 9.79 -8.32
CA GLN A 92 12.91 9.15 -7.14
C GLN A 92 11.42 8.84 -7.33
N LYS A 93 10.65 9.90 -7.50
CA LYS A 93 9.21 9.75 -7.70
C LYS A 93 8.95 8.65 -8.72
N GLU A 94 9.60 8.79 -9.87
CA GLU A 94 9.44 7.82 -10.94
C GLU A 94 9.54 6.40 -10.38
N ARG A 95 10.61 6.16 -9.63
CA ARG A 95 10.83 4.85 -9.04
C ARG A 95 9.72 4.54 -8.03
N LEU A 96 9.36 5.54 -7.26
CA LEU A 96 8.32 5.39 -6.25
C LEU A 96 7.01 5.00 -6.94
N MET A 97 6.73 5.68 -8.05
CA MET A 97 5.52 5.40 -8.81
C MET A 97 5.49 3.95 -9.29
N ASN A 98 6.66 3.47 -9.66
CA ASN A 98 6.79 2.09 -10.13
C ASN A 98 6.77 1.14 -8.94
N ASP A 99 7.56 1.47 -7.94
CA ASP A 99 7.65 0.66 -6.74
C ASP A 99 6.26 0.57 -6.09
N PHE A 100 5.65 1.73 -5.93
CA PHE A 100 4.33 1.80 -5.32
C PHE A 100 3.35 0.86 -6.04
N SER A 101 3.59 0.68 -7.33
CA SER A 101 2.74 -0.18 -8.14
C SER A 101 2.94 -1.65 -7.73
N ALA A 102 4.20 -2.08 -7.80
CA ALA A 102 4.53 -3.44 -7.45
C ALA A 102 3.84 -3.81 -6.14
N ALA A 103 3.83 -2.87 -5.22
CA ALA A 103 3.20 -3.08 -3.93
C ALA A 103 1.68 -3.07 -4.10
N LEU A 104 1.22 -2.20 -4.98
CA LEU A 104 -0.21 -2.09 -5.24
C LEU A 104 -0.72 -3.40 -5.84
N ASN A 105 -0.15 -3.76 -6.98
CA ASN A 105 -0.53 -4.99 -7.66
C ASN A 105 -0.71 -6.10 -6.61
N ASN A 106 0.25 -6.18 -5.70
CA ASN A 106 0.22 -7.19 -4.67
C ASN A 106 -1.14 -7.16 -3.98
N PHE A 107 -1.44 -6.02 -3.36
CA PHE A 107 -2.70 -5.86 -2.66
C PHE A 107 -3.87 -6.32 -3.53
N GLN A 108 -3.87 -5.86 -4.76
CA GLN A 108 -4.91 -6.22 -5.71
C GLN A 108 -5.03 -7.74 -5.82
N ALA A 109 -3.93 -8.35 -6.23
CA ALA A 109 -3.89 -9.80 -6.38
C ALA A 109 -4.33 -10.46 -5.08
N VAL A 110 -4.24 -9.69 -4.00
CA VAL A 110 -4.64 -10.19 -2.69
C VAL A 110 -6.12 -9.89 -2.46
N GLN A 111 -6.58 -8.80 -3.04
CA GLN A 111 -7.96 -8.40 -2.91
C GLN A 111 -8.87 -9.36 -3.68
N ARG A 112 -8.36 -9.84 -4.80
CA ARG A 112 -9.10 -10.77 -5.63
C ARG A 112 -9.09 -12.16 -5.01
N ARG A 113 -7.98 -12.46 -4.34
CA ARG A 113 -7.82 -13.76 -3.70
C ARG A 113 -8.64 -13.82 -2.40
N VAL A 114 -8.91 -12.64 -1.86
CA VAL A 114 -9.67 -12.54 -0.62
C VAL A 114 -11.15 -12.81 -0.93
N SER A 115 -11.75 -11.90 -1.67
CA SER A 115 -13.15 -12.02 -2.04
C SER A 115 -13.46 -13.47 -2.41
N GLU A 116 -12.60 -14.03 -3.26
CA GLU A 116 -12.76 -15.41 -3.70
C GLU A 116 -12.87 -16.34 -2.49
N LYS A 117 -12.00 -16.11 -1.52
CA LYS A 117 -11.99 -16.92 -0.31
C LYS A 117 -13.35 -16.83 0.37
N GLU A 118 -13.80 -15.60 0.58
CA GLU A 118 -15.08 -15.36 1.22
C GLU A 118 -16.22 -15.87 0.32
N LYS A 119 -15.89 -16.08 -0.94
CA LYS A 119 -16.87 -16.56 -1.90
C LYS A 119 -17.01 -18.08 -1.77
N GLU A 120 -15.86 -18.75 -1.77
CA GLU A 120 -15.84 -20.20 -1.66
C GLU A 120 -16.43 -20.63 -0.31
N SER A 121 -16.27 -19.76 0.68
CA SER A 121 -16.77 -20.03 2.01
C SER A 121 -18.29 -20.19 1.98
N ILE A 122 -18.94 -19.26 1.29
CA ILE A 122 -20.39 -19.29 1.17
C ILE A 122 -20.82 -20.63 0.56
N ALA A 123 -19.90 -21.22 -0.19
CA ALA A 123 -20.17 -22.50 -0.83
C ALA A 123 -20.40 -23.56 0.24
N ARG A 124 -19.53 -23.57 1.23
CA ARG A 124 -19.62 -24.52 2.32
C ARG A 124 -18.84 -24.02 3.54
N SER A 125 -17.53 -23.91 3.34
CA SER A 125 -16.66 -23.45 4.41
C SER A 125 -16.32 -24.61 5.36
N GLY A 126 -15.51 -25.52 4.85
CA GLY A 126 -15.10 -26.68 5.64
C GLY A 126 -16.28 -27.22 6.45
N PRO A 127 -15.94 -27.82 7.62
CA PRO A 127 -16.95 -28.38 8.50
C PRO A 127 -17.72 -27.27 9.23
N SER A 128 -18.85 -26.90 8.66
CA SER A 128 -19.68 -25.86 9.25
C SER A 128 -21.08 -25.90 8.63
N SER A 129 -21.13 -25.62 7.33
CA SER A 129 -22.39 -25.62 6.61
C SER A 129 -23.24 -24.42 7.05
N GLY A 130 -23.04 -23.31 6.36
CA GLY A 130 -23.79 -22.10 6.68
C GLY A 130 -23.52 -21.65 8.11
N GLY A 1 17.89 11.69 -0.95
CA GLY A 1 18.27 12.87 -0.20
C GLY A 1 18.80 12.49 1.19
N SER A 2 18.08 12.96 2.20
CA SER A 2 18.46 12.69 3.58
C SER A 2 17.37 11.84 4.26
N SER A 3 17.81 10.73 4.85
CA SER A 3 16.90 9.84 5.52
C SER A 3 16.70 10.29 6.97
N GLY A 4 15.48 10.11 7.45
CA GLY A 4 15.15 10.49 8.81
C GLY A 4 14.59 11.92 8.86
N SER A 5 13.42 12.04 9.47
CA SER A 5 12.77 13.33 9.60
C SER A 5 11.65 13.26 10.64
N SER A 6 10.77 12.30 10.45
CA SER A 6 9.65 12.11 11.36
C SER A 6 9.05 13.47 11.73
N GLY A 7 8.20 13.96 10.85
CA GLY A 7 7.55 15.25 11.07
C GLY A 7 8.35 16.38 10.42
N GLN A 8 7.71 17.03 9.46
CA GLN A 8 8.35 18.13 8.76
C GLN A 8 7.44 18.63 7.63
N LEU A 9 7.74 19.83 7.16
CA LEU A 9 6.97 20.44 6.09
C LEU A 9 6.81 19.43 4.96
N ARG A 10 5.74 19.59 4.20
CA ARG A 10 5.46 18.71 3.08
C ARG A 10 6.47 18.94 1.96
N ASP A 11 7.72 18.65 2.28
CA ASP A 11 8.80 18.81 1.31
C ASP A 11 9.09 17.47 0.64
N PHE A 12 9.74 17.55 -0.51
CA PHE A 12 10.09 16.34 -1.25
C PHE A 12 10.53 15.22 -0.31
N SER A 13 11.51 15.55 0.52
CA SER A 13 12.04 14.57 1.46
C SER A 13 10.91 14.06 2.36
N SER A 14 10.43 14.94 3.23
CA SER A 14 9.36 14.60 4.14
C SER A 14 8.34 13.69 3.42
N ILE A 15 7.97 14.12 2.23
CA ILE A 15 7.00 13.36 1.44
C ILE A 15 7.60 12.00 1.08
N ILE A 16 8.64 12.04 0.27
CA ILE A 16 9.31 10.82 -0.16
C ILE A 16 9.35 9.83 1.01
N GLN A 17 10.09 10.23 2.04
CA GLN A 17 10.22 9.38 3.22
C GLN A 17 8.86 8.78 3.60
N THR A 18 7.86 9.65 3.62
CA THR A 18 6.51 9.21 3.97
C THR A 18 6.01 8.18 2.95
N CYS A 19 6.31 8.44 1.69
CA CYS A 19 5.89 7.55 0.62
C CYS A 19 6.57 6.20 0.83
N SER A 20 7.89 6.26 1.02
CA SER A 20 8.67 5.05 1.22
C SER A 20 8.04 4.21 2.34
N GLY A 21 7.85 4.85 3.49
CA GLY A 21 7.27 4.18 4.63
C GLY A 21 5.93 3.55 4.26
N ASN A 22 5.00 4.39 3.85
CA ASN A 22 3.68 3.93 3.47
C ASN A 22 3.80 2.67 2.62
N ILE A 23 4.56 2.79 1.54
CA ILE A 23 4.78 1.67 0.64
C ILE A 23 4.99 0.39 1.46
N GLN A 24 6.07 0.40 2.24
CA GLN A 24 6.39 -0.74 3.08
C GLN A 24 5.12 -1.33 3.69
N ARG A 25 4.45 -0.53 4.49
CA ARG A 25 3.22 -0.95 5.14
C ARG A 25 2.30 -1.63 4.12
N ILE A 26 2.00 -0.91 3.06
CA ILE A 26 1.14 -1.43 2.01
C ILE A 26 1.53 -2.88 1.70
N SER A 27 2.82 -3.06 1.47
CA SER A 27 3.34 -4.38 1.16
C SER A 27 3.23 -5.29 2.39
N GLN A 28 3.38 -4.67 3.56
CA GLN A 28 3.30 -5.40 4.81
C GLN A 28 1.90 -5.96 5.02
N ALA A 29 0.94 -5.05 5.17
CA ALA A 29 -0.44 -5.45 5.38
C ALA A 29 -0.83 -6.48 4.33
N THR A 30 -0.37 -6.25 3.11
CA THR A 30 -0.66 -7.15 2.02
C THR A 30 -0.09 -8.54 2.30
N ALA A 31 0.97 -8.56 3.08
CA ALA A 31 1.63 -9.82 3.44
C ALA A 31 0.83 -10.49 4.57
N GLN A 32 0.36 -9.66 5.49
CA GLN A 32 -0.42 -10.17 6.61
C GLN A 32 -1.66 -10.90 6.12
N ILE A 33 -2.25 -10.35 5.06
CA ILE A 33 -3.44 -10.95 4.48
C ILE A 33 -3.10 -12.32 3.91
N LYS A 34 -2.00 -12.35 3.17
CA LYS A 34 -1.54 -13.60 2.56
C LYS A 34 -1.13 -14.58 3.66
N ASN A 35 -0.57 -14.02 4.73
CA ASN A 35 -0.13 -14.83 5.84
C ASN A 35 -1.35 -15.33 6.62
N LEU A 36 -2.26 -14.40 6.89
CA LEU A 36 -3.47 -14.73 7.63
C LEU A 36 -4.41 -15.54 6.72
N MET A 37 -4.09 -15.54 5.44
CA MET A 37 -4.88 -16.27 4.47
C MET A 37 -4.89 -17.76 4.78
N SER A 38 -3.73 -18.37 4.56
CA SER A 38 -3.59 -19.81 4.80
C SER A 38 -4.23 -20.17 6.14
N GLN A 39 -3.93 -19.35 7.15
CA GLN A 39 -4.47 -19.59 8.48
C GLN A 39 -5.95 -19.97 8.39
N LEU A 40 -6.71 -19.12 7.71
CA LEU A 40 -8.13 -19.36 7.54
C LEU A 40 -8.35 -20.77 7.01
N GLY A 41 -7.45 -21.18 6.13
CA GLY A 41 -7.53 -22.51 5.53
C GLY A 41 -6.90 -23.56 6.45
N THR A 42 -7.32 -23.53 7.70
CA THR A 42 -6.81 -24.47 8.69
C THR A 42 -7.70 -24.48 9.93
N LYS A 43 -8.06 -25.69 10.36
CA LYS A 43 -8.91 -25.84 11.53
C LYS A 43 -10.34 -25.44 11.18
N GLN A 44 -11.21 -25.54 12.18
CA GLN A 44 -12.61 -25.19 11.98
C GLN A 44 -12.72 -23.84 11.27
N ASP A 45 -12.52 -22.78 12.03
CA ASP A 45 -12.60 -21.44 11.49
C ASP A 45 -12.08 -20.44 12.52
N SER A 46 -12.22 -19.16 12.19
CA SER A 46 -11.76 -18.10 13.07
C SER A 46 -12.29 -16.75 12.59
N SER A 47 -13.03 -16.09 13.47
CA SER A 47 -13.61 -14.80 13.15
C SER A 47 -12.55 -13.70 13.32
N LYS A 48 -11.87 -13.76 14.46
CA LYS A 48 -10.84 -12.79 14.76
C LYS A 48 -9.97 -12.57 13.53
N LEU A 49 -9.44 -13.68 13.02
CA LEU A 49 -8.60 -13.62 11.83
C LEU A 49 -9.24 -12.72 10.78
N GLN A 50 -10.35 -13.22 10.22
CA GLN A 50 -11.07 -12.46 9.21
C GLN A 50 -11.05 -10.98 9.53
N GLU A 51 -11.41 -10.67 10.77
CA GLU A 51 -11.45 -9.29 11.23
C GLU A 51 -10.11 -8.60 10.92
N ASN A 52 -9.04 -9.27 11.32
CA ASN A 52 -7.70 -8.73 11.10
C ASN A 52 -7.53 -8.42 9.61
N LEU A 53 -7.82 -9.42 8.79
CA LEU A 53 -7.70 -9.27 7.35
C LEU A 53 -8.23 -7.91 6.93
N GLN A 54 -9.52 -7.70 7.17
CA GLN A 54 -10.15 -6.44 6.82
C GLN A 54 -9.34 -5.27 7.36
N GLN A 55 -9.32 -5.16 8.68
CA GLN A 55 -8.59 -4.09 9.33
C GLN A 55 -7.27 -3.83 8.60
N LEU A 56 -6.61 -4.92 8.25
CA LEU A 56 -5.33 -4.82 7.55
C LEU A 56 -5.56 -4.16 6.19
N GLN A 57 -6.51 -4.71 5.45
CA GLN A 57 -6.84 -4.18 4.13
C GLN A 57 -7.09 -2.67 4.21
N HIS A 58 -8.10 -2.32 5.01
CA HIS A 58 -8.46 -0.91 5.18
C HIS A 58 -7.19 -0.09 5.42
N SER A 59 -6.46 -0.48 6.46
CA SER A 59 -5.23 0.21 6.81
C SER A 59 -4.46 0.59 5.54
N THR A 60 -4.09 -0.43 4.78
CA THR A 60 -3.36 -0.22 3.55
C THR A 60 -4.17 0.64 2.58
N ASN A 61 -5.46 0.36 2.54
CA ASN A 61 -6.37 1.09 1.67
C ASN A 61 -6.11 2.59 1.82
N GLN A 62 -6.29 3.07 3.03
CA GLN A 62 -6.09 4.48 3.31
C GLN A 62 -4.69 4.91 2.87
N LEU A 63 -3.69 4.26 3.45
CA LEU A 63 -2.31 4.57 3.13
C LEU A 63 -2.20 4.84 1.63
N ALA A 64 -2.68 3.88 0.85
CA ALA A 64 -2.64 4.00 -0.60
C ALA A 64 -3.18 5.37 -1.01
N LYS A 65 -4.41 5.64 -0.59
CA LYS A 65 -5.04 6.91 -0.90
C LYS A 65 -4.04 8.05 -0.68
N GLU A 66 -3.32 7.95 0.43
CA GLU A 66 -2.34 8.96 0.78
C GLU A 66 -1.12 8.85 -0.14
N THR A 67 -0.62 7.62 -0.26
CA THR A 67 0.54 7.38 -1.10
C THR A 67 0.35 8.04 -2.47
N ASN A 68 -0.75 7.68 -3.11
CA ASN A 68 -1.06 8.22 -4.43
C ASN A 68 -1.15 9.75 -4.33
N GLU A 69 -1.92 10.21 -3.36
CA GLU A 69 -2.11 11.63 -3.16
C GLU A 69 -0.75 12.32 -2.98
N LEU A 70 0.12 11.66 -2.22
CA LEU A 70 1.44 12.20 -1.97
C LEU A 70 2.25 12.20 -3.27
N LEU A 71 2.28 11.04 -3.91
CA LEU A 71 3.01 10.89 -5.16
C LEU A 71 2.60 12.01 -6.12
N LYS A 72 1.41 12.55 -5.86
CA LYS A 72 0.89 13.62 -6.69
C LYS A 72 1.52 14.95 -6.27
N GLU A 73 1.50 15.19 -4.97
CA GLU A 73 2.06 16.41 -4.42
C GLU A 73 3.57 16.46 -4.69
N LEU A 74 4.16 15.27 -4.76
CA LEU A 74 5.59 15.17 -5.01
C LEU A 74 5.95 15.93 -6.29
N GLY A 75 5.51 15.38 -7.40
CA GLY A 75 5.77 15.99 -8.70
C GLY A 75 5.31 17.45 -8.71
N SER A 76 4.28 17.72 -7.92
CA SER A 76 3.73 19.06 -7.84
C SER A 76 4.81 20.04 -7.41
N LEU A 77 5.66 19.58 -6.49
CA LEU A 77 6.74 20.39 -5.99
C LEU A 77 7.49 21.02 -7.16
N PRO A 78 8.18 22.16 -6.87
CA PRO A 78 8.94 22.85 -7.89
C PRO A 78 10.24 22.13 -8.20
N LEU A 79 11.12 22.81 -8.91
CA LEU A 79 12.41 22.24 -9.27
C LEU A 79 13.52 23.23 -8.91
N PRO A 80 14.71 22.66 -8.59
CA PRO A 80 15.86 23.46 -8.23
C PRO A 80 16.48 24.12 -9.46
N LEU A 81 17.34 25.10 -9.20
CA LEU A 81 18.00 25.81 -10.28
C LEU A 81 18.99 24.87 -10.98
N SER A 82 19.55 23.96 -10.20
CA SER A 82 20.50 23.00 -10.73
C SER A 82 19.75 21.83 -11.38
N THR A 83 20.24 21.43 -12.54
CA THR A 83 19.64 20.33 -13.27
C THR A 83 20.01 18.99 -12.62
N SER A 84 21.24 18.92 -12.15
CA SER A 84 21.73 17.71 -11.50
C SER A 84 20.73 17.24 -10.45
N GLU A 85 20.07 18.22 -9.84
CA GLU A 85 19.09 17.92 -8.80
C GLU A 85 17.71 17.68 -9.43
N GLN A 86 17.48 18.37 -10.55
CA GLN A 86 16.22 18.25 -11.25
C GLN A 86 15.91 16.78 -11.53
N ARG A 87 16.69 16.20 -12.43
CA ARG A 87 16.51 14.80 -12.80
C ARG A 87 16.47 13.93 -11.55
N GLN A 88 17.43 14.18 -10.67
CA GLN A 88 17.52 13.42 -9.43
C GLN A 88 16.17 13.42 -8.70
N GLN A 89 15.45 14.53 -8.87
CA GLN A 89 14.15 14.68 -8.24
C GLN A 89 13.13 13.76 -8.91
N ARG A 90 12.84 14.06 -10.16
CA ARG A 90 11.87 13.28 -10.93
C ARG A 90 12.26 11.80 -10.89
N LEU A 91 13.56 11.56 -10.91
CA LEU A 91 14.08 10.20 -10.89
C LEU A 91 13.61 9.51 -9.61
N GLN A 92 13.75 10.23 -8.50
CA GLN A 92 13.35 9.70 -7.22
C GLN A 92 11.86 9.36 -7.22
N LYS A 93 11.08 10.29 -7.75
CA LYS A 93 9.64 10.11 -7.82
C LYS A 93 9.33 8.90 -8.70
N GLU A 94 9.91 8.91 -9.89
CA GLU A 94 9.71 7.82 -10.83
C GLU A 94 9.74 6.48 -10.11
N ARG A 95 10.84 6.22 -9.43
CA ARG A 95 11.01 4.99 -8.69
C ARG A 95 9.88 4.83 -7.67
N LEU A 96 9.67 5.89 -6.90
CA LEU A 96 8.64 5.89 -5.88
C LEU A 96 7.34 5.35 -6.48
N MET A 97 7.00 5.87 -7.65
CA MET A 97 5.79 5.45 -8.33
C MET A 97 5.79 3.94 -8.58
N ASN A 98 6.89 3.46 -9.14
CA ASN A 98 7.03 2.04 -9.42
C ASN A 98 7.03 1.27 -8.11
N ASP A 99 8.01 1.57 -7.27
CA ASP A 99 8.14 0.91 -5.98
C ASP A 99 6.75 0.73 -5.37
N PHE A 100 6.05 1.84 -5.23
CA PHE A 100 4.71 1.81 -4.66
C PHE A 100 3.83 0.79 -5.37
N SER A 101 3.75 0.92 -6.68
CA SER A 101 2.95 0.01 -7.48
C SER A 101 3.21 -1.43 -7.05
N ALA A 102 4.40 -1.91 -7.36
CA ALA A 102 4.79 -3.26 -7.00
C ALA A 102 4.15 -3.63 -5.66
N ALA A 103 4.16 -2.67 -4.75
CA ALA A 103 3.59 -2.88 -3.43
C ALA A 103 2.06 -2.81 -3.53
N LEU A 104 1.58 -1.72 -4.11
CA LEU A 104 0.16 -1.53 -4.26
C LEU A 104 -0.44 -2.71 -5.03
N ASN A 105 0.13 -2.97 -6.20
CA ASN A 105 -0.32 -4.06 -7.03
C ASN A 105 -0.50 -5.32 -6.17
N ASN A 106 0.48 -5.55 -5.31
CA ASN A 106 0.44 -6.71 -4.43
C ASN A 106 -0.88 -6.72 -3.67
N PHE A 107 -1.14 -5.62 -2.98
CA PHE A 107 -2.37 -5.49 -2.21
C PHE A 107 -3.60 -5.72 -3.09
N GLN A 108 -3.48 -5.25 -4.32
CA GLN A 108 -4.57 -5.39 -5.28
C GLN A 108 -4.85 -6.87 -5.55
N ALA A 109 -3.83 -7.56 -6.03
CA ALA A 109 -3.95 -8.97 -6.33
C ALA A 109 -4.43 -9.72 -5.08
N VAL A 110 -4.19 -9.10 -3.94
CA VAL A 110 -4.59 -9.70 -2.67
C VAL A 110 -6.03 -9.30 -2.35
N GLN A 111 -6.42 -8.14 -2.87
CA GLN A 111 -7.76 -7.63 -2.65
C GLN A 111 -8.77 -8.44 -3.47
N ARG A 112 -8.32 -8.86 -4.65
CA ARG A 112 -9.18 -9.64 -5.54
C ARG A 112 -9.17 -11.11 -5.11
N ARG A 113 -8.06 -11.53 -4.53
CA ARG A 113 -7.92 -12.90 -4.08
C ARG A 113 -8.65 -13.10 -2.76
N VAL A 114 -8.89 -11.98 -2.08
CA VAL A 114 -9.58 -12.01 -0.80
C VAL A 114 -11.09 -12.13 -1.03
N SER A 115 -11.60 -11.22 -1.86
CA SER A 115 -13.01 -11.20 -2.16
C SER A 115 -13.49 -12.61 -2.54
N GLU A 116 -12.71 -13.25 -3.39
CA GLU A 116 -13.03 -14.59 -3.84
C GLU A 116 -13.24 -15.51 -2.63
N LYS A 117 -12.23 -15.55 -1.78
CA LYS A 117 -12.30 -16.38 -0.58
C LYS A 117 -13.64 -16.16 0.12
N GLU A 118 -14.05 -14.89 0.15
CA GLU A 118 -15.31 -14.53 0.78
C GLU A 118 -16.48 -14.93 -0.10
N LYS A 119 -16.22 -15.00 -1.40
CA LYS A 119 -17.25 -15.37 -2.36
C LYS A 119 -17.50 -16.87 -2.27
N GLU A 120 -16.51 -17.59 -1.76
CA GLU A 120 -16.61 -19.03 -1.62
C GLU A 120 -17.36 -19.38 -0.32
N SER A 121 -17.08 -18.58 0.71
CA SER A 121 -17.71 -18.80 2.00
C SER A 121 -19.22 -18.65 1.88
N ILE A 122 -19.64 -17.48 1.40
CA ILE A 122 -21.06 -17.20 1.24
C ILE A 122 -21.65 -18.21 0.24
N ALA A 123 -20.82 -18.66 -0.68
CA ALA A 123 -21.24 -19.62 -1.67
C ALA A 123 -21.68 -20.91 -0.98
N ARG A 124 -20.76 -21.86 -0.93
CA ARG A 124 -21.05 -23.14 -0.31
C ARG A 124 -19.94 -23.50 0.70
N SER A 125 -18.76 -23.72 0.16
CA SER A 125 -17.61 -24.07 0.99
C SER A 125 -17.92 -25.33 1.80
N GLY A 126 -17.26 -26.42 1.41
CA GLY A 126 -17.46 -27.69 2.09
C GLY A 126 -18.86 -28.24 1.84
N PRO A 127 -19.39 -28.98 2.85
CA PRO A 127 -20.71 -29.56 2.74
C PRO A 127 -21.80 -28.50 2.90
N SER A 128 -23.04 -28.94 2.79
CA SER A 128 -24.18 -28.04 2.92
C SER A 128 -25.47 -28.85 3.03
N SER A 129 -25.72 -29.35 4.23
CA SER A 129 -26.92 -30.14 4.48
C SER A 129 -27.93 -29.31 5.27
N GLY A 130 -28.75 -28.58 4.53
CA GLY A 130 -29.77 -27.74 5.15
C GLY A 130 -30.71 -27.16 4.09
N GLY A 1 17.85 8.72 -3.20
CA GLY A 1 19.20 8.62 -2.68
C GLY A 1 19.23 8.79 -1.16
N SER A 2 20.43 8.71 -0.61
CA SER A 2 20.61 8.86 0.82
C SER A 2 20.52 10.34 1.21
N SER A 3 19.35 10.71 1.72
CA SER A 3 19.11 12.08 2.12
C SER A 3 17.69 12.25 2.63
N GLY A 4 17.52 13.21 3.52
CA GLY A 4 16.21 13.48 4.10
C GLY A 4 16.32 14.41 5.30
N SER A 5 15.15 14.86 5.76
CA SER A 5 15.10 15.75 6.92
C SER A 5 13.86 15.45 7.75
N SER A 6 13.82 16.08 8.92
CA SER A 6 12.69 15.89 9.82
C SER A 6 12.32 17.22 10.48
N GLY A 7 11.01 17.42 10.61
CA GLY A 7 10.52 18.65 11.22
C GLY A 7 10.57 19.81 10.23
N GLN A 8 9.54 19.87 9.39
CA GLN A 8 9.45 20.93 8.40
C GLN A 8 8.22 20.72 7.50
N LEU A 9 7.91 21.75 6.72
CA LEU A 9 6.77 21.68 5.84
C LEU A 9 6.85 20.41 4.99
N ARG A 10 5.78 20.16 4.25
CA ARG A 10 5.71 18.99 3.41
C ARG A 10 6.68 19.12 2.23
N ASP A 11 7.96 19.01 2.55
CA ASP A 11 9.00 19.11 1.54
C ASP A 11 9.13 17.78 0.81
N PHE A 12 9.54 17.87 -0.45
CA PHE A 12 9.71 16.67 -1.27
C PHE A 12 10.20 15.50 -0.43
N SER A 13 11.38 15.69 0.16
CA SER A 13 11.96 14.65 0.99
C SER A 13 10.96 14.19 2.06
N SER A 14 10.33 15.17 2.69
CA SER A 14 9.34 14.87 3.71
C SER A 14 8.22 14.01 3.13
N ILE A 15 8.00 14.18 1.84
CA ILE A 15 6.96 13.42 1.16
C ILE A 15 7.53 12.08 0.70
N ILE A 16 8.81 12.10 0.35
CA ILE A 16 9.49 10.90 -0.11
C ILE A 16 9.39 9.83 0.97
N GLN A 17 10.06 10.08 2.08
CA GLN A 17 10.06 9.15 3.18
C GLN A 17 8.67 8.54 3.37
N THR A 18 7.70 9.40 3.60
CA THR A 18 6.32 8.97 3.79
C THR A 18 5.90 8.04 2.65
N CYS A 19 6.26 8.44 1.44
CA CYS A 19 5.92 7.65 0.27
C CYS A 19 6.60 6.29 0.39
N SER A 20 7.89 6.33 0.66
CA SER A 20 8.66 5.11 0.81
C SER A 20 8.04 4.22 1.89
N GLY A 21 8.03 4.74 3.10
CA GLY A 21 7.46 4.01 4.23
C GLY A 21 6.10 3.40 3.86
N ASN A 22 5.19 4.28 3.47
CA ASN A 22 3.86 3.85 3.09
C ASN A 22 3.96 2.58 2.24
N ILE A 23 4.67 2.69 1.14
CA ILE A 23 4.85 1.57 0.23
C ILE A 23 5.12 0.30 1.05
N GLN A 24 6.20 0.35 1.82
CA GLN A 24 6.58 -0.77 2.65
C GLN A 24 5.34 -1.38 3.31
N ARG A 25 4.69 -0.57 4.13
CA ARG A 25 3.50 -1.02 4.83
C ARG A 25 2.55 -1.72 3.86
N ILE A 26 2.19 -1.01 2.81
CA ILE A 26 1.29 -1.55 1.81
C ILE A 26 1.67 -3.01 1.52
N SER A 27 2.94 -3.19 1.19
CA SER A 27 3.45 -4.51 0.89
C SER A 27 3.39 -5.40 2.14
N GLN A 28 3.62 -4.77 3.28
CA GLN A 28 3.60 -5.49 4.54
C GLN A 28 2.19 -6.04 4.81
N ALA A 29 1.26 -5.12 5.01
CA ALA A 29 -0.11 -5.50 5.27
C ALA A 29 -0.56 -6.57 4.27
N THR A 30 -0.16 -6.35 3.02
CA THR A 30 -0.49 -7.28 1.97
C THR A 30 0.03 -8.68 2.29
N ALA A 31 1.16 -8.70 2.98
CA ALA A 31 1.79 -9.96 3.35
C ALA A 31 0.98 -10.60 4.49
N GLN A 32 0.54 -9.75 5.41
CA GLN A 32 -0.24 -10.22 6.54
C GLN A 32 -1.48 -10.97 6.06
N ILE A 33 -2.14 -10.40 5.07
CA ILE A 33 -3.34 -10.99 4.51
C ILE A 33 -2.99 -12.36 3.91
N LYS A 34 -1.87 -12.39 3.21
CA LYS A 34 -1.41 -13.61 2.58
C LYS A 34 -1.05 -14.63 3.67
N ASN A 35 -0.51 -14.11 4.78
CA ASN A 35 -0.12 -14.96 5.88
C ASN A 35 -1.38 -15.44 6.62
N LEU A 36 -2.26 -14.49 6.90
CA LEU A 36 -3.49 -14.81 7.59
C LEU A 36 -4.42 -15.59 6.67
N MET A 37 -4.05 -15.59 5.39
CA MET A 37 -4.84 -16.29 4.39
C MET A 37 -4.85 -17.80 4.66
N SER A 38 -3.68 -18.41 4.50
CA SER A 38 -3.55 -19.84 4.72
C SER A 38 -4.38 -20.26 5.94
N GLN A 39 -4.20 -19.52 7.02
CA GLN A 39 -4.91 -19.80 8.25
C GLN A 39 -6.37 -20.17 7.94
N LEU A 40 -7.10 -19.20 7.42
CA LEU A 40 -8.49 -19.42 7.07
C LEU A 40 -8.66 -20.80 6.44
N GLY A 41 -7.66 -21.16 5.64
CA GLY A 41 -7.69 -22.45 4.97
C GLY A 41 -6.98 -23.52 5.82
N THR A 42 -7.36 -23.58 7.08
CA THR A 42 -6.78 -24.53 8.00
C THR A 42 -7.69 -24.75 9.21
N LYS A 43 -8.10 -23.64 9.80
CA LYS A 43 -8.97 -23.69 10.97
C LYS A 43 -10.39 -23.29 10.55
N GLN A 44 -11.29 -23.35 11.52
CA GLN A 44 -12.68 -23.01 11.27
C GLN A 44 -12.76 -21.71 10.45
N ASP A 45 -12.36 -20.63 11.11
CA ASP A 45 -12.39 -19.32 10.46
C ASP A 45 -11.77 -18.28 11.40
N SER A 46 -12.22 -18.30 12.64
CA SER A 46 -11.71 -17.38 13.65
C SER A 46 -12.12 -15.95 13.29
N SER A 47 -12.74 -15.29 14.25
CA SER A 47 -13.18 -13.91 14.05
C SER A 47 -11.98 -12.97 14.06
N LYS A 48 -11.11 -13.18 15.04
CA LYS A 48 -9.92 -12.36 15.18
C LYS A 48 -9.16 -12.35 13.85
N LEU A 49 -9.31 -13.44 13.11
CA LEU A 49 -8.64 -13.57 11.83
C LEU A 49 -9.24 -12.55 10.85
N GLN A 50 -10.45 -12.83 10.42
CA GLN A 50 -11.14 -11.95 9.49
C GLN A 50 -10.99 -10.49 9.93
N GLU A 51 -11.29 -10.25 11.18
CA GLU A 51 -11.20 -8.90 11.73
C GLU A 51 -9.80 -8.33 11.48
N ASN A 52 -8.83 -9.23 11.39
CA ASN A 52 -7.46 -8.83 11.16
C ASN A 52 -7.28 -8.51 9.67
N LEU A 53 -7.75 -9.41 8.84
CA LEU A 53 -7.65 -9.24 7.39
C LEU A 53 -8.18 -7.85 7.02
N GLN A 54 -9.45 -7.64 7.31
CA GLN A 54 -10.08 -6.36 7.00
C GLN A 54 -9.20 -5.21 7.47
N GLN A 55 -9.04 -5.11 8.77
CA GLN A 55 -8.23 -4.06 9.36
C GLN A 55 -6.96 -3.84 8.53
N LEU A 56 -6.26 -4.94 8.29
CA LEU A 56 -5.03 -4.89 7.51
C LEU A 56 -5.32 -4.22 6.16
N GLN A 57 -6.24 -4.83 5.42
CA GLN A 57 -6.60 -4.29 4.12
C GLN A 57 -6.89 -2.80 4.21
N HIS A 58 -7.91 -2.48 5.01
CA HIS A 58 -8.30 -1.09 5.19
C HIS A 58 -7.06 -0.23 5.40
N SER A 59 -6.29 -0.59 6.41
CA SER A 59 -5.07 0.14 6.73
C SER A 59 -4.33 0.51 5.43
N THR A 60 -3.96 -0.53 4.69
CA THR A 60 -3.26 -0.33 3.44
C THR A 60 -4.09 0.51 2.47
N ASN A 61 -5.39 0.21 2.46
CA ASN A 61 -6.31 0.93 1.59
C ASN A 61 -6.04 2.43 1.70
N GLN A 62 -6.22 2.95 2.91
CA GLN A 62 -6.00 4.36 3.16
C GLN A 62 -4.57 4.76 2.75
N LEU A 63 -3.61 4.07 3.35
CA LEU A 63 -2.22 4.35 3.07
C LEU A 63 -2.05 4.63 1.57
N ALA A 64 -2.60 3.73 0.76
CA ALA A 64 -2.52 3.87 -0.68
C ALA A 64 -3.12 5.21 -1.09
N LYS A 65 -4.35 5.44 -0.63
CA LYS A 65 -5.04 6.68 -0.95
C LYS A 65 -4.09 7.86 -0.73
N GLU A 66 -3.38 7.80 0.38
CA GLU A 66 -2.44 8.86 0.72
C GLU A 66 -1.22 8.80 -0.21
N THR A 67 -0.66 7.60 -0.32
CA THR A 67 0.51 7.41 -1.17
C THR A 67 0.27 8.02 -2.55
N ASN A 68 -0.81 7.60 -3.19
CA ASN A 68 -1.16 8.10 -4.51
C ASN A 68 -1.30 9.62 -4.45
N GLU A 69 -1.91 10.08 -3.35
CA GLU A 69 -2.12 11.50 -3.17
C GLU A 69 -0.78 12.22 -3.05
N LEU A 70 0.13 11.60 -2.31
CA LEU A 70 1.46 12.18 -2.11
C LEU A 70 2.22 12.13 -3.43
N LEU A 71 2.20 10.97 -4.05
CA LEU A 71 2.89 10.78 -5.32
C LEU A 71 2.43 11.85 -6.31
N LYS A 72 1.26 12.41 -6.02
CA LYS A 72 0.70 13.45 -6.88
C LYS A 72 1.19 14.81 -6.41
N GLU A 73 1.31 14.94 -5.10
CA GLU A 73 1.77 16.20 -4.50
C GLU A 73 3.29 16.32 -4.65
N LEU A 74 3.94 15.17 -4.79
CA LEU A 74 5.38 15.14 -4.94
C LEU A 74 5.77 15.86 -6.23
N GLY A 75 5.40 15.24 -7.35
CA GLY A 75 5.69 15.81 -8.65
C GLY A 75 5.15 17.23 -8.78
N SER A 76 4.11 17.50 -8.00
CA SER A 76 3.48 18.81 -8.00
C SER A 76 4.50 19.88 -7.61
N LEU A 77 5.32 19.53 -6.63
CA LEU A 77 6.34 20.44 -6.13
C LEU A 77 7.09 21.03 -7.33
N PRO A 78 7.71 22.22 -7.09
CA PRO A 78 8.47 22.90 -8.12
C PRO A 78 9.81 22.21 -8.36
N LEU A 79 10.68 22.91 -9.08
CA LEU A 79 12.00 22.37 -9.39
C LEU A 79 13.07 23.34 -8.87
N PRO A 80 14.20 22.75 -8.41
CA PRO A 80 15.30 23.54 -7.89
C PRO A 80 16.08 24.22 -9.02
N LEU A 81 16.93 25.16 -8.65
CA LEU A 81 17.73 25.87 -9.62
C LEU A 81 18.78 24.93 -10.22
N SER A 82 19.21 23.99 -9.40
CA SER A 82 20.21 23.02 -9.83
C SER A 82 19.51 21.84 -10.54
N THR A 83 20.21 21.29 -11.51
CA THR A 83 19.68 20.17 -12.27
C THR A 83 19.92 18.86 -11.52
N SER A 84 21.13 18.72 -11.00
CA SER A 84 21.51 17.53 -10.26
C SER A 84 20.36 17.11 -9.35
N GLU A 85 19.65 18.10 -8.83
CA GLU A 85 18.52 17.85 -7.95
C GLU A 85 17.26 17.52 -8.77
N GLN A 86 17.07 18.29 -9.82
CA GLN A 86 15.92 18.11 -10.69
C GLN A 86 15.76 16.62 -11.04
N ARG A 87 16.88 16.01 -11.40
CA ARG A 87 16.87 14.60 -11.77
C ARG A 87 16.57 13.74 -10.54
N GLN A 88 17.46 13.84 -9.55
CA GLN A 88 17.30 13.08 -8.32
C GLN A 88 15.85 13.15 -7.83
N GLN A 89 15.20 14.25 -8.18
CA GLN A 89 13.81 14.45 -7.79
C GLN A 89 12.90 13.49 -8.57
N ARG A 90 12.80 13.74 -9.86
CA ARG A 90 11.98 12.90 -10.73
C ARG A 90 12.42 11.44 -10.64
N LEU A 91 13.73 11.25 -10.53
CA LEU A 91 14.29 9.92 -10.44
C LEU A 91 13.64 9.18 -9.28
N GLN A 92 13.74 9.78 -8.10
CA GLN A 92 13.17 9.18 -6.91
C GLN A 92 11.69 8.86 -7.13
N LYS A 93 10.93 9.89 -7.44
CA LYS A 93 9.50 9.73 -7.69
C LYS A 93 9.29 8.57 -8.66
N GLU A 94 9.97 8.65 -9.80
CA GLU A 94 9.86 7.63 -10.81
C GLU A 94 9.87 6.23 -10.17
N ARG A 95 10.94 5.99 -9.42
CA ARG A 95 11.10 4.71 -8.74
C ARG A 95 9.95 4.48 -7.77
N LEU A 96 9.61 5.54 -7.05
CA LEU A 96 8.53 5.47 -6.07
C LEU A 96 7.24 5.04 -6.78
N MET A 97 6.95 5.72 -7.88
CA MET A 97 5.76 5.42 -8.65
C MET A 97 5.70 3.94 -9.00
N ASN A 98 6.85 3.40 -9.35
CA ASN A 98 6.94 1.99 -9.72
C ASN A 98 6.94 1.14 -8.44
N ASP A 99 7.97 1.34 -7.63
CA ASP A 99 8.10 0.61 -6.39
C ASP A 99 6.72 0.45 -5.73
N PHE A 100 6.05 1.59 -5.59
CA PHE A 100 4.72 1.59 -4.98
C PHE A 100 3.80 0.58 -5.67
N SER A 101 3.71 0.73 -6.99
CA SER A 101 2.87 -0.17 -7.78
C SER A 101 3.10 -1.62 -7.34
N ALA A 102 4.28 -2.12 -7.67
CA ALA A 102 4.62 -3.49 -7.31
C ALA A 102 4.00 -3.84 -5.96
N ALA A 103 4.06 -2.87 -5.05
CA ALA A 103 3.52 -3.07 -3.72
C ALA A 103 1.99 -2.96 -3.78
N LEU A 104 1.54 -1.87 -4.37
CA LEU A 104 0.11 -1.64 -4.51
C LEU A 104 -0.53 -2.80 -5.26
N ASN A 105 0.00 -3.05 -6.45
CA ASN A 105 -0.51 -4.14 -7.29
C ASN A 105 -0.68 -5.40 -6.43
N ASN A 106 0.33 -5.65 -5.60
CA ASN A 106 0.31 -6.82 -4.73
C ASN A 106 -1.01 -6.83 -3.94
N PHE A 107 -1.23 -5.76 -3.20
CA PHE A 107 -2.43 -5.63 -2.40
C PHE A 107 -3.68 -5.83 -3.26
N GLN A 108 -3.60 -5.34 -4.49
CA GLN A 108 -4.71 -5.45 -5.41
C GLN A 108 -5.00 -6.93 -5.73
N ALA A 109 -3.96 -7.62 -6.15
CA ALA A 109 -4.08 -9.03 -6.48
C ALA A 109 -4.55 -9.81 -5.25
N VAL A 110 -4.31 -9.20 -4.08
CA VAL A 110 -4.70 -9.81 -2.83
C VAL A 110 -6.14 -9.42 -2.49
N GLN A 111 -6.50 -8.23 -2.93
CA GLN A 111 -7.84 -7.71 -2.69
C GLN A 111 -8.87 -8.54 -3.48
N ARG A 112 -8.47 -8.96 -4.66
CA ARG A 112 -9.35 -9.75 -5.52
C ARG A 112 -9.37 -11.20 -5.04
N ARG A 113 -8.26 -11.62 -4.46
CA ARG A 113 -8.15 -12.98 -3.95
C ARG A 113 -8.85 -13.11 -2.60
N VAL A 114 -8.85 -12.01 -1.87
CA VAL A 114 -9.49 -11.99 -0.56
C VAL A 114 -11.01 -12.12 -0.73
N SER A 115 -11.56 -11.20 -1.52
CA SER A 115 -12.98 -11.20 -1.78
C SER A 115 -13.46 -12.61 -2.16
N GLU A 116 -12.78 -13.18 -3.14
CA GLU A 116 -13.11 -14.52 -3.61
C GLU A 116 -13.16 -15.50 -2.42
N LYS A 117 -12.12 -15.43 -1.61
CA LYS A 117 -12.02 -16.29 -0.44
C LYS A 117 -13.28 -16.13 0.41
N GLU A 118 -13.54 -14.89 0.80
CA GLU A 118 -14.71 -14.60 1.61
C GLU A 118 -15.99 -14.94 0.85
N LYS A 119 -15.82 -15.17 -0.45
CA LYS A 119 -16.96 -15.50 -1.30
C LYS A 119 -17.15 -17.02 -1.31
N GLU A 120 -16.06 -17.72 -1.53
CA GLU A 120 -16.08 -19.17 -1.57
C GLU A 120 -16.57 -19.73 -0.23
N SER A 121 -16.16 -19.06 0.83
CA SER A 121 -16.54 -19.48 2.17
C SER A 121 -18.07 -19.63 2.26
N ILE A 122 -18.75 -18.51 2.03
CA ILE A 122 -20.20 -18.52 2.08
C ILE A 122 -20.74 -19.30 0.89
N ALA A 123 -20.37 -18.85 -0.29
CA ALA A 123 -20.81 -19.51 -1.51
C ALA A 123 -22.34 -19.55 -1.54
N ARG A 124 -22.87 -20.08 -2.64
CA ARG A 124 -24.30 -20.19 -2.80
C ARG A 124 -24.94 -20.72 -1.51
N SER A 125 -24.51 -21.92 -1.12
CA SER A 125 -25.04 -22.53 0.08
C SER A 125 -25.20 -21.50 1.19
N GLY A 126 -26.44 -21.11 1.42
CA GLY A 126 -26.74 -20.12 2.45
C GLY A 126 -27.51 -18.95 1.85
N PRO A 127 -28.16 -18.17 2.76
CA PRO A 127 -28.94 -17.01 2.35
C PRO A 127 -28.03 -15.86 1.96
N SER A 128 -28.06 -15.52 0.67
CA SER A 128 -27.25 -14.44 0.16
C SER A 128 -27.56 -14.22 -1.33
N SER A 129 -27.30 -15.26 -2.12
CA SER A 129 -27.56 -15.19 -3.54
C SER A 129 -28.61 -16.22 -3.94
N GLY A 130 -28.42 -17.43 -3.45
CA GLY A 130 -29.35 -18.51 -3.74
C GLY A 130 -30.80 -18.00 -3.76
N GLY A 1 13.32 6.69 0.87
CA GLY A 1 14.29 7.28 -0.04
C GLY A 1 15.61 7.56 0.69
N SER A 2 15.54 8.47 1.65
CA SER A 2 16.72 8.82 2.41
C SER A 2 16.63 8.25 3.82
N SER A 3 17.78 8.16 4.48
CA SER A 3 17.85 7.62 5.83
C SER A 3 17.84 8.77 6.85
N GLY A 4 16.71 8.87 7.55
CA GLY A 4 16.56 9.91 8.55
C GLY A 4 15.09 10.04 8.99
N SER A 5 14.80 11.15 9.65
CA SER A 5 13.45 11.40 10.12
C SER A 5 13.39 12.78 10.80
N SER A 6 12.34 13.51 10.47
CA SER A 6 12.14 14.83 11.03
C SER A 6 10.77 15.38 10.62
N GLY A 7 10.11 16.02 11.58
CA GLY A 7 8.80 16.59 11.34
C GLY A 7 8.91 18.01 10.77
N GLN A 8 8.24 18.23 9.65
CA GLN A 8 8.26 19.52 8.99
C GLN A 8 7.12 19.61 7.96
N LEU A 9 7.12 20.72 7.23
CA LEU A 9 6.11 20.94 6.22
C LEU A 9 6.14 19.79 5.21
N ARG A 10 5.30 19.91 4.19
CA ARG A 10 5.22 18.90 3.16
C ARG A 10 6.39 19.05 2.18
N ASP A 11 7.58 18.80 2.70
CA ASP A 11 8.79 18.91 1.89
C ASP A 11 8.99 17.60 1.12
N PHE A 12 9.62 17.73 -0.04
CA PHE A 12 9.88 16.57 -0.88
C PHE A 12 10.32 15.37 -0.04
N SER A 13 11.38 15.57 0.72
CA SER A 13 11.90 14.52 1.58
C SER A 13 10.83 14.06 2.57
N SER A 14 9.98 15.02 2.95
CA SER A 14 8.91 14.72 3.88
C SER A 14 7.81 13.91 3.19
N ILE A 15 7.53 14.30 1.95
CA ILE A 15 6.51 13.62 1.17
C ILE A 15 7.03 12.24 0.74
N ILE A 16 8.30 12.22 0.36
CA ILE A 16 8.92 10.99 -0.08
C ILE A 16 8.90 9.98 1.07
N GLN A 17 9.61 10.31 2.13
CA GLN A 17 9.69 9.44 3.29
C GLN A 17 8.32 8.81 3.56
N THR A 18 7.31 9.66 3.64
CA THR A 18 5.96 9.19 3.89
C THR A 18 5.55 8.16 2.84
N CYS A 19 5.90 8.44 1.61
CA CYS A 19 5.58 7.54 0.51
C CYS A 19 6.29 6.21 0.76
N SER A 20 7.61 6.29 0.83
CA SER A 20 8.41 5.10 1.05
C SER A 20 7.78 4.23 2.15
N GLY A 21 7.64 4.84 3.33
CA GLY A 21 7.05 4.14 4.46
C GLY A 21 5.73 3.48 4.07
N ASN A 22 4.82 4.30 3.58
CA ASN A 22 3.51 3.81 3.16
C ASN A 22 3.68 2.51 2.38
N ILE A 23 4.44 2.60 1.30
CA ILE A 23 4.70 1.45 0.45
C ILE A 23 4.98 0.23 1.34
N GLN A 24 6.04 0.35 2.13
CA GLN A 24 6.43 -0.74 3.02
C GLN A 24 5.19 -1.34 3.69
N ARG A 25 4.46 -0.49 4.40
CA ARG A 25 3.26 -0.93 5.09
C ARG A 25 2.32 -1.64 4.12
N ILE A 26 2.01 -0.95 3.03
CA ILE A 26 1.12 -1.50 2.02
C ILE A 26 1.52 -2.95 1.73
N SER A 27 2.77 -3.11 1.31
CA SER A 27 3.29 -4.43 1.01
C SER A 27 3.26 -5.31 2.26
N GLN A 28 3.65 -4.71 3.37
CA GLN A 28 3.67 -5.43 4.65
C GLN A 28 2.30 -6.01 4.95
N ALA A 29 1.35 -5.12 5.19
CA ALA A 29 -0.02 -5.53 5.48
C ALA A 29 -0.46 -6.59 4.47
N THR A 30 -0.07 -6.36 3.23
CA THR A 30 -0.42 -7.29 2.16
C THR A 30 0.21 -8.66 2.41
N ALA A 31 1.38 -8.63 3.03
CA ALA A 31 2.09 -9.86 3.33
C ALA A 31 1.33 -10.64 4.41
N GLN A 32 0.81 -9.89 5.38
CA GLN A 32 0.07 -10.50 6.47
C GLN A 32 -1.21 -11.15 5.94
N ILE A 33 -1.95 -10.39 5.15
CA ILE A 33 -3.19 -10.89 4.57
C ILE A 33 -2.93 -12.26 3.94
N LYS A 34 -1.72 -12.41 3.40
CA LYS A 34 -1.33 -13.66 2.76
C LYS A 34 -0.97 -14.69 3.84
N ASN A 35 -0.44 -14.18 4.94
CA ASN A 35 -0.04 -15.04 6.03
C ASN A 35 -1.29 -15.51 6.79
N LEU A 36 -2.19 -14.55 7.02
CA LEU A 36 -3.42 -14.85 7.72
C LEU A 36 -4.35 -15.65 6.80
N MET A 37 -4.12 -15.50 5.51
CA MET A 37 -4.92 -16.21 4.52
C MET A 37 -4.93 -17.72 4.80
N SER A 38 -3.74 -18.29 4.82
CA SER A 38 -3.60 -19.71 5.06
C SER A 38 -4.59 -20.15 6.14
N GLN A 39 -4.53 -19.47 7.27
CA GLN A 39 -5.42 -19.78 8.38
C GLN A 39 -6.84 -20.07 7.88
N LEU A 40 -7.44 -19.03 7.31
CA LEU A 40 -8.79 -19.15 6.78
C LEU A 40 -8.94 -20.49 6.07
N GLY A 41 -7.84 -20.94 5.49
CA GLY A 41 -7.82 -22.20 4.77
C GLY A 41 -8.44 -23.32 5.61
N THR A 42 -7.71 -23.69 6.66
CA THR A 42 -8.16 -24.74 7.56
C THR A 42 -9.62 -24.51 7.95
N LYS A 43 -10.29 -25.59 8.31
CA LYS A 43 -11.68 -25.53 8.71
C LYS A 43 -11.83 -24.55 9.88
N GLN A 44 -13.01 -23.98 9.99
CA GLN A 44 -13.29 -23.03 11.05
C GLN A 44 -12.39 -21.79 10.91
N ASP A 45 -12.95 -20.65 11.28
CA ASP A 45 -12.21 -19.41 11.20
C ASP A 45 -12.29 -18.68 12.54
N SER A 46 -11.64 -17.54 12.61
CA SER A 46 -11.63 -16.75 13.83
C SER A 46 -11.77 -15.26 13.49
N SER A 47 -12.54 -14.57 14.32
CA SER A 47 -12.77 -13.15 14.12
C SER A 47 -11.44 -12.39 14.21
N LYS A 48 -10.58 -12.87 15.08
CA LYS A 48 -9.28 -12.25 15.27
C LYS A 48 -8.62 -12.02 13.91
N LEU A 49 -8.82 -12.98 13.02
CA LEU A 49 -8.27 -12.90 11.69
C LEU A 49 -9.15 -11.99 10.82
N GLN A 50 -10.38 -12.44 10.62
CA GLN A 50 -11.33 -11.68 9.82
C GLN A 50 -11.16 -10.19 10.07
N GLU A 51 -10.88 -9.85 11.32
CA GLU A 51 -10.68 -8.47 11.70
C GLU A 51 -9.32 -7.96 11.22
N ASN A 52 -8.30 -8.75 11.52
CA ASN A 52 -6.95 -8.40 11.13
C ASN A 52 -6.89 -8.24 9.61
N LEU A 53 -7.53 -9.17 8.93
CA LEU A 53 -7.55 -9.15 7.47
C LEU A 53 -8.06 -7.80 7.00
N GLN A 54 -9.26 -7.45 7.44
CA GLN A 54 -9.87 -6.20 7.07
C GLN A 54 -8.97 -5.03 7.47
N GLN A 55 -8.79 -4.89 8.77
CA GLN A 55 -7.95 -3.83 9.30
C GLN A 55 -6.67 -3.69 8.48
N LEU A 56 -6.07 -4.84 8.18
CA LEU A 56 -4.85 -4.87 7.41
C LEU A 56 -5.11 -4.23 6.04
N GLN A 57 -6.25 -4.58 5.46
CA GLN A 57 -6.63 -4.05 4.16
C GLN A 57 -6.91 -2.55 4.25
N HIS A 58 -7.84 -2.22 5.14
CA HIS A 58 -8.21 -0.82 5.33
C HIS A 58 -6.95 0.03 5.45
N SER A 59 -6.17 -0.27 6.48
CA SER A 59 -4.94 0.45 6.73
C SER A 59 -4.20 0.69 5.42
N THR A 60 -4.02 -0.38 4.66
CA THR A 60 -3.34 -0.30 3.38
C THR A 60 -4.17 0.54 2.40
N ASN A 61 -5.47 0.34 2.45
CA ASN A 61 -6.36 1.07 1.57
C ASN A 61 -6.02 2.56 1.59
N GLN A 62 -5.96 3.10 2.81
CA GLN A 62 -5.64 4.50 2.98
C GLN A 62 -4.19 4.77 2.56
N LEU A 63 -3.27 4.07 3.21
CA LEU A 63 -1.86 4.23 2.91
C LEU A 63 -1.68 4.39 1.40
N ALA A 64 -2.35 3.53 0.65
CA ALA A 64 -2.27 3.58 -0.80
C ALA A 64 -2.80 4.93 -1.29
N LYS A 65 -4.10 5.11 -1.10
CA LYS A 65 -4.74 6.35 -1.52
C LYS A 65 -3.85 7.54 -1.13
N GLU A 66 -3.30 7.44 0.07
CA GLU A 66 -2.43 8.50 0.58
C GLU A 66 -1.25 8.72 -0.38
N THR A 67 -0.63 7.61 -0.75
CA THR A 67 0.51 7.67 -1.65
C THR A 67 0.19 8.52 -2.88
N ASN A 68 -0.89 8.15 -3.55
CA ASN A 68 -1.32 8.87 -4.73
C ASN A 68 -1.28 10.37 -4.45
N GLU A 69 -1.92 10.76 -3.35
CA GLU A 69 -1.96 12.16 -2.96
C GLU A 69 -0.54 12.70 -2.77
N LEU A 70 0.24 11.94 -1.99
CA LEU A 70 1.61 12.34 -1.73
C LEU A 70 2.37 12.49 -3.05
N LEU A 71 2.25 11.47 -3.88
CA LEU A 71 2.93 11.48 -5.18
C LEU A 71 2.57 12.77 -5.91
N LYS A 72 1.33 13.19 -5.76
CA LYS A 72 0.86 14.41 -6.41
C LYS A 72 1.68 15.60 -5.88
N GLU A 73 1.84 15.63 -4.57
CA GLU A 73 2.59 16.70 -3.94
C GLU A 73 4.03 16.72 -4.45
N LEU A 74 4.66 15.55 -4.39
CA LEU A 74 6.03 15.42 -4.85
C LEU A 74 6.21 16.22 -6.16
N GLY A 75 5.47 15.79 -7.17
CA GLY A 75 5.54 16.45 -8.47
C GLY A 75 5.10 17.91 -8.37
N SER A 76 4.24 18.16 -7.40
CA SER A 76 3.73 19.52 -7.18
C SER A 76 4.87 20.44 -6.76
N LEU A 77 5.72 19.92 -5.88
CA LEU A 77 6.85 20.69 -5.39
C LEU A 77 7.58 21.33 -6.58
N PRO A 78 8.25 22.48 -6.29
CA PRO A 78 8.99 23.19 -7.32
C PRO A 78 10.29 22.46 -7.65
N LEU A 79 10.94 22.93 -8.72
CA LEU A 79 12.18 22.34 -9.17
C LEU A 79 13.33 23.28 -8.80
N PRO A 80 14.51 22.66 -8.51
CA PRO A 80 15.69 23.42 -8.14
C PRO A 80 16.31 24.09 -9.37
N LEU A 81 17.23 25.02 -9.10
CA LEU A 81 17.89 25.73 -10.17
C LEU A 81 18.86 24.79 -10.89
N SER A 82 19.41 23.85 -10.12
CA SER A 82 20.34 22.89 -10.66
C SER A 82 19.58 21.72 -11.28
N THR A 83 20.15 21.18 -12.35
CA THR A 83 19.55 20.06 -13.04
C THR A 83 19.87 18.74 -12.32
N SER A 84 21.13 18.61 -11.95
CA SER A 84 21.58 17.41 -11.26
C SER A 84 20.57 17.00 -10.20
N GLU A 85 19.93 18.00 -9.62
CA GLU A 85 18.92 17.76 -8.60
C GLU A 85 17.57 17.46 -9.24
N GLN A 86 17.27 18.20 -10.29
CA GLN A 86 16.01 18.03 -11.01
C GLN A 86 15.77 16.54 -11.29
N ARG A 87 16.73 15.95 -11.99
CA ARG A 87 16.64 14.53 -12.34
C ARG A 87 16.47 13.69 -11.08
N GLN A 88 17.41 13.85 -10.16
CA GLN A 88 17.38 13.11 -8.91
C GLN A 88 15.98 13.19 -8.28
N GLN A 89 15.35 14.35 -8.47
CA GLN A 89 14.02 14.56 -7.93
C GLN A 89 13.01 13.66 -8.65
N ARG A 90 12.78 13.97 -9.91
CA ARG A 90 11.83 13.21 -10.71
C ARG A 90 12.16 11.71 -10.63
N LEU A 91 13.46 11.43 -10.62
CA LEU A 91 13.92 10.05 -10.55
C LEU A 91 13.39 9.41 -9.27
N GLN A 92 13.60 10.11 -8.16
CA GLN A 92 13.15 9.62 -6.87
C GLN A 92 11.66 9.30 -6.91
N LYS A 93 10.92 10.16 -7.58
CA LYS A 93 9.48 9.98 -7.70
C LYS A 93 9.20 8.79 -8.61
N GLU A 94 9.81 8.84 -9.79
CA GLU A 94 9.63 7.76 -10.77
C GLU A 94 9.70 6.40 -10.08
N ARG A 95 10.69 6.26 -9.21
CA ARG A 95 10.87 5.02 -8.48
C ARG A 95 9.74 4.82 -7.47
N LEU A 96 9.35 5.93 -6.84
CA LEU A 96 8.29 5.89 -5.86
C LEU A 96 7.02 5.30 -6.50
N MET A 97 6.79 5.70 -7.74
CA MET A 97 5.62 5.23 -8.47
C MET A 97 5.71 3.72 -8.73
N ASN A 98 6.82 3.31 -9.34
CA ASN A 98 7.04 1.92 -9.64
C ASN A 98 6.98 1.10 -8.35
N ASP A 99 7.81 1.50 -7.39
CA ASP A 99 7.86 0.82 -6.11
C ASP A 99 6.44 0.69 -5.55
N PHE A 100 5.74 1.82 -5.55
CA PHE A 100 4.38 1.85 -5.05
C PHE A 100 3.48 0.90 -5.85
N SER A 101 3.64 0.96 -7.16
CA SER A 101 2.84 0.13 -8.04
C SER A 101 3.04 -1.35 -7.68
N ALA A 102 4.30 -1.78 -7.73
CA ALA A 102 4.64 -3.15 -7.41
C ALA A 102 3.95 -3.55 -6.09
N ALA A 103 3.92 -2.60 -5.17
CA ALA A 103 3.31 -2.84 -3.87
C ALA A 103 1.79 -2.80 -4.02
N LEU A 104 1.33 -2.03 -4.98
CA LEU A 104 -0.10 -1.90 -5.25
C LEU A 104 -0.62 -3.22 -5.84
N ASN A 105 -0.07 -3.56 -7.00
CA ASN A 105 -0.48 -4.79 -7.66
C ASN A 105 -0.58 -5.92 -6.64
N ASN A 106 0.40 -5.95 -5.74
CA ASN A 106 0.43 -6.97 -4.71
C ASN A 106 -0.90 -6.99 -3.96
N PHE A 107 -1.24 -5.84 -3.39
CA PHE A 107 -2.48 -5.70 -2.66
C PHE A 107 -3.67 -6.16 -3.50
N GLN A 108 -3.67 -5.75 -4.76
CA GLN A 108 -4.73 -6.12 -5.67
C GLN A 108 -4.85 -7.63 -5.77
N ALA A 109 -3.81 -8.24 -6.31
CA ALA A 109 -3.77 -9.69 -6.47
C ALA A 109 -4.22 -10.35 -5.16
N VAL A 110 -4.03 -9.61 -4.07
CA VAL A 110 -4.40 -10.12 -2.76
C VAL A 110 -5.89 -9.86 -2.52
N GLN A 111 -6.34 -8.68 -2.95
CA GLN A 111 -7.73 -8.30 -2.80
C GLN A 111 -8.63 -9.33 -3.47
N ARG A 112 -8.17 -9.83 -4.60
CA ARG A 112 -8.93 -10.81 -5.35
C ARG A 112 -9.02 -12.13 -4.57
N ARG A 113 -7.86 -12.73 -4.35
CA ARG A 113 -7.80 -13.98 -3.62
C ARG A 113 -8.69 -13.91 -2.37
N VAL A 114 -8.63 -12.77 -1.71
CA VAL A 114 -9.42 -12.57 -0.50
C VAL A 114 -10.89 -12.87 -0.80
N SER A 115 -11.41 -12.17 -1.79
CA SER A 115 -12.80 -12.34 -2.19
C SER A 115 -13.10 -13.83 -2.40
N GLU A 116 -12.26 -14.45 -3.22
CA GLU A 116 -12.42 -15.87 -3.51
C GLU A 116 -12.61 -16.66 -2.22
N LYS A 117 -11.87 -16.27 -1.20
CA LYS A 117 -11.94 -16.92 0.09
C LYS A 117 -13.31 -16.63 0.72
N GLU A 118 -13.71 -15.37 0.64
CA GLU A 118 -14.99 -14.96 1.19
C GLU A 118 -16.14 -15.58 0.40
N LYS A 119 -15.87 -15.85 -0.87
CA LYS A 119 -16.87 -16.43 -1.74
C LYS A 119 -17.05 -17.91 -1.38
N GLU A 120 -15.94 -18.54 -1.04
CA GLU A 120 -15.96 -19.95 -0.66
C GLU A 120 -16.84 -20.15 0.58
N SER A 121 -16.56 -19.35 1.60
CA SER A 121 -17.31 -19.44 2.84
C SER A 121 -18.82 -19.45 2.54
N ILE A 122 -19.28 -18.32 2.02
CA ILE A 122 -20.69 -18.19 1.69
C ILE A 122 -21.10 -19.31 0.74
N ALA A 123 -20.55 -19.25 -0.47
CA ALA A 123 -20.85 -20.26 -1.47
C ALA A 123 -22.34 -20.17 -1.84
N ARG A 124 -22.61 -20.39 -3.12
CA ARG A 124 -23.97 -20.35 -3.62
C ARG A 124 -24.06 -20.99 -5.01
N SER A 125 -24.20 -22.31 -5.00
CA SER A 125 -24.29 -23.05 -6.24
C SER A 125 -22.99 -22.93 -7.02
N GLY A 126 -22.21 -24.01 -6.99
CA GLY A 126 -20.93 -24.04 -7.69
C GLY A 126 -19.88 -24.79 -6.88
N PRO A 127 -19.12 -24.01 -6.07
CA PRO A 127 -18.07 -24.59 -5.24
C PRO A 127 -18.67 -25.32 -4.04
N SER A 128 -17.81 -26.01 -3.31
CA SER A 128 -18.24 -26.74 -2.14
C SER A 128 -17.03 -27.39 -1.45
N SER A 129 -16.56 -26.73 -0.40
CA SER A 129 -15.41 -27.24 0.34
C SER A 129 -15.80 -28.51 1.09
N GLY A 130 -16.81 -28.38 1.94
CA GLY A 130 -17.28 -29.51 2.72
C GLY A 130 -18.78 -29.39 3.00
N GLY A 1 19.74 6.79 -5.90
CA GLY A 1 19.37 8.20 -5.81
C GLY A 1 19.33 8.66 -4.34
N SER A 2 19.87 9.84 -4.11
CA SER A 2 19.90 10.40 -2.77
C SER A 2 18.49 10.76 -2.32
N SER A 3 18.19 10.42 -1.08
CA SER A 3 16.88 10.70 -0.52
C SER A 3 16.95 11.93 0.39
N GLY A 4 16.20 12.95 0.00
CA GLY A 4 16.17 14.19 0.76
C GLY A 4 16.37 15.41 -0.14
N SER A 5 16.24 16.58 0.45
CA SER A 5 16.39 17.82 -0.29
C SER A 5 16.31 19.01 0.67
N SER A 6 15.17 19.12 1.34
CA SER A 6 14.95 20.20 2.28
C SER A 6 14.05 19.73 3.42
N GLY A 7 13.98 20.56 4.45
CA GLY A 7 13.17 20.23 5.61
C GLY A 7 12.14 21.33 5.89
N GLN A 8 10.88 20.99 5.69
CA GLN A 8 9.80 21.94 5.91
C GLN A 8 8.44 21.28 5.65
N LEU A 9 7.39 21.98 6.03
CA LEU A 9 6.04 21.47 5.84
C LEU A 9 5.88 20.98 4.40
N ARG A 10 5.42 19.75 4.28
CA ARG A 10 5.22 19.15 2.97
C ARG A 10 6.42 19.44 2.06
N ASP A 11 7.42 18.59 2.18
CA ASP A 11 8.63 18.74 1.38
C ASP A 11 9.00 17.38 0.77
N PHE A 12 9.62 17.44 -0.40
CA PHE A 12 10.04 16.25 -1.09
C PHE A 12 10.51 15.17 -0.11
N SER A 13 11.48 15.56 0.71
CA SER A 13 12.02 14.65 1.71
C SER A 13 10.91 14.18 2.65
N SER A 14 10.40 15.12 3.42
CA SER A 14 9.33 14.82 4.36
C SER A 14 8.30 13.88 3.72
N ILE A 15 7.90 14.25 2.51
CA ILE A 15 6.93 13.45 1.77
C ILE A 15 7.54 12.09 1.43
N ILE A 16 8.58 12.13 0.61
CA ILE A 16 9.25 10.92 0.20
C ILE A 16 9.29 9.94 1.37
N GLN A 17 10.01 10.35 2.41
CA GLN A 17 10.14 9.54 3.61
C GLN A 17 8.82 8.83 3.91
N THR A 18 7.75 9.60 3.89
CA THR A 18 6.42 9.06 4.16
C THR A 18 6.01 8.10 3.05
N CYS A 19 6.27 8.51 1.82
CA CYS A 19 5.92 7.70 0.67
C CYS A 19 6.57 6.32 0.84
N SER A 20 7.90 6.33 0.90
CA SER A 20 8.63 5.09 1.06
C SER A 20 7.98 4.22 2.15
N GLY A 21 7.73 4.85 3.29
CA GLY A 21 7.10 4.16 4.40
C GLY A 21 5.75 3.55 3.99
N ASN A 22 4.85 4.44 3.59
CA ASN A 22 3.53 4.02 3.17
C ASN A 22 3.64 2.72 2.36
N ILE A 23 4.42 2.81 1.29
CA ILE A 23 4.62 1.66 0.42
C ILE A 23 4.85 0.42 1.27
N GLN A 24 5.96 0.44 2.01
CA GLN A 24 6.31 -0.67 2.87
C GLN A 24 5.05 -1.24 3.54
N ARG A 25 4.41 -0.39 4.32
CA ARG A 25 3.19 -0.79 5.03
C ARG A 25 2.23 -1.48 4.06
N ILE A 26 1.87 -0.75 3.01
CA ILE A 26 0.96 -1.27 2.01
C ILE A 26 1.31 -2.72 1.71
N SER A 27 2.59 -2.94 1.42
CA SER A 27 3.07 -4.27 1.11
C SER A 27 3.00 -5.16 2.35
N GLN A 28 3.27 -4.54 3.50
CA GLN A 28 3.24 -5.26 4.77
C GLN A 28 1.84 -5.85 5.00
N ALA A 29 0.87 -4.95 5.19
CA ALA A 29 -0.49 -5.36 5.43
C ALA A 29 -0.90 -6.41 4.39
N THR A 30 -0.47 -6.17 3.16
CA THR A 30 -0.77 -7.09 2.08
C THR A 30 -0.18 -8.47 2.36
N ALA A 31 0.90 -8.47 3.13
CA ALA A 31 1.57 -9.71 3.49
C ALA A 31 0.81 -10.39 4.63
N GLN A 32 0.32 -9.56 5.54
CA GLN A 32 -0.43 -10.06 6.69
C GLN A 32 -1.66 -10.83 6.23
N ILE A 33 -2.27 -10.32 5.15
CA ILE A 33 -3.46 -10.94 4.60
C ILE A 33 -3.09 -12.31 4.03
N LYS A 34 -2.02 -12.32 3.25
CA LYS A 34 -1.55 -13.55 2.64
C LYS A 34 -1.05 -14.50 3.72
N ASN A 35 -0.52 -13.91 4.78
CA ASN A 35 0.00 -14.70 5.89
C ASN A 35 -1.17 -15.19 6.75
N LEU A 36 -2.16 -14.32 6.90
CA LEU A 36 -3.33 -14.66 7.69
C LEU A 36 -4.29 -15.49 6.85
N MET A 37 -4.02 -15.50 5.54
CA MET A 37 -4.85 -16.25 4.61
C MET A 37 -4.80 -17.75 4.93
N SER A 38 -3.59 -18.31 4.81
CA SER A 38 -3.39 -19.72 5.08
C SER A 38 -3.96 -20.09 6.45
N GLN A 39 -3.89 -19.12 7.36
CA GLN A 39 -4.38 -19.32 8.71
C GLN A 39 -5.89 -19.62 8.67
N LEU A 40 -6.64 -18.65 8.18
CA LEU A 40 -8.08 -18.79 8.09
C LEU A 40 -8.42 -19.94 7.14
N GLY A 41 -7.41 -20.35 6.38
CA GLY A 41 -7.59 -21.43 5.43
C GLY A 41 -7.29 -22.78 6.07
N THR A 42 -7.65 -22.89 7.35
CA THR A 42 -7.42 -24.11 8.10
C THR A 42 -8.66 -24.48 8.92
N LYS A 43 -9.70 -24.88 8.21
CA LYS A 43 -10.95 -25.27 8.86
C LYS A 43 -11.57 -24.02 9.51
N GLN A 44 -12.84 -23.81 9.23
CA GLN A 44 -13.56 -22.68 9.78
C GLN A 44 -13.15 -22.46 11.24
N ASP A 45 -12.51 -21.32 11.48
CA ASP A 45 -12.07 -20.98 12.82
C ASP A 45 -11.06 -19.83 12.73
N SER A 46 -10.86 -19.18 13.87
CA SER A 46 -9.93 -18.06 13.94
C SER A 46 -10.57 -16.81 13.36
N SER A 47 -11.33 -16.13 14.22
CA SER A 47 -12.00 -14.91 13.80
C SER A 47 -11.09 -13.70 14.01
N LYS A 48 -10.06 -13.92 14.82
CA LYS A 48 -9.10 -12.86 15.11
C LYS A 48 -8.39 -12.46 13.82
N LEU A 49 -8.45 -13.34 12.84
CA LEU A 49 -7.82 -13.09 11.56
C LEU A 49 -8.80 -12.36 10.64
N GLN A 50 -9.91 -13.03 10.37
CA GLN A 50 -10.94 -12.45 9.52
C GLN A 50 -11.06 -10.95 9.76
N GLU A 51 -10.88 -10.58 11.01
CA GLU A 51 -10.97 -9.17 11.39
C GLU A 51 -9.65 -8.46 11.09
N ASN A 52 -8.56 -9.10 11.50
CA ASN A 52 -7.24 -8.55 11.27
C ASN A 52 -7.06 -8.25 9.79
N LEU A 53 -7.57 -9.14 8.97
CA LEU A 53 -7.48 -8.98 7.53
C LEU A 53 -8.08 -7.64 7.13
N GLN A 54 -9.39 -7.53 7.29
CA GLN A 54 -10.09 -6.31 6.96
C GLN A 54 -9.30 -5.10 7.45
N GLN A 55 -9.12 -5.03 8.76
CA GLN A 55 -8.40 -3.94 9.37
C GLN A 55 -7.12 -3.65 8.59
N LEU A 56 -6.36 -4.71 8.35
CA LEU A 56 -5.11 -4.58 7.62
C LEU A 56 -5.40 -4.03 6.22
N GLN A 57 -6.45 -4.56 5.62
CA GLN A 57 -6.85 -4.13 4.28
C GLN A 57 -7.14 -2.62 4.28
N HIS A 58 -8.19 -2.25 4.97
CA HIS A 58 -8.59 -0.85 5.05
C HIS A 58 -7.35 0.02 5.27
N SER A 59 -6.59 -0.33 6.29
CA SER A 59 -5.38 0.41 6.62
C SER A 59 -4.61 0.72 5.33
N THR A 60 -4.34 -0.32 4.57
CA THR A 60 -3.62 -0.17 3.32
C THR A 60 -4.42 0.69 2.34
N ASN A 61 -5.72 0.47 2.34
CA ASN A 61 -6.61 1.21 1.46
C ASN A 61 -6.29 2.71 1.55
N GLN A 62 -6.41 3.22 2.77
CA GLN A 62 -6.13 4.64 3.01
C GLN A 62 -4.67 4.95 2.67
N LEU A 63 -3.77 4.20 3.29
CA LEU A 63 -2.35 4.39 3.08
C LEU A 63 -2.11 4.71 1.60
N ALA A 64 -2.78 3.94 0.75
CA ALA A 64 -2.65 4.13 -0.68
C ALA A 64 -3.28 5.46 -1.09
N LYS A 65 -4.51 5.66 -0.65
CA LYS A 65 -5.24 6.89 -0.96
C LYS A 65 -4.32 8.08 -0.70
N GLU A 66 -3.42 7.90 0.25
CA GLU A 66 -2.49 8.95 0.60
C GLU A 66 -1.31 8.98 -0.38
N THR A 67 -0.68 7.83 -0.53
CA THR A 67 0.44 7.69 -1.43
C THR A 67 0.16 8.41 -2.75
N ASN A 68 -1.02 8.15 -3.28
CA ASN A 68 -1.43 8.77 -4.54
C ASN A 68 -1.47 10.28 -4.37
N GLU A 69 -2.12 10.71 -3.29
CA GLU A 69 -2.24 12.13 -3.01
C GLU A 69 -0.87 12.76 -2.87
N LEU A 70 0.03 12.03 -2.21
CA LEU A 70 1.38 12.51 -2.01
C LEU A 70 2.13 12.52 -3.34
N LEU A 71 2.04 11.39 -4.04
CA LEU A 71 2.69 11.26 -5.33
C LEU A 71 2.29 12.43 -6.23
N LYS A 72 1.16 13.03 -5.89
CA LYS A 72 0.65 14.17 -6.65
C LYS A 72 1.31 15.45 -6.13
N GLU A 73 1.32 15.59 -4.81
CA GLU A 73 1.90 16.76 -4.18
C GLU A 73 3.42 16.78 -4.41
N LEU A 74 3.98 15.60 -4.63
CA LEU A 74 5.40 15.48 -4.87
C LEU A 74 5.77 16.23 -6.16
N GLY A 75 5.33 15.67 -7.27
CA GLY A 75 5.61 16.27 -8.56
C GLY A 75 5.23 17.76 -8.57
N SER A 76 4.22 18.08 -7.78
CA SER A 76 3.75 19.46 -7.68
C SER A 76 4.91 20.37 -7.26
N LEU A 77 5.67 19.89 -6.29
CA LEU A 77 6.81 20.65 -5.78
C LEU A 77 7.59 21.23 -6.96
N PRO A 78 8.35 22.33 -6.66
CA PRO A 78 9.14 22.98 -7.69
C PRO A 78 10.39 22.17 -8.03
N LEU A 79 11.25 22.76 -8.83
CA LEU A 79 12.48 22.10 -9.24
C LEU A 79 13.67 22.96 -8.81
N PRO A 80 14.79 22.26 -8.49
CA PRO A 80 16.00 22.94 -8.06
C PRO A 80 16.72 23.59 -9.25
N LEU A 81 17.29 24.75 -9.00
CA LEU A 81 18.00 25.48 -10.03
C LEU A 81 19.01 24.55 -10.71
N SER A 82 19.43 23.55 -9.96
CA SER A 82 20.39 22.58 -10.47
C SER A 82 19.65 21.46 -11.21
N THR A 83 20.16 21.13 -12.38
CA THR A 83 19.57 20.08 -13.19
C THR A 83 19.88 18.71 -12.59
N SER A 84 21.05 18.61 -11.98
CA SER A 84 21.48 17.36 -11.37
C SER A 84 20.44 16.90 -10.34
N GLU A 85 19.93 17.86 -9.58
CA GLU A 85 18.93 17.58 -8.58
C GLU A 85 17.59 17.25 -9.24
N GLN A 86 17.40 17.81 -10.41
CA GLN A 86 16.17 17.59 -11.15
C GLN A 86 16.07 16.12 -11.59
N ARG A 87 17.03 15.72 -12.40
CA ARG A 87 17.07 14.35 -12.89
C ARG A 87 17.11 13.36 -11.72
N GLN A 88 17.52 13.88 -10.57
CA GLN A 88 17.62 13.06 -9.38
C GLN A 88 16.29 13.07 -8.63
N GLN A 89 15.62 14.21 -8.68
CA GLN A 89 14.34 14.36 -8.00
C GLN A 89 13.29 13.48 -8.67
N ARG A 90 13.35 13.44 -10.00
CA ARG A 90 12.40 12.64 -10.76
C ARG A 90 12.63 11.15 -10.50
N LEU A 91 13.90 10.77 -10.51
CA LEU A 91 14.26 9.39 -10.28
C LEU A 91 13.50 8.86 -9.06
N GLN A 92 13.85 9.39 -7.90
CA GLN A 92 13.22 8.98 -6.66
C GLN A 92 11.72 8.80 -6.88
N LYS A 93 11.09 9.87 -7.35
CA LYS A 93 9.65 9.85 -7.60
C LYS A 93 9.32 8.67 -8.52
N GLU A 94 9.97 8.66 -9.67
CA GLU A 94 9.75 7.60 -10.64
C GLU A 94 9.81 6.23 -9.96
N ARG A 95 10.89 6.01 -9.22
CA ARG A 95 11.07 4.77 -8.51
C ARG A 95 9.95 4.57 -7.49
N LEU A 96 9.57 5.66 -6.86
CA LEU A 96 8.52 5.62 -5.86
C LEU A 96 7.19 5.30 -6.54
N MET A 97 7.04 5.83 -7.74
CA MET A 97 5.82 5.62 -8.51
C MET A 97 5.70 4.16 -8.97
N ASN A 98 6.86 3.55 -9.17
CA ASN A 98 6.91 2.16 -9.61
C ASN A 98 6.88 1.25 -8.38
N ASP A 99 7.65 1.62 -7.37
CA ASP A 99 7.71 0.84 -6.15
C ASP A 99 6.33 0.77 -5.53
N PHE A 100 5.68 1.93 -5.44
CA PHE A 100 4.35 2.00 -4.86
C PHE A 100 3.38 1.10 -5.62
N SER A 101 3.57 1.03 -6.93
CA SER A 101 2.72 0.21 -7.77
C SER A 101 2.89 -1.27 -7.40
N ALA A 102 4.13 -1.73 -7.49
CA ALA A 102 4.42 -3.11 -7.16
C ALA A 102 3.73 -3.50 -5.85
N ALA A 103 3.76 -2.55 -4.91
CA ALA A 103 3.14 -2.77 -3.62
C ALA A 103 1.61 -2.71 -3.77
N LEU A 104 1.17 -1.81 -4.63
CA LEU A 104 -0.25 -1.64 -4.88
C LEU A 104 -0.81 -2.92 -5.52
N ASN A 105 -0.26 -3.25 -6.69
CA ASN A 105 -0.69 -4.42 -7.41
C ASN A 105 -0.82 -5.60 -6.43
N ASN A 106 0.12 -5.66 -5.50
CA ASN A 106 0.13 -6.71 -4.51
C ASN A 106 -1.21 -6.71 -3.77
N PHE A 107 -1.53 -5.56 -3.20
CA PHE A 107 -2.78 -5.42 -2.45
C PHE A 107 -3.97 -5.84 -3.31
N GLN A 108 -4.00 -5.33 -4.53
CA GLN A 108 -5.07 -5.65 -5.46
C GLN A 108 -5.19 -7.16 -5.65
N ALA A 109 -4.10 -7.75 -6.13
CA ALA A 109 -4.07 -9.18 -6.35
C ALA A 109 -4.49 -9.91 -5.07
N VAL A 110 -4.37 -9.19 -3.96
CA VAL A 110 -4.73 -9.77 -2.67
C VAL A 110 -6.20 -9.49 -2.39
N GLN A 111 -6.68 -8.38 -2.94
CA GLN A 111 -8.07 -8.00 -2.75
C GLN A 111 -8.98 -8.91 -3.56
N ARG A 112 -8.49 -9.32 -4.72
CA ARG A 112 -9.25 -10.20 -5.60
C ARG A 112 -9.20 -11.64 -5.08
N ARG A 113 -8.07 -11.98 -4.48
CA ARG A 113 -7.89 -13.31 -3.94
C ARG A 113 -8.70 -13.49 -2.65
N VAL A 114 -8.85 -12.37 -1.93
CA VAL A 114 -9.60 -12.39 -0.69
C VAL A 114 -11.08 -12.60 -1.00
N SER A 115 -11.54 -11.96 -2.06
CA SER A 115 -12.93 -12.06 -2.47
C SER A 115 -13.24 -13.52 -2.85
N GLU A 116 -12.37 -14.08 -3.67
CA GLU A 116 -12.54 -15.45 -4.11
C GLU A 116 -12.53 -16.41 -2.92
N LYS A 117 -11.84 -15.98 -1.87
CA LYS A 117 -11.76 -16.79 -0.66
C LYS A 117 -13.08 -16.70 0.11
N GLU A 118 -13.65 -15.50 0.08
CA GLU A 118 -14.91 -15.26 0.77
C GLU A 118 -16.08 -15.73 -0.09
N LYS A 119 -15.78 -15.97 -1.36
CA LYS A 119 -16.80 -16.40 -2.30
C LYS A 119 -16.91 -17.93 -2.25
N GLU A 120 -15.79 -18.56 -1.91
CA GLU A 120 -15.75 -20.01 -1.82
C GLU A 120 -16.50 -20.49 -0.58
N SER A 121 -16.19 -19.87 0.54
CA SER A 121 -16.83 -20.23 1.80
C SER A 121 -18.35 -20.24 1.61
N ILE A 122 -18.89 -19.07 1.32
CA ILE A 122 -20.33 -18.94 1.13
C ILE A 122 -20.78 -19.90 0.03
N ALA A 123 -20.34 -19.61 -1.19
CA ALA A 123 -20.69 -20.44 -2.33
C ALA A 123 -22.20 -20.41 -2.53
N ARG A 124 -22.62 -20.87 -3.70
CA ARG A 124 -24.04 -20.91 -4.03
C ARG A 124 -24.74 -22.01 -3.25
N SER A 125 -25.73 -21.61 -2.46
CA SER A 125 -26.49 -22.55 -1.66
C SER A 125 -27.97 -22.17 -1.66
N GLY A 126 -28.23 -20.93 -1.26
CA GLY A 126 -29.59 -20.44 -1.21
C GLY A 126 -29.69 -19.20 -0.32
N PRO A 127 -30.90 -18.58 -0.33
CA PRO A 127 -31.13 -17.38 0.47
C PRO A 127 -31.29 -17.74 1.96
N SER A 128 -30.32 -17.29 2.74
CA SER A 128 -30.33 -17.54 4.17
C SER A 128 -30.70 -16.26 4.93
N SER A 129 -31.14 -16.45 6.17
CA SER A 129 -31.51 -15.33 7.01
C SER A 129 -31.54 -15.77 8.48
N GLY A 130 -31.40 -14.78 9.34
CA GLY A 130 -31.39 -15.04 10.77
C GLY A 130 -30.48 -16.21 11.12
N GLY A 1 16.12 11.79 -1.66
CA GLY A 1 17.02 11.89 -0.51
C GLY A 1 17.88 13.15 -0.60
N SER A 2 17.31 14.24 -0.09
CA SER A 2 18.01 15.52 -0.10
C SER A 2 17.72 16.28 1.19
N SER A 3 18.64 16.15 2.15
CA SER A 3 18.49 16.81 3.42
C SER A 3 17.25 16.29 4.15
N GLY A 4 17.15 16.67 5.42
CA GLY A 4 16.02 16.26 6.23
C GLY A 4 15.05 17.41 6.47
N SER A 5 14.31 17.30 7.57
CA SER A 5 13.35 18.33 7.92
C SER A 5 13.19 18.39 9.44
N SER A 6 12.74 19.55 9.92
CA SER A 6 12.54 19.75 11.33
C SER A 6 11.05 19.75 11.66
N GLY A 7 10.32 20.61 10.97
CA GLY A 7 8.89 20.71 11.18
C GLY A 7 8.15 19.54 10.53
N GLN A 8 7.05 19.87 9.87
CA GLN A 8 6.25 18.87 9.20
C GLN A 8 5.64 19.43 7.92
N LEU A 9 6.50 19.97 7.08
CA LEU A 9 6.07 20.55 5.82
C LEU A 9 6.05 19.47 4.74
N ARG A 10 5.27 19.73 3.69
CA ARG A 10 5.15 18.79 2.60
C ARG A 10 6.35 18.92 1.66
N ASP A 11 7.54 18.78 2.24
CA ASP A 11 8.76 18.88 1.47
C ASP A 11 9.04 17.54 0.77
N PHE A 12 9.77 17.62 -0.32
CA PHE A 12 10.11 16.43 -1.08
C PHE A 12 10.47 15.26 -0.14
N SER A 13 11.41 15.53 0.74
CA SER A 13 11.86 14.52 1.69
C SER A 13 10.69 14.10 2.58
N SER A 14 9.83 15.07 2.88
CA SER A 14 8.69 14.80 3.73
C SER A 14 7.67 13.96 2.97
N ILE A 15 7.54 14.23 1.69
CA ILE A 15 6.60 13.50 0.84
C ILE A 15 7.21 12.14 0.49
N ILE A 16 8.50 12.16 0.21
CA ILE A 16 9.21 10.93 -0.15
C ILE A 16 9.20 9.99 1.05
N GLN A 17 9.92 10.37 2.08
CA GLN A 17 10.00 9.56 3.29
C GLN A 17 8.64 8.93 3.60
N THR A 18 7.63 9.79 3.67
CA THR A 18 6.29 9.32 3.96
C THR A 18 5.86 8.25 2.94
N CYS A 19 6.17 8.52 1.68
CA CYS A 19 5.83 7.59 0.62
C CYS A 19 6.51 6.25 0.92
N SER A 20 7.83 6.28 0.96
CA SER A 20 8.60 5.08 1.23
C SER A 20 7.93 4.26 2.34
N GLY A 21 7.80 4.89 3.49
CA GLY A 21 7.17 4.23 4.63
C GLY A 21 5.83 3.61 4.23
N ASN A 22 4.90 4.48 3.87
CA ASN A 22 3.57 4.02 3.47
C ASN A 22 3.71 2.76 2.62
N ILE A 23 4.43 2.90 1.52
CA ILE A 23 4.65 1.78 0.62
C ILE A 23 4.87 0.51 1.43
N GLN A 24 5.97 0.50 2.17
CA GLN A 24 6.29 -0.65 3.00
C GLN A 24 5.03 -1.24 3.62
N ARG A 25 4.37 -0.42 4.44
CA ARG A 25 3.15 -0.86 5.10
C ARG A 25 2.21 -1.52 4.10
N ILE A 26 1.90 -0.78 3.03
CA ILE A 26 1.02 -1.28 2.00
C ILE A 26 1.38 -2.72 1.68
N SER A 27 2.66 -2.93 1.42
CA SER A 27 3.16 -4.26 1.10
C SER A 27 3.05 -5.17 2.32
N GLN A 28 3.28 -4.58 3.48
CA GLN A 28 3.22 -5.32 4.72
C GLN A 28 1.82 -5.91 4.92
N ALA A 29 0.85 -5.02 5.08
CA ALA A 29 -0.53 -5.44 5.27
C ALA A 29 -0.89 -6.49 4.22
N THR A 30 -0.44 -6.23 3.00
CA THR A 30 -0.70 -7.16 1.91
C THR A 30 -0.12 -8.54 2.20
N ALA A 31 0.95 -8.53 2.98
CA ALA A 31 1.62 -9.78 3.35
C ALA A 31 0.83 -10.45 4.47
N GLN A 32 0.31 -9.63 5.38
CA GLN A 32 -0.47 -10.14 6.50
C GLN A 32 -1.71 -10.87 5.99
N ILE A 33 -2.29 -10.30 4.93
CA ILE A 33 -3.49 -10.88 4.35
C ILE A 33 -3.15 -12.23 3.71
N LYS A 34 -2.04 -12.24 2.98
CA LYS A 34 -1.59 -13.44 2.32
C LYS A 34 -1.12 -14.46 3.37
N ASN A 35 -0.65 -13.92 4.49
CA ASN A 35 -0.18 -14.75 5.57
C ASN A 35 -1.37 -15.25 6.38
N LEU A 36 -2.31 -14.35 6.61
CA LEU A 36 -3.50 -14.69 7.37
C LEU A 36 -4.46 -15.49 6.49
N MET A 37 -4.18 -15.47 5.19
CA MET A 37 -5.01 -16.19 4.24
C MET A 37 -4.98 -17.70 4.51
N SER A 38 -3.82 -18.29 4.25
CA SER A 38 -3.65 -19.73 4.46
C SER A 38 -4.14 -20.11 5.87
N GLN A 39 -3.88 -19.21 6.81
CA GLN A 39 -4.27 -19.43 8.18
C GLN A 39 -5.74 -19.85 8.25
N LEU A 40 -6.57 -19.10 7.54
CA LEU A 40 -8.00 -19.36 7.51
C LEU A 40 -8.23 -20.79 7.01
N GLY A 41 -7.24 -21.29 6.29
CA GLY A 41 -7.32 -22.65 5.74
C GLY A 41 -6.74 -23.66 6.72
N THR A 42 -7.50 -23.90 7.79
CA THR A 42 -7.07 -24.85 8.81
C THR A 42 -8.29 -25.49 9.48
N LYS A 43 -8.01 -26.26 10.53
CA LYS A 43 -9.07 -26.92 11.26
C LYS A 43 -9.90 -25.88 12.01
N GLN A 44 -11.20 -25.90 11.74
CA GLN A 44 -12.11 -24.96 12.37
C GLN A 44 -12.03 -23.60 11.69
N ASP A 45 -12.82 -22.67 12.22
CA ASP A 45 -12.84 -21.32 11.67
C ASP A 45 -12.17 -20.36 12.65
N SER A 46 -12.00 -19.12 12.19
CA SER A 46 -11.37 -18.11 13.01
C SER A 46 -11.98 -16.74 12.70
N SER A 47 -12.51 -16.10 13.74
CA SER A 47 -13.12 -14.80 13.58
C SER A 47 -12.06 -13.71 13.75
N LYS A 48 -11.32 -13.79 14.85
CA LYS A 48 -10.28 -12.81 15.12
C LYS A 48 -9.36 -12.70 13.91
N LEU A 49 -9.37 -13.75 13.09
CA LEU A 49 -8.55 -13.77 11.89
C LEU A 49 -9.17 -12.85 10.84
N GLN A 50 -10.30 -13.29 10.31
CA GLN A 50 -11.00 -12.52 9.30
C GLN A 50 -10.97 -11.03 9.65
N GLU A 51 -11.49 -10.73 10.83
CA GLU A 51 -11.53 -9.34 11.29
C GLU A 51 -10.18 -8.66 11.05
N ASN A 52 -9.12 -9.46 11.20
CA ASN A 52 -7.78 -8.95 11.01
C ASN A 52 -7.57 -8.60 9.53
N LEU A 53 -8.02 -9.50 8.68
CA LEU A 53 -7.89 -9.30 7.24
C LEU A 53 -8.35 -7.89 6.89
N GLN A 54 -9.61 -7.61 7.19
CA GLN A 54 -10.18 -6.30 6.92
C GLN A 54 -9.33 -5.20 7.55
N GLN A 55 -9.33 -5.19 8.88
CA GLN A 55 -8.56 -4.20 9.62
C GLN A 55 -7.22 -3.95 8.94
N LEU A 56 -6.70 -5.01 8.32
CA LEU A 56 -5.42 -4.92 7.64
C LEU A 56 -5.62 -4.22 6.30
N GLN A 57 -6.60 -4.70 5.55
CA GLN A 57 -6.91 -4.13 4.25
C GLN A 57 -7.13 -2.62 4.36
N HIS A 58 -8.06 -2.26 5.22
CA HIS A 58 -8.37 -0.85 5.44
C HIS A 58 -7.08 -0.06 5.66
N SER A 59 -6.29 -0.53 6.63
CA SER A 59 -5.04 0.11 6.95
C SER A 59 -4.33 0.53 5.67
N THR A 60 -4.12 -0.44 4.80
CA THR A 60 -3.45 -0.19 3.53
C THR A 60 -4.31 0.71 2.64
N ASN A 61 -5.59 0.37 2.57
CA ASN A 61 -6.53 1.12 1.77
C ASN A 61 -6.29 2.63 1.99
N GLN A 62 -6.28 3.00 3.26
CA GLN A 62 -6.06 4.39 3.62
C GLN A 62 -4.70 4.87 3.12
N LEU A 63 -3.66 4.22 3.64
CA LEU A 63 -2.30 4.55 3.26
C LEU A 63 -2.25 4.87 1.76
N ALA A 64 -2.66 3.88 0.97
CA ALA A 64 -2.67 4.03 -0.47
C ALA A 64 -3.24 5.41 -0.83
N LYS A 65 -4.43 5.68 -0.30
CA LYS A 65 -5.09 6.95 -0.55
C LYS A 65 -4.08 8.09 -0.37
N GLU A 66 -3.39 8.03 0.75
CA GLU A 66 -2.40 9.05 1.06
C GLU A 66 -1.20 8.95 0.10
N THR A 67 -0.74 7.73 -0.07
CA THR A 67 0.39 7.48 -0.96
C THR A 67 0.20 8.20 -2.29
N ASN A 68 -0.91 7.89 -2.94
CA ASN A 68 -1.22 8.50 -4.22
C ASN A 68 -1.17 10.02 -4.08
N GLU A 69 -1.84 10.51 -3.04
CA GLU A 69 -1.88 11.94 -2.79
C GLU A 69 -0.44 12.49 -2.65
N LEU A 70 0.36 11.76 -1.89
CA LEU A 70 1.74 12.16 -1.67
C LEU A 70 2.48 12.18 -3.01
N LEU A 71 2.30 11.12 -3.77
CA LEU A 71 2.94 11.01 -5.07
C LEU A 71 2.57 12.23 -5.91
N LYS A 72 1.37 12.74 -5.68
CA LYS A 72 0.89 13.89 -6.41
C LYS A 72 1.72 15.12 -6.02
N GLU A 73 1.90 15.28 -4.71
CA GLU A 73 2.67 16.39 -4.20
C GLU A 73 4.09 16.38 -4.78
N LEU A 74 4.67 15.20 -4.79
CA LEU A 74 6.03 15.04 -5.30
C LEU A 74 6.13 15.73 -6.67
N GLY A 75 5.39 15.18 -7.62
CA GLY A 75 5.39 15.74 -8.96
C GLY A 75 4.93 17.20 -8.96
N SER A 76 4.25 17.57 -7.89
CA SER A 76 3.76 18.93 -7.75
C SER A 76 4.92 19.88 -7.42
N LEU A 77 5.77 19.44 -6.51
CA LEU A 77 6.92 20.23 -6.10
C LEU A 77 7.55 20.86 -7.35
N PRO A 78 8.24 22.01 -7.13
CA PRO A 78 8.91 22.71 -8.21
C PRO A 78 10.18 21.99 -8.64
N LEU A 79 11.01 22.70 -9.40
CA LEU A 79 12.25 22.14 -9.87
C LEU A 79 13.40 23.09 -9.51
N PRO A 80 14.58 22.47 -9.18
CA PRO A 80 15.74 23.24 -8.82
C PRO A 80 16.39 23.89 -10.05
N LEU A 81 16.80 25.14 -9.88
CA LEU A 81 17.42 25.87 -10.98
C LEU A 81 18.47 24.99 -11.64
N SER A 82 18.98 24.04 -10.87
CA SER A 82 19.99 23.12 -11.36
C SER A 82 19.33 21.84 -11.87
N THR A 83 20.00 21.19 -12.80
CA THR A 83 19.50 19.95 -13.37
C THR A 83 19.94 18.75 -12.53
N SER A 84 21.20 18.80 -12.12
CA SER A 84 21.77 17.72 -11.32
C SER A 84 20.78 17.32 -10.23
N GLU A 85 19.97 18.28 -9.80
CA GLU A 85 18.98 18.04 -8.77
C GLU A 85 17.67 17.59 -9.40
N GLN A 86 17.37 18.16 -10.55
CA GLN A 86 16.15 17.82 -11.26
C GLN A 86 16.05 16.30 -11.47
N ARG A 87 17.16 15.73 -11.92
CA ARG A 87 17.22 14.31 -12.17
C ARG A 87 17.05 13.53 -10.85
N GLN A 88 17.94 13.83 -9.92
CA GLN A 88 17.90 13.18 -8.62
C GLN A 88 16.49 13.24 -8.03
N GLN A 89 15.74 14.23 -8.49
CA GLN A 89 14.37 14.41 -8.02
C GLN A 89 13.43 13.44 -8.73
N ARG A 90 13.32 13.65 -10.04
CA ARG A 90 12.45 12.80 -10.86
C ARG A 90 12.89 11.35 -10.74
N LEU A 91 14.19 11.15 -10.60
CA LEU A 91 14.74 9.81 -10.48
C LEU A 91 14.11 9.10 -9.28
N GLN A 92 14.20 9.75 -8.14
CA GLN A 92 13.64 9.20 -6.92
C GLN A 92 12.13 8.96 -7.09
N LYS A 93 11.47 9.92 -7.71
CA LYS A 93 10.05 9.83 -7.94
C LYS A 93 9.76 8.65 -8.86
N GLU A 94 10.52 8.60 -9.95
CA GLU A 94 10.35 7.52 -10.91
C GLU A 94 10.34 6.16 -10.21
N ARG A 95 11.14 6.07 -9.17
CA ARG A 95 11.22 4.84 -8.39
C ARG A 95 10.06 4.74 -7.42
N LEU A 96 9.77 5.85 -6.76
CA LEU A 96 8.69 5.91 -5.80
C LEU A 96 7.41 5.37 -6.45
N MET A 97 7.06 5.98 -7.57
CA MET A 97 5.86 5.57 -8.30
C MET A 97 5.83 4.05 -8.49
N ASN A 98 6.91 3.53 -9.03
CA ASN A 98 7.02 2.10 -9.26
C ASN A 98 6.98 1.36 -7.91
N ASP A 99 7.93 1.71 -7.06
CA ASP A 99 8.01 1.09 -5.75
C ASP A 99 6.60 0.91 -5.18
N PHE A 100 5.89 2.03 -5.10
CA PHE A 100 4.53 2.01 -4.58
C PHE A 100 3.68 0.97 -5.32
N SER A 101 3.57 1.18 -6.63
CA SER A 101 2.79 0.28 -7.46
C SER A 101 3.00 -1.17 -7.02
N ALA A 102 4.22 -1.66 -7.28
CA ALA A 102 4.57 -3.02 -6.92
C ALA A 102 3.90 -3.37 -5.60
N ALA A 103 3.92 -2.42 -4.67
CA ALA A 103 3.33 -2.62 -3.36
C ALA A 103 1.80 -2.53 -3.49
N LEU A 104 1.35 -1.47 -4.12
CA LEU A 104 -0.07 -1.26 -4.30
C LEU A 104 -0.66 -2.45 -5.07
N ASN A 105 -0.09 -2.71 -6.24
CA ASN A 105 -0.54 -3.80 -7.07
C ASN A 105 -0.71 -5.05 -6.20
N ASN A 106 0.27 -5.28 -5.35
CA ASN A 106 0.25 -6.43 -4.47
C ASN A 106 -1.08 -6.47 -3.72
N PHE A 107 -1.39 -5.37 -3.06
CA PHE A 107 -2.62 -5.26 -2.31
C PHE A 107 -3.84 -5.50 -3.21
N GLN A 108 -3.75 -4.98 -4.42
CA GLN A 108 -4.82 -5.12 -5.38
C GLN A 108 -5.07 -6.61 -5.69
N ALA A 109 -4.01 -7.26 -6.14
CA ALA A 109 -4.09 -8.68 -6.46
C ALA A 109 -4.55 -9.46 -5.23
N VAL A 110 -4.36 -8.84 -4.07
CA VAL A 110 -4.74 -9.46 -2.82
C VAL A 110 -6.19 -9.11 -2.50
N GLN A 111 -6.61 -7.94 -3.01
CA GLN A 111 -7.96 -7.48 -2.79
C GLN A 111 -8.96 -8.31 -3.60
N ARG A 112 -8.51 -8.73 -4.78
CA ARG A 112 -9.34 -9.54 -5.65
C ARG A 112 -9.33 -10.99 -5.21
N ARG A 113 -8.20 -11.41 -4.64
CA ARG A 113 -8.04 -12.77 -4.17
C ARG A 113 -8.78 -12.95 -2.84
N VAL A 114 -8.87 -11.86 -2.09
CA VAL A 114 -9.55 -11.89 -0.81
C VAL A 114 -11.06 -12.03 -1.04
N SER A 115 -11.55 -11.31 -2.03
CA SER A 115 -12.96 -11.35 -2.36
C SER A 115 -13.37 -12.76 -2.78
N GLU A 116 -12.61 -13.30 -3.73
CA GLU A 116 -12.88 -14.64 -4.22
C GLU A 116 -12.92 -15.64 -3.07
N LYS A 117 -12.18 -15.31 -2.02
CA LYS A 117 -12.13 -16.17 -0.85
C LYS A 117 -13.46 -16.09 -0.10
N GLU A 118 -13.92 -14.87 0.11
CA GLU A 118 -15.17 -14.65 0.80
C GLU A 118 -16.35 -15.05 -0.09
N LYS A 119 -16.05 -15.24 -1.37
CA LYS A 119 -17.07 -15.61 -2.32
C LYS A 119 -17.23 -17.14 -2.31
N GLU A 120 -16.10 -17.83 -2.23
CA GLU A 120 -16.11 -19.28 -2.20
C GLU A 120 -16.86 -19.78 -0.96
N SER A 121 -16.67 -19.07 0.14
CA SER A 121 -17.32 -19.43 1.38
C SER A 121 -18.83 -19.47 1.20
N ILE A 122 -19.39 -18.31 0.90
CA ILE A 122 -20.82 -18.20 0.69
C ILE A 122 -21.22 -19.05 -0.52
N ALA A 123 -20.78 -18.60 -1.69
CA ALA A 123 -21.08 -19.30 -2.93
C ALA A 123 -22.60 -19.49 -3.04
N ARG A 124 -23.00 -20.12 -4.13
CA ARG A 124 -24.41 -20.38 -4.38
C ARG A 124 -24.59 -21.73 -5.08
N SER A 125 -23.97 -21.85 -6.24
CA SER A 125 -24.06 -23.07 -7.01
C SER A 125 -22.81 -23.23 -7.88
N GLY A 126 -21.76 -23.73 -7.27
CA GLY A 126 -20.50 -23.94 -7.98
C GLY A 126 -19.50 -24.69 -7.11
N PRO A 127 -18.33 -25.03 -7.73
CA PRO A 127 -17.29 -25.75 -7.02
C PRO A 127 -16.55 -24.82 -6.06
N SER A 128 -15.81 -25.44 -5.15
CA SER A 128 -15.05 -24.70 -4.17
C SER A 128 -13.56 -24.96 -4.34
N SER A 129 -12.75 -24.15 -3.66
CA SER A 129 -11.31 -24.30 -3.74
C SER A 129 -10.65 -23.54 -2.59
N GLY A 130 -10.09 -24.30 -1.65
CA GLY A 130 -9.43 -23.70 -0.50
C GLY A 130 -8.40 -24.66 0.08
N GLY A 1 15.48 16.66 -2.53
CA GLY A 1 14.81 17.86 -2.07
C GLY A 1 15.58 19.12 -2.45
N SER A 2 14.94 20.26 -2.24
CA SER A 2 15.55 21.54 -2.56
C SER A 2 15.44 22.49 -1.36
N SER A 3 16.58 22.77 -0.75
CA SER A 3 16.61 23.66 0.39
C SER A 3 15.68 23.14 1.49
N GLY A 4 16.29 22.58 2.52
CA GLY A 4 15.54 22.04 3.64
C GLY A 4 15.13 23.14 4.61
N SER A 5 14.40 24.11 4.09
CA SER A 5 13.94 25.23 4.90
C SER A 5 12.53 25.63 4.49
N SER A 6 11.97 26.58 5.24
CA SER A 6 10.63 27.07 4.95
C SER A 6 10.43 27.22 3.44
N GLY A 7 9.23 26.88 3.00
CA GLY A 7 8.90 26.98 1.60
C GLY A 7 7.91 25.89 1.19
N GLN A 8 6.72 26.32 0.82
CA GLN A 8 5.67 25.39 0.40
C GLN A 8 5.41 24.37 1.50
N LEU A 9 4.31 23.65 1.35
CA LEU A 9 3.93 22.63 2.32
C LEU A 9 4.37 21.27 1.80
N ARG A 10 4.61 20.36 2.76
CA ARG A 10 5.04 19.02 2.42
C ARG A 10 6.29 19.06 1.52
N ASP A 11 7.43 18.98 2.17
CA ASP A 11 8.70 19.01 1.44
C ASP A 11 8.89 17.69 0.70
N PHE A 12 9.60 17.77 -0.41
CA PHE A 12 9.86 16.59 -1.22
C PHE A 12 10.29 15.40 -0.35
N SER A 13 11.23 15.68 0.54
CA SER A 13 11.73 14.64 1.44
C SER A 13 10.64 14.22 2.41
N SER A 14 9.71 15.14 2.64
CA SER A 14 8.60 14.89 3.55
C SER A 14 7.54 14.04 2.85
N ILE A 15 7.42 14.24 1.55
CA ILE A 15 6.45 13.50 0.77
C ILE A 15 7.03 12.14 0.40
N ILE A 16 8.33 12.14 0.09
CA ILE A 16 9.01 10.92 -0.27
C ILE A 16 9.05 9.97 0.93
N GLN A 17 9.80 10.38 1.93
CA GLN A 17 9.92 9.58 3.14
C GLN A 17 8.58 8.96 3.51
N THR A 18 7.58 9.82 3.65
CA THR A 18 6.25 9.37 4.00
C THR A 18 5.78 8.29 3.03
N CYS A 19 6.09 8.50 1.76
CA CYS A 19 5.70 7.55 0.72
C CYS A 19 6.45 6.23 0.99
N SER A 20 7.77 6.33 0.94
CA SER A 20 8.61 5.16 1.17
C SER A 20 8.01 4.30 2.28
N GLY A 21 7.71 4.95 3.40
CA GLY A 21 7.14 4.25 4.54
C GLY A 21 5.80 3.60 4.17
N ASN A 22 4.83 4.46 3.86
CA ASN A 22 3.51 3.99 3.49
C ASN A 22 3.65 2.76 2.59
N ILE A 23 4.35 2.94 1.48
CA ILE A 23 4.56 1.85 0.54
C ILE A 23 4.81 0.56 1.31
N GLN A 24 5.89 0.56 2.08
CA GLN A 24 6.24 -0.61 2.87
C GLN A 24 5.00 -1.19 3.54
N ARG A 25 4.38 -0.37 4.38
CA ARG A 25 3.18 -0.80 5.08
C ARG A 25 2.21 -1.49 4.13
N ILE A 26 1.87 -0.77 3.06
CA ILE A 26 0.95 -1.29 2.07
C ILE A 26 1.35 -2.73 1.72
N SER A 27 2.63 -2.90 1.43
CA SER A 27 3.16 -4.21 1.08
C SER A 27 3.12 -5.13 2.30
N GLN A 28 3.32 -4.53 3.46
CA GLN A 28 3.31 -5.28 4.71
C GLN A 28 1.93 -5.89 4.95
N ALA A 29 0.96 -5.01 5.17
CA ALA A 29 -0.41 -5.45 5.41
C ALA A 29 -0.81 -6.49 4.36
N THR A 30 -0.40 -6.22 3.12
CA THR A 30 -0.70 -7.12 2.02
C THR A 30 -0.11 -8.51 2.29
N ALA A 31 0.99 -8.52 3.02
CA ALA A 31 1.65 -9.76 3.36
C ALA A 31 0.89 -10.47 4.48
N GLN A 32 0.43 -9.65 5.43
CA GLN A 32 -0.31 -10.19 6.56
C GLN A 32 -1.59 -10.90 6.07
N ILE A 33 -2.21 -10.31 5.06
CA ILE A 33 -3.42 -10.87 4.51
C ILE A 33 -3.11 -12.25 3.91
N LYS A 34 -2.02 -12.30 3.17
CA LYS A 34 -1.60 -13.54 2.54
C LYS A 34 -1.17 -14.54 3.62
N ASN A 35 -0.40 -14.02 4.57
CA ASN A 35 0.09 -14.84 5.67
C ASN A 35 -1.09 -15.33 6.50
N LEU A 36 -2.08 -14.46 6.62
CA LEU A 36 -3.28 -14.79 7.40
C LEU A 36 -4.22 -15.62 6.53
N MET A 37 -3.92 -15.65 5.24
CA MET A 37 -4.73 -16.41 4.31
C MET A 37 -4.41 -17.91 4.38
N SER A 38 -3.15 -18.19 4.67
CA SER A 38 -2.69 -19.56 4.77
C SER A 38 -3.14 -20.16 6.10
N GLN A 39 -3.13 -19.32 7.13
CA GLN A 39 -3.53 -19.76 8.46
C GLN A 39 -5.05 -19.93 8.53
N LEU A 40 -5.75 -19.02 7.87
CA LEU A 40 -7.20 -19.05 7.85
C LEU A 40 -7.66 -19.96 6.70
N GLY A 41 -6.72 -20.27 5.82
CA GLY A 41 -7.02 -21.12 4.67
C GLY A 41 -6.52 -22.54 4.90
N THR A 42 -6.98 -23.12 6.01
CA THR A 42 -6.59 -24.47 6.37
C THR A 42 -7.35 -24.94 7.61
N LYS A 43 -7.52 -24.02 8.54
CA LYS A 43 -8.22 -24.32 9.78
C LYS A 43 -9.72 -24.06 9.59
N GLN A 44 -10.49 -24.53 10.55
CA GLN A 44 -11.94 -24.36 10.49
C GLN A 44 -12.29 -22.91 10.11
N ASP A 45 -12.24 -22.05 11.11
CA ASP A 45 -12.55 -20.64 10.89
C ASP A 45 -12.37 -19.87 12.20
N SER A 46 -12.50 -18.56 12.10
CA SER A 46 -12.36 -17.70 13.27
C SER A 46 -12.35 -16.24 12.84
N SER A 47 -13.42 -15.54 13.20
CA SER A 47 -13.56 -14.13 12.87
C SER A 47 -12.30 -13.37 13.29
N LYS A 48 -11.70 -13.83 14.38
CA LYS A 48 -10.49 -13.21 14.89
C LYS A 48 -9.55 -12.91 13.73
N LEU A 49 -9.45 -13.88 12.83
CA LEU A 49 -8.58 -13.74 11.67
C LEU A 49 -9.27 -12.87 10.62
N GLN A 50 -10.40 -13.35 10.13
CA GLN A 50 -11.16 -12.63 9.13
C GLN A 50 -11.16 -11.13 9.44
N GLU A 51 -11.17 -10.83 10.73
CA GLU A 51 -11.16 -9.44 11.16
C GLU A 51 -9.79 -8.81 10.94
N ASN A 52 -8.77 -9.54 11.38
CA ASN A 52 -7.39 -9.08 11.23
C ASN A 52 -7.17 -8.65 9.78
N LEU A 53 -7.78 -9.38 8.88
CA LEU A 53 -7.66 -9.09 7.46
C LEU A 53 -8.25 -7.72 7.17
N GLN A 54 -9.56 -7.62 7.33
CA GLN A 54 -10.26 -6.36 7.08
C GLN A 54 -9.44 -5.19 7.64
N GLN A 55 -9.07 -5.32 8.91
CA GLN A 55 -8.29 -4.29 9.56
C GLN A 55 -7.03 -3.98 8.76
N LEU A 56 -6.27 -5.03 8.46
CA LEU A 56 -5.05 -4.88 7.70
C LEU A 56 -5.37 -4.31 6.32
N GLN A 57 -6.50 -4.77 5.77
CA GLN A 57 -6.93 -4.31 4.47
C GLN A 57 -7.15 -2.80 4.47
N HIS A 58 -8.17 -2.39 5.20
CA HIS A 58 -8.49 -0.98 5.30
C HIS A 58 -7.21 -0.18 5.58
N SER A 59 -6.49 -0.62 6.59
CA SER A 59 -5.25 0.04 6.98
C SER A 59 -4.46 0.45 5.72
N THR A 60 -4.41 -0.49 4.78
CA THR A 60 -3.69 -0.25 3.53
C THR A 60 -4.49 0.70 2.64
N ASN A 61 -5.80 0.46 2.59
CA ASN A 61 -6.67 1.28 1.77
C ASN A 61 -6.37 2.76 2.03
N GLN A 62 -6.41 3.13 3.31
CA GLN A 62 -6.15 4.50 3.69
C GLN A 62 -4.77 4.93 3.21
N LEU A 63 -3.75 4.25 3.70
CA LEU A 63 -2.38 4.54 3.32
C LEU A 63 -2.34 4.88 1.82
N ALA A 64 -2.70 3.90 1.02
CA ALA A 64 -2.70 4.08 -0.43
C ALA A 64 -3.28 5.46 -0.76
N LYS A 65 -4.50 5.68 -0.29
CA LYS A 65 -5.17 6.95 -0.52
C LYS A 65 -4.16 8.10 -0.37
N GLU A 66 -3.54 8.15 0.80
CA GLU A 66 -2.57 9.18 1.07
C GLU A 66 -1.37 9.04 0.14
N THR A 67 -0.91 7.81 -0.01
CA THR A 67 0.23 7.52 -0.87
C THR A 67 0.05 8.21 -2.22
N ASN A 68 -1.04 7.88 -2.88
CA ASN A 68 -1.34 8.45 -4.19
C ASN A 68 -1.28 9.98 -4.09
N GLU A 69 -1.97 10.50 -3.09
CA GLU A 69 -2.00 11.94 -2.87
C GLU A 69 -0.58 12.49 -2.74
N LEU A 70 0.19 11.85 -1.88
CA LEU A 70 1.56 12.25 -1.65
C LEU A 70 2.31 12.31 -2.98
N LEU A 71 2.10 11.27 -3.79
CA LEU A 71 2.74 11.18 -5.08
C LEU A 71 2.40 12.43 -5.90
N LYS A 72 1.13 12.82 -5.82
CA LYS A 72 0.67 14.00 -6.53
C LYS A 72 1.49 15.21 -6.11
N GLU A 73 1.67 15.34 -4.80
CA GLU A 73 2.43 16.45 -4.26
C GLU A 73 3.86 16.44 -4.81
N LEU A 74 4.46 15.27 -4.79
CA LEU A 74 5.82 15.11 -5.28
C LEU A 74 5.97 15.88 -6.59
N GLY A 75 5.30 15.38 -7.61
CA GLY A 75 5.35 16.01 -8.92
C GLY A 75 4.89 17.47 -8.85
N SER A 76 4.06 17.74 -7.86
CA SER A 76 3.54 19.09 -7.66
C SER A 76 4.69 20.04 -7.32
N LEU A 77 5.61 19.54 -6.51
CA LEU A 77 6.75 20.34 -6.10
C LEU A 77 7.44 20.90 -7.34
N PRO A 78 8.11 22.07 -7.14
CA PRO A 78 8.82 22.73 -8.23
C PRO A 78 10.12 21.99 -8.57
N LEU A 79 10.95 22.65 -9.36
CA LEU A 79 12.23 22.09 -9.75
C LEU A 79 13.34 23.10 -9.50
N PRO A 80 14.53 22.56 -9.13
CA PRO A 80 15.68 23.40 -8.87
C PRO A 80 16.28 23.94 -10.16
N LEU A 81 17.15 24.94 -10.00
CA LEU A 81 17.80 25.56 -11.15
C LEU A 81 18.80 24.57 -11.75
N SER A 82 19.37 23.75 -10.88
CA SER A 82 20.34 22.76 -11.31
C SER A 82 19.62 21.49 -11.80
N THR A 83 20.18 20.91 -12.84
CA THR A 83 19.60 19.70 -13.41
C THR A 83 20.01 18.48 -12.58
N SER A 84 21.27 18.45 -12.20
CA SER A 84 21.80 17.35 -11.40
C SER A 84 20.81 17.00 -10.30
N GLU A 85 20.15 18.02 -9.78
CA GLU A 85 19.18 17.83 -8.71
C GLU A 85 17.85 17.35 -9.29
N GLN A 86 17.45 17.98 -10.39
CA GLN A 86 16.21 17.62 -11.04
C GLN A 86 16.12 16.11 -11.23
N ARG A 87 17.24 15.53 -11.64
CA ARG A 87 17.28 14.09 -11.86
C ARG A 87 17.15 13.35 -10.53
N GLN A 88 18.13 13.56 -9.66
CA GLN A 88 18.13 12.92 -8.36
C GLN A 88 16.73 12.95 -7.75
N GLN A 89 15.97 13.95 -8.16
CA GLN A 89 14.60 14.11 -7.66
C GLN A 89 13.66 13.17 -8.42
N ARG A 90 13.52 13.44 -9.71
CA ARG A 90 12.65 12.63 -10.54
C ARG A 90 13.02 11.16 -10.43
N LEU A 91 14.31 10.92 -10.22
CA LEU A 91 14.80 9.55 -10.08
C LEU A 91 14.07 8.85 -8.94
N GLN A 92 13.91 9.58 -7.84
CA GLN A 92 13.23 9.05 -6.68
C GLN A 92 11.74 8.85 -6.98
N LYS A 93 11.16 9.87 -7.58
CA LYS A 93 9.75 9.82 -7.93
C LYS A 93 9.48 8.58 -8.78
N GLU A 94 10.15 8.53 -9.92
CA GLU A 94 9.99 7.41 -10.83
C GLU A 94 9.95 6.09 -10.04
N ARG A 95 10.86 5.98 -9.10
CA ARG A 95 10.94 4.78 -8.27
C ARG A 95 9.73 4.70 -7.33
N LEU A 96 9.48 5.81 -6.66
CA LEU A 96 8.36 5.89 -5.73
C LEU A 96 7.11 5.31 -6.39
N MET A 97 6.92 5.67 -7.66
CA MET A 97 5.78 5.21 -8.42
C MET A 97 5.79 3.69 -8.55
N ASN A 98 6.88 3.18 -9.13
CA ASN A 98 7.03 1.75 -9.32
C ASN A 98 6.97 1.04 -7.96
N ASP A 99 7.93 1.39 -7.11
CA ASP A 99 7.99 0.81 -5.78
C ASP A 99 6.58 0.67 -5.21
N PHE A 100 5.89 1.81 -5.15
CA PHE A 100 4.54 1.84 -4.62
C PHE A 100 3.67 0.78 -5.32
N SER A 101 3.60 0.89 -6.64
CA SER A 101 2.81 -0.04 -7.43
C SER A 101 3.03 -1.47 -6.93
N ALA A 102 4.23 -1.96 -7.17
CA ALA A 102 4.59 -3.31 -6.76
C ALA A 102 3.94 -3.61 -5.41
N ALA A 103 3.92 -2.59 -4.56
CA ALA A 103 3.32 -2.73 -3.23
C ALA A 103 1.80 -2.68 -3.36
N LEU A 104 1.32 -1.65 -4.06
CA LEU A 104 -0.10 -1.48 -4.25
C LEU A 104 -0.66 -2.68 -5.01
N ASN A 105 -0.08 -2.92 -6.18
CA ASN A 105 -0.51 -4.03 -7.02
C ASN A 105 -0.66 -5.28 -6.15
N ASN A 106 0.32 -5.49 -5.30
CA ASN A 106 0.31 -6.65 -4.40
C ASN A 106 -1.02 -6.69 -3.64
N PHE A 107 -1.33 -5.57 -3.01
CA PHE A 107 -2.56 -5.46 -2.25
C PHE A 107 -3.78 -5.75 -3.13
N GLN A 108 -3.71 -5.24 -4.35
CA GLN A 108 -4.80 -5.43 -5.30
C GLN A 108 -5.02 -6.92 -5.56
N ALA A 109 -3.98 -7.57 -6.05
CA ALA A 109 -4.04 -8.99 -6.35
C ALA A 109 -4.49 -9.74 -5.10
N VAL A 110 -4.28 -9.10 -3.95
CA VAL A 110 -4.66 -9.71 -2.69
C VAL A 110 -6.13 -9.37 -2.38
N GLN A 111 -6.52 -8.17 -2.78
CA GLN A 111 -7.88 -7.71 -2.57
C GLN A 111 -8.87 -8.62 -3.31
N ARG A 112 -8.46 -9.04 -4.50
CA ARG A 112 -9.29 -9.90 -5.31
C ARG A 112 -9.41 -11.29 -4.68
N ARG A 113 -8.24 -11.86 -4.38
CA ARG A 113 -8.20 -13.18 -3.76
C ARG A 113 -9.05 -13.21 -2.49
N VAL A 114 -8.93 -12.13 -1.72
CA VAL A 114 -9.67 -12.01 -0.48
C VAL A 114 -11.16 -12.11 -0.77
N SER A 115 -11.57 -11.43 -1.83
CA SER A 115 -12.97 -11.42 -2.23
C SER A 115 -13.44 -12.85 -2.50
N GLU A 116 -12.71 -13.53 -3.37
CA GLU A 116 -13.03 -14.89 -3.73
C GLU A 116 -13.23 -15.74 -2.46
N LYS A 117 -12.34 -15.53 -1.50
CA LYS A 117 -12.40 -16.25 -0.25
C LYS A 117 -13.75 -15.99 0.42
N GLU A 118 -14.05 -14.70 0.59
CA GLU A 118 -15.29 -14.30 1.22
C GLU A 118 -16.48 -14.71 0.35
N LYS A 119 -16.18 -15.11 -0.88
CA LYS A 119 -17.21 -15.54 -1.80
C LYS A 119 -17.49 -17.03 -1.60
N GLU A 120 -16.41 -17.80 -1.50
CA GLU A 120 -16.53 -19.22 -1.30
C GLU A 120 -17.22 -19.52 0.04
N SER A 121 -16.95 -18.67 1.01
CA SER A 121 -17.53 -18.83 2.33
C SER A 121 -19.05 -18.91 2.23
N ILE A 122 -19.64 -17.84 1.72
CA ILE A 122 -21.09 -17.78 1.55
C ILE A 122 -21.49 -18.68 0.38
N ALA A 123 -21.02 -18.30 -0.80
CA ALA A 123 -21.33 -19.06 -2.01
C ALA A 123 -22.83 -18.97 -2.28
N ARG A 124 -23.25 -19.66 -3.33
CA ARG A 124 -24.66 -19.65 -3.72
C ARG A 124 -25.54 -19.97 -2.51
N SER A 125 -26.84 -19.81 -2.71
CA SER A 125 -27.80 -20.07 -1.65
C SER A 125 -27.58 -19.09 -0.50
N GLY A 126 -27.92 -17.84 -0.76
CA GLY A 126 -27.77 -16.79 0.25
C GLY A 126 -27.69 -15.41 -0.40
N PRO A 127 -28.90 -14.79 -0.55
CA PRO A 127 -28.97 -13.47 -1.15
C PRO A 127 -28.49 -12.39 -0.18
N SER A 128 -27.21 -12.06 -0.29
CA SER A 128 -26.61 -11.06 0.57
C SER A 128 -27.05 -11.28 2.02
N SER A 129 -26.29 -12.10 2.72
CA SER A 129 -26.59 -12.40 4.11
C SER A 129 -27.78 -13.36 4.19
N GLY A 130 -27.98 -13.91 5.38
CA GLY A 130 -29.08 -14.83 5.60
C GLY A 130 -30.35 -14.36 4.88
N GLY A 1 19.22 10.42 -5.84
CA GLY A 1 20.24 10.05 -4.88
C GLY A 1 21.05 11.26 -4.44
N SER A 2 21.56 11.20 -3.21
CA SER A 2 22.33 12.28 -2.66
C SER A 2 21.53 13.59 -2.70
N SER A 3 20.58 13.68 -1.78
CA SER A 3 19.73 14.86 -1.70
C SER A 3 20.09 15.68 -0.46
N GLY A 4 19.70 16.95 -0.50
CA GLY A 4 19.97 17.85 0.61
C GLY A 4 18.69 18.47 1.15
N SER A 5 18.35 18.07 2.38
CA SER A 5 17.14 18.58 3.02
C SER A 5 17.46 19.02 4.45
N SER A 6 16.53 19.78 5.02
CA SER A 6 16.70 20.26 6.37
C SER A 6 15.39 20.11 7.14
N GLY A 7 14.34 20.75 6.62
CA GLY A 7 13.04 20.70 7.24
C GLY A 7 11.93 21.05 6.24
N GLN A 8 11.43 22.26 6.37
CA GLN A 8 10.38 22.73 5.47
C GLN A 8 9.09 21.93 5.71
N LEU A 9 8.01 22.43 5.15
CA LEU A 9 6.72 21.78 5.28
C LEU A 9 6.55 20.74 4.17
N ARG A 10 6.54 19.48 4.57
CA ARG A 10 6.39 18.39 3.63
C ARG A 10 7.36 18.57 2.46
N ASP A 11 8.64 18.46 2.77
CA ASP A 11 9.67 18.60 1.75
C ASP A 11 9.80 17.31 0.96
N PHE A 12 10.30 17.44 -0.25
CA PHE A 12 10.48 16.28 -1.12
C PHE A 12 11.08 15.10 -0.35
N SER A 13 12.12 15.40 0.41
CA SER A 13 12.80 14.39 1.19
C SER A 13 11.88 13.89 2.32
N SER A 14 11.04 14.81 2.78
CA SER A 14 10.11 14.49 3.85
C SER A 14 8.95 13.65 3.31
N ILE A 15 8.53 14.00 2.11
CA ILE A 15 7.44 13.30 1.46
C ILE A 15 7.93 11.93 0.98
N ILE A 16 9.08 11.94 0.33
CA ILE A 16 9.67 10.72 -0.18
C ILE A 16 9.73 9.68 0.94
N GLN A 17 10.56 9.99 1.93
CA GLN A 17 10.71 9.08 3.07
C GLN A 17 9.37 8.47 3.45
N THR A 18 8.38 9.33 3.61
CA THR A 18 7.05 8.89 3.98
C THR A 18 6.51 7.91 2.92
N CYS A 19 6.65 8.32 1.67
CA CYS A 19 6.18 7.49 0.57
C CYS A 19 6.74 6.08 0.74
N SER A 20 8.06 6.01 0.87
CA SER A 20 8.73 4.74 1.05
C SER A 20 8.03 3.93 2.15
N GLY A 21 7.97 4.53 3.33
CA GLY A 21 7.33 3.88 4.46
C GLY A 21 5.97 3.30 4.07
N ASN A 22 5.07 4.19 3.69
CA ASN A 22 3.73 3.79 3.30
C ASN A 22 3.82 2.55 2.42
N ILE A 23 4.55 2.69 1.32
CA ILE A 23 4.72 1.58 0.40
C ILE A 23 4.91 0.28 1.18
N GLN A 24 5.99 0.26 1.97
CA GLN A 24 6.30 -0.91 2.78
C GLN A 24 5.02 -1.47 3.42
N ARG A 25 4.40 -0.64 4.24
CA ARG A 25 3.17 -1.04 4.92
C ARG A 25 2.22 -1.72 3.94
N ILE A 26 1.91 -1.00 2.88
CA ILE A 26 1.01 -1.51 1.85
C ILE A 26 1.39 -2.96 1.54
N SER A 27 2.66 -3.16 1.23
CA SER A 27 3.16 -4.48 0.92
C SER A 27 3.08 -5.38 2.15
N GLN A 28 3.31 -4.77 3.31
CA GLN A 28 3.27 -5.51 4.55
C GLN A 28 1.87 -6.06 4.80
N ALA A 29 0.93 -5.15 5.01
CA ALA A 29 -0.45 -5.53 5.25
C ALA A 29 -0.88 -6.58 4.22
N THR A 30 -0.48 -6.34 2.98
CA THR A 30 -0.81 -7.26 1.91
C THR A 30 -0.28 -8.66 2.22
N ALA A 31 0.82 -8.70 2.94
CA ALA A 31 1.44 -9.96 3.31
C ALA A 31 0.64 -10.59 4.46
N GLN A 32 0.22 -9.74 5.39
CA GLN A 32 -0.55 -10.20 6.53
C GLN A 32 -1.85 -10.86 6.06
N ILE A 33 -2.46 -10.24 5.06
CA ILE A 33 -3.71 -10.76 4.52
C ILE A 33 -3.48 -12.15 3.94
N LYS A 34 -2.41 -12.26 3.16
CA LYS A 34 -2.06 -13.53 2.55
C LYS A 34 -1.69 -14.54 3.64
N ASN A 35 -1.02 -14.04 4.66
CA ASN A 35 -0.61 -14.87 5.77
C ASN A 35 -1.84 -15.26 6.61
N LEU A 36 -2.78 -14.33 6.68
CA LEU A 36 -4.00 -14.56 7.43
C LEU A 36 -4.99 -15.33 6.56
N MET A 37 -4.82 -15.20 5.25
CA MET A 37 -5.68 -15.87 4.30
C MET A 37 -5.67 -17.39 4.52
N SER A 38 -4.46 -17.92 4.62
CA SER A 38 -4.28 -19.35 4.83
C SER A 38 -4.72 -19.73 6.25
N GLN A 39 -4.66 -18.75 7.13
CA GLN A 39 -5.04 -18.97 8.52
C GLN A 39 -6.54 -19.29 8.60
N LEU A 40 -7.26 -18.91 7.56
CA LEU A 40 -8.69 -19.15 7.50
C LEU A 40 -8.95 -20.66 7.56
N GLY A 41 -8.39 -21.36 6.58
CA GLY A 41 -8.54 -22.80 6.52
C GLY A 41 -7.65 -23.50 7.53
N THR A 42 -7.95 -23.28 8.80
CA THR A 42 -7.18 -23.88 9.88
C THR A 42 -7.87 -23.65 11.22
N LYS A 43 -7.57 -24.53 12.17
CA LYS A 43 -8.15 -24.44 13.49
C LYS A 43 -9.67 -24.59 13.40
N GLN A 44 -10.33 -24.45 14.54
CA GLN A 44 -11.77 -24.57 14.59
C GLN A 44 -12.43 -23.39 13.90
N ASP A 45 -12.31 -22.23 14.52
CA ASP A 45 -12.89 -21.01 13.97
C ASP A 45 -11.77 -20.10 13.47
N SER A 46 -12.18 -18.97 12.91
CA SER A 46 -11.22 -18.01 12.38
C SER A 46 -11.90 -16.64 12.21
N SER A 47 -12.30 -16.08 13.33
CA SER A 47 -12.96 -14.77 13.32
C SER A 47 -11.92 -13.67 13.39
N LYS A 48 -11.05 -13.77 14.39
CA LYS A 48 -10.00 -12.78 14.58
C LYS A 48 -9.34 -12.48 13.25
N LEU A 49 -8.83 -13.54 12.62
CA LEU A 49 -8.16 -13.40 11.33
C LEU A 49 -9.04 -12.58 10.40
N GLN A 50 -10.20 -13.15 10.08
CA GLN A 50 -11.15 -12.47 9.20
C GLN A 50 -11.12 -10.97 9.44
N GLU A 51 -11.47 -10.58 10.65
CA GLU A 51 -11.49 -9.18 11.01
C GLU A 51 -10.17 -8.51 10.66
N ASN A 52 -9.09 -9.22 10.95
CA ASN A 52 -7.76 -8.72 10.66
C ASN A 52 -7.65 -8.41 9.17
N LEU A 53 -8.08 -9.36 8.37
CA LEU A 53 -8.03 -9.20 6.92
C LEU A 53 -8.57 -7.82 6.54
N GLN A 54 -9.84 -7.61 6.87
CA GLN A 54 -10.49 -6.35 6.57
C GLN A 54 -9.63 -5.18 7.07
N GLN A 55 -9.48 -5.12 8.38
CA GLN A 55 -8.69 -4.07 9.00
C GLN A 55 -7.40 -3.83 8.21
N LEU A 56 -6.68 -4.93 8.00
CA LEU A 56 -5.42 -4.86 7.26
C LEU A 56 -5.67 -4.20 5.91
N GLN A 57 -6.56 -4.80 5.14
CA GLN A 57 -6.89 -4.29 3.83
C GLN A 57 -7.13 -2.78 3.90
N HIS A 58 -8.15 -2.41 4.67
CA HIS A 58 -8.49 -1.00 4.82
C HIS A 58 -7.23 -0.20 5.12
N SER A 59 -6.55 -0.60 6.19
CA SER A 59 -5.33 0.08 6.59
C SER A 59 -4.51 0.46 5.36
N THR A 60 -4.39 -0.50 4.45
CA THR A 60 -3.64 -0.29 3.23
C THR A 60 -4.40 0.66 2.29
N ASN A 61 -5.69 0.38 2.14
CA ASN A 61 -6.53 1.19 1.28
C ASN A 61 -6.24 2.66 1.52
N GLN A 62 -6.31 3.05 2.79
CA GLN A 62 -6.05 4.43 3.17
C GLN A 62 -4.62 4.83 2.76
N LEU A 63 -3.66 4.11 3.31
CA LEU A 63 -2.26 4.38 3.01
C LEU A 63 -2.12 4.75 1.53
N ALA A 64 -2.52 3.82 0.67
CA ALA A 64 -2.45 4.04 -0.76
C ALA A 64 -2.93 5.45 -1.08
N LYS A 65 -4.19 5.71 -0.74
CA LYS A 65 -4.78 7.02 -0.98
C LYS A 65 -3.77 8.11 -0.62
N GLU A 66 -3.24 8.00 0.60
CA GLU A 66 -2.26 8.96 1.07
C GLU A 66 -1.05 9.00 0.14
N THR A 67 -0.54 7.82 -0.18
CA THR A 67 0.61 7.71 -1.05
C THR A 67 0.35 8.45 -2.36
N ASN A 68 -0.77 8.11 -2.99
CA ASN A 68 -1.14 8.74 -4.24
C ASN A 68 -1.21 10.26 -4.05
N GLU A 69 -1.79 10.65 -2.93
CA GLU A 69 -1.94 12.06 -2.62
C GLU A 69 -0.56 12.72 -2.51
N LEU A 70 0.38 11.99 -1.90
CA LEU A 70 1.73 12.50 -1.74
C LEU A 70 2.42 12.55 -3.10
N LEU A 71 2.32 11.44 -3.82
CA LEU A 71 2.93 11.34 -5.13
C LEU A 71 2.46 12.51 -6.00
N LYS A 72 1.34 13.08 -5.60
CA LYS A 72 0.78 14.21 -6.33
C LYS A 72 1.38 15.51 -5.79
N GLU A 73 1.57 15.54 -4.47
CA GLU A 73 2.14 16.71 -3.82
C GLU A 73 3.65 16.76 -4.05
N LEU A 74 4.21 15.60 -4.34
CA LEU A 74 5.64 15.51 -4.58
C LEU A 74 5.99 16.27 -5.87
N GLY A 75 5.52 15.73 -6.97
CA GLY A 75 5.77 16.35 -8.27
C GLY A 75 5.32 17.81 -8.28
N SER A 76 4.39 18.12 -7.39
CA SER A 76 3.87 19.47 -7.27
C SER A 76 5.00 20.44 -6.91
N LEU A 77 5.81 20.01 -5.94
CA LEU A 77 6.93 20.82 -5.49
C LEU A 77 7.64 21.43 -6.70
N PRO A 78 8.36 22.55 -6.44
CA PRO A 78 9.07 23.24 -7.50
C PRO A 78 10.35 22.48 -7.88
N LEU A 79 11.16 23.10 -8.73
CA LEU A 79 12.39 22.49 -9.17
C LEU A 79 13.57 23.30 -8.63
N PRO A 80 14.69 22.57 -8.37
CA PRO A 80 15.89 23.20 -7.85
C PRO A 80 16.62 23.98 -8.95
N LEU A 81 17.13 25.14 -8.57
CA LEU A 81 17.85 25.99 -9.50
C LEU A 81 18.87 25.14 -10.26
N SER A 82 19.27 24.05 -9.64
CA SER A 82 20.23 23.15 -10.25
C SER A 82 19.51 22.07 -11.05
N THR A 83 20.03 21.80 -12.24
CA THR A 83 19.45 20.79 -13.11
C THR A 83 19.86 19.40 -12.64
N SER A 84 20.91 19.35 -11.85
CA SER A 84 21.40 18.08 -11.34
C SER A 84 20.42 17.52 -10.31
N GLU A 85 19.77 18.42 -9.59
CA GLU A 85 18.80 18.03 -8.58
C GLU A 85 17.43 17.83 -9.22
N GLN A 86 17.29 18.36 -10.43
CA GLN A 86 16.03 18.25 -11.15
C GLN A 86 15.76 16.78 -11.52
N ARG A 87 16.60 16.27 -12.40
CA ARG A 87 16.46 14.88 -12.85
C ARG A 87 16.46 13.94 -11.64
N GLN A 88 17.34 14.24 -10.69
CA GLN A 88 17.45 13.43 -9.50
C GLN A 88 16.13 13.43 -8.73
N GLN A 89 15.41 14.53 -8.87
CA GLN A 89 14.13 14.67 -8.20
C GLN A 89 13.08 13.79 -8.87
N ARG A 90 12.83 14.08 -10.14
CA ARG A 90 11.85 13.33 -10.90
C ARG A 90 12.19 11.84 -10.88
N LEU A 91 13.49 11.56 -10.97
CA LEU A 91 13.97 10.18 -10.96
C LEU A 91 13.52 9.51 -9.66
N GLN A 92 13.83 10.16 -8.55
CA GLN A 92 13.48 9.63 -7.24
C GLN A 92 11.99 9.33 -7.18
N LYS A 93 11.20 10.24 -7.75
CA LYS A 93 9.77 10.08 -7.76
C LYS A 93 9.39 8.93 -8.69
N GLU A 94 10.03 8.90 -9.85
CA GLU A 94 9.79 7.86 -10.82
C GLU A 94 9.83 6.48 -10.15
N ARG A 95 10.85 6.29 -9.34
CA ARG A 95 11.02 5.03 -8.63
C ARG A 95 9.92 4.85 -7.59
N LEU A 96 9.62 5.95 -6.90
CA LEU A 96 8.59 5.93 -5.89
C LEU A 96 7.29 5.37 -6.47
N MET A 97 6.94 5.91 -7.64
CA MET A 97 5.73 5.48 -8.32
C MET A 97 5.77 3.98 -8.62
N ASN A 98 6.88 3.56 -9.19
CA ASN A 98 7.06 2.15 -9.53
C ASN A 98 6.94 1.31 -8.26
N ASP A 99 7.82 1.58 -7.32
CA ASP A 99 7.82 0.86 -6.06
C ASP A 99 6.39 0.75 -5.53
N PHE A 100 5.76 1.91 -5.37
CA PHE A 100 4.40 1.95 -4.88
C PHE A 100 3.49 1.03 -5.69
N SER A 101 3.64 1.11 -7.01
CA SER A 101 2.85 0.29 -7.91
C SER A 101 3.02 -1.19 -7.56
N ALA A 102 4.28 -1.62 -7.60
CA ALA A 102 4.59 -3.00 -7.30
C ALA A 102 3.87 -3.42 -6.01
N ALA A 103 3.80 -2.48 -5.08
CA ALA A 103 3.13 -2.74 -3.82
C ALA A 103 1.62 -2.72 -4.02
N LEU A 104 1.18 -1.84 -4.92
CA LEU A 104 -0.23 -1.71 -5.22
C LEU A 104 -0.73 -3.02 -5.84
N ASN A 105 -0.16 -3.36 -6.98
CA ASN A 105 -0.55 -4.58 -7.67
C ASN A 105 -0.73 -5.71 -6.66
N ASN A 106 0.23 -5.81 -5.75
CA ASN A 106 0.19 -6.84 -4.73
C ASN A 106 -1.19 -6.82 -4.06
N PHE A 107 -1.51 -5.69 -3.46
CA PHE A 107 -2.78 -5.54 -2.79
C PHE A 107 -3.94 -5.98 -3.70
N GLN A 108 -3.90 -5.49 -4.94
CA GLN A 108 -4.92 -5.83 -5.90
C GLN A 108 -5.03 -7.34 -6.06
N ALA A 109 -3.93 -7.94 -6.48
CA ALA A 109 -3.88 -9.38 -6.68
C ALA A 109 -4.37 -10.08 -5.41
N VAL A 110 -4.29 -9.36 -4.30
CA VAL A 110 -4.72 -9.90 -3.02
C VAL A 110 -6.23 -9.64 -2.85
N GLN A 111 -6.64 -8.45 -3.24
CA GLN A 111 -8.03 -8.06 -3.14
C GLN A 111 -8.92 -9.07 -3.89
N ARG A 112 -8.41 -9.52 -5.02
CA ARG A 112 -9.14 -10.48 -5.83
C ARG A 112 -9.15 -11.85 -5.16
N ARG A 113 -7.95 -12.29 -4.79
CA ARG A 113 -7.80 -13.58 -4.14
C ARG A 113 -8.64 -13.64 -2.87
N VAL A 114 -8.62 -12.53 -2.13
CA VAL A 114 -9.37 -12.44 -0.89
C VAL A 114 -10.86 -12.66 -1.18
N SER A 115 -11.35 -11.91 -2.15
CA SER A 115 -12.76 -12.03 -2.54
C SER A 115 -13.09 -13.47 -2.87
N GLU A 116 -12.27 -14.06 -3.74
CA GLU A 116 -12.47 -15.43 -4.16
C GLU A 116 -12.74 -16.32 -2.95
N LYS A 117 -11.95 -16.10 -1.90
CA LYS A 117 -12.10 -16.87 -0.68
C LYS A 117 -13.51 -16.68 -0.13
N GLU A 118 -13.89 -15.42 0.04
CA GLU A 118 -15.20 -15.08 0.56
C GLU A 118 -16.28 -15.54 -0.42
N LYS A 119 -15.84 -15.91 -1.61
CA LYS A 119 -16.77 -16.36 -2.64
C LYS A 119 -16.85 -17.89 -2.60
N GLU A 120 -15.73 -18.51 -2.23
CA GLU A 120 -15.66 -19.96 -2.14
C GLU A 120 -16.49 -20.46 -0.95
N SER A 121 -16.67 -19.58 0.02
CA SER A 121 -17.43 -19.92 1.21
C SER A 121 -18.92 -20.00 0.86
N ILE A 122 -19.46 -18.85 0.48
CA ILE A 122 -20.88 -18.77 0.13
C ILE A 122 -21.17 -19.78 -1.00
N ALA A 123 -20.62 -19.49 -2.16
CA ALA A 123 -20.81 -20.35 -3.32
C ALA A 123 -22.24 -20.18 -3.83
N ARG A 124 -22.52 -20.86 -4.94
CA ARG A 124 -23.84 -20.80 -5.53
C ARG A 124 -24.92 -21.10 -4.49
N SER A 125 -26.16 -20.87 -4.88
CA SER A 125 -27.28 -21.11 -3.99
C SER A 125 -27.20 -20.17 -2.79
N GLY A 126 -26.34 -20.53 -1.85
CA GLY A 126 -26.16 -19.72 -0.66
C GLY A 126 -27.47 -19.56 0.10
N PRO A 127 -27.63 -18.37 0.73
CA PRO A 127 -28.84 -18.07 1.48
C PRO A 127 -30.01 -17.76 0.55
N SER A 128 -30.49 -18.82 -0.10
CA SER A 128 -31.61 -18.69 -1.03
C SER A 128 -31.33 -17.55 -2.01
N SER A 129 -30.58 -17.88 -3.05
CA SER A 129 -30.24 -16.91 -4.07
C SER A 129 -29.73 -15.62 -3.41
N GLY A 130 -28.41 -15.56 -3.24
CA GLY A 130 -27.80 -14.40 -2.62
C GLY A 130 -28.66 -13.87 -1.48
N GLY A 1 6.07 30.98 0.63
CA GLY A 1 7.13 31.50 -0.20
C GLY A 1 8.47 30.86 0.15
N SER A 2 9.47 31.71 0.33
CA SER A 2 10.80 31.25 0.67
C SER A 2 11.43 32.16 1.71
N SER A 3 11.56 33.43 1.34
CA SER A 3 12.15 34.42 2.23
C SER A 3 13.66 34.24 2.28
N GLY A 4 14.08 33.13 2.87
CA GLY A 4 15.50 32.83 2.99
C GLY A 4 15.72 31.42 3.54
N SER A 5 15.68 30.46 2.63
CA SER A 5 15.88 29.07 3.00
C SER A 5 14.76 28.63 3.96
N SER A 6 13.73 28.03 3.40
CA SER A 6 12.61 27.56 4.19
C SER A 6 12.21 26.16 3.74
N GLY A 7 12.94 25.18 4.25
CA GLY A 7 12.68 23.78 3.91
C GLY A 7 11.67 23.17 4.90
N GLN A 8 10.45 23.68 4.83
CA GLN A 8 9.39 23.19 5.70
C GLN A 8 8.06 23.15 4.95
N LEU A 9 7.10 22.45 5.54
CA LEU A 9 5.79 22.32 4.94
C LEU A 9 5.92 21.63 3.58
N ARG A 10 5.35 20.44 3.49
CA ARG A 10 5.40 19.67 2.26
C ARG A 10 6.79 19.73 1.65
N ASP A 11 7.69 18.94 2.23
CA ASP A 11 9.06 18.90 1.76
C ASP A 11 9.29 17.60 0.98
N PHE A 12 9.88 17.75 -0.20
CA PHE A 12 10.16 16.60 -1.05
C PHE A 12 10.60 15.40 -0.22
N SER A 13 11.66 15.61 0.56
CA SER A 13 12.18 14.55 1.40
C SER A 13 11.12 14.10 2.40
N SER A 14 10.34 15.07 2.87
CA SER A 14 9.29 14.78 3.83
C SER A 14 8.18 13.97 3.16
N ILE A 15 7.96 14.26 1.89
CA ILE A 15 6.93 13.56 1.13
C ILE A 15 7.48 12.21 0.66
N ILE A 16 8.76 12.22 0.29
CA ILE A 16 9.41 11.01 -0.18
C ILE A 16 9.46 9.99 0.96
N GLN A 17 10.28 10.30 1.95
CA GLN A 17 10.42 9.42 3.10
C GLN A 17 9.07 8.82 3.48
N THR A 18 8.12 9.70 3.75
CA THR A 18 6.79 9.28 4.13
C THR A 18 6.22 8.30 3.10
N CYS A 19 6.37 8.68 1.84
CA CYS A 19 5.87 7.85 0.75
C CYS A 19 6.50 6.46 0.88
N SER A 20 7.81 6.45 1.06
CA SER A 20 8.53 5.20 1.22
C SER A 20 7.82 4.30 2.23
N GLY A 21 7.47 4.90 3.36
CA GLY A 21 6.79 4.16 4.41
C GLY A 21 5.48 3.56 3.90
N ASN A 22 4.62 4.43 3.40
CA ASN A 22 3.34 4.00 2.88
C ASN A 22 3.52 2.71 2.08
N ILE A 23 4.36 2.81 1.06
CA ILE A 23 4.63 1.66 0.20
C ILE A 23 4.92 0.44 1.08
N GLN A 24 5.99 0.55 1.87
CA GLN A 24 6.38 -0.53 2.75
C GLN A 24 5.13 -1.17 3.39
N ARG A 25 4.41 -0.36 4.14
CA ARG A 25 3.21 -0.83 4.80
C ARG A 25 2.30 -1.54 3.81
N ILE A 26 1.96 -0.82 2.75
CA ILE A 26 1.09 -1.37 1.71
C ILE A 26 1.47 -2.83 1.46
N SER A 27 2.75 -3.03 1.15
CA SER A 27 3.24 -4.37 0.88
C SER A 27 3.14 -5.23 2.15
N GLN A 28 3.51 -4.63 3.27
CA GLN A 28 3.45 -5.32 4.55
C GLN A 28 2.05 -5.91 4.77
N ALA A 29 1.09 -5.03 4.92
CA ALA A 29 -0.28 -5.44 5.14
C ALA A 29 -0.67 -6.51 4.11
N THR A 30 -0.20 -6.30 2.88
CA THR A 30 -0.49 -7.22 1.81
C THR A 30 0.10 -8.60 2.12
N ALA A 31 1.16 -8.59 2.92
CA ALA A 31 1.83 -9.82 3.31
C ALA A 31 1.05 -10.47 4.45
N GLN A 32 0.53 -9.63 5.34
CA GLN A 32 -0.23 -10.11 6.48
C GLN A 32 -1.48 -10.86 6.01
N ILE A 33 -2.07 -10.34 4.94
CA ILE A 33 -3.26 -10.96 4.38
C ILE A 33 -2.92 -12.34 3.82
N LYS A 34 -1.80 -12.38 3.09
CA LYS A 34 -1.35 -13.62 2.49
C LYS A 34 -0.90 -14.57 3.60
N ASN A 35 -0.37 -13.99 4.65
CA ASN A 35 0.11 -14.78 5.78
C ASN A 35 -1.09 -15.25 6.61
N LEU A 36 -2.05 -14.35 6.77
CA LEU A 36 -3.25 -14.66 7.53
C LEU A 36 -4.21 -15.48 6.66
N MET A 37 -3.91 -15.50 5.36
CA MET A 37 -4.73 -16.24 4.42
C MET A 37 -4.74 -17.73 4.76
N SER A 38 -3.57 -18.35 4.62
CA SER A 38 -3.44 -19.76 4.90
C SER A 38 -3.95 -20.07 6.32
N GLN A 39 -3.78 -19.09 7.19
CA GLN A 39 -4.21 -19.24 8.57
C GLN A 39 -5.70 -19.59 8.62
N LEU A 40 -6.45 -18.97 7.72
CA LEU A 40 -7.88 -19.22 7.65
C LEU A 40 -8.13 -20.72 7.49
N GLY A 41 -7.11 -21.42 7.02
CA GLY A 41 -7.21 -22.85 6.82
C GLY A 41 -7.28 -23.59 8.15
N THR A 42 -8.49 -23.73 8.66
CA THR A 42 -8.69 -24.43 9.92
C THR A 42 -9.96 -25.28 9.86
N LYS A 43 -10.27 -25.89 11.00
CA LYS A 43 -11.45 -26.74 11.08
C LYS A 43 -12.47 -26.09 12.02
N GLN A 44 -12.69 -24.81 11.81
CA GLN A 44 -13.64 -24.06 12.63
C GLN A 44 -14.19 -22.87 11.84
N ASP A 45 -13.58 -21.72 12.05
CA ASP A 45 -14.00 -20.51 11.37
C ASP A 45 -12.92 -19.43 11.54
N SER A 46 -12.75 -19.00 12.78
CA SER A 46 -11.77 -17.99 13.10
C SER A 46 -12.22 -16.63 12.53
N SER A 47 -13.01 -15.94 13.32
CA SER A 47 -13.51 -14.63 12.92
C SER A 47 -12.40 -13.59 13.00
N LYS A 48 -11.76 -13.54 14.16
CA LYS A 48 -10.68 -12.61 14.38
C LYS A 48 -9.81 -12.54 13.12
N LEU A 49 -9.60 -13.70 12.52
CA LEU A 49 -8.79 -13.77 11.31
C LEU A 49 -9.30 -12.76 10.29
N GLN A 50 -10.46 -13.07 9.73
CA GLN A 50 -11.07 -12.20 8.74
C GLN A 50 -10.96 -10.74 9.17
N GLU A 51 -11.35 -10.49 10.42
CA GLU A 51 -11.30 -9.14 10.96
C GLU A 51 -9.88 -8.59 10.86
N ASN A 52 -8.92 -9.48 11.03
CA ASN A 52 -7.51 -9.10 10.96
C ASN A 52 -7.17 -8.70 9.53
N LEU A 53 -7.80 -9.39 8.59
CA LEU A 53 -7.57 -9.12 7.18
C LEU A 53 -8.10 -7.72 6.84
N GLN A 54 -9.40 -7.56 7.06
CA GLN A 54 -10.04 -6.28 6.77
C GLN A 54 -9.22 -5.13 7.36
N GLN A 55 -9.03 -5.20 8.67
CA GLN A 55 -8.27 -4.18 9.37
C GLN A 55 -6.97 -3.88 8.62
N LEU A 56 -6.31 -4.94 8.19
CA LEU A 56 -5.05 -4.80 7.46
C LEU A 56 -5.34 -4.23 6.07
N GLN A 57 -6.36 -4.78 5.43
CA GLN A 57 -6.75 -4.35 4.10
C GLN A 57 -7.07 -2.85 4.12
N HIS A 58 -8.00 -2.48 4.98
CA HIS A 58 -8.40 -1.09 5.10
C HIS A 58 -7.17 -0.22 5.35
N SER A 59 -6.42 -0.59 6.37
CA SER A 59 -5.22 0.14 6.72
C SER A 59 -4.48 0.58 5.46
N THR A 60 -4.11 -0.41 4.65
CA THR A 60 -3.40 -0.14 3.42
C THR A 60 -4.20 0.81 2.54
N ASN A 61 -5.49 0.52 2.43
CA ASN A 61 -6.37 1.35 1.62
C ASN A 61 -6.06 2.83 1.88
N GLN A 62 -6.13 3.21 3.14
CA GLN A 62 -5.85 4.58 3.53
C GLN A 62 -4.44 4.99 3.08
N LEU A 63 -3.46 4.29 3.64
CA LEU A 63 -2.07 4.56 3.31
C LEU A 63 -1.96 4.87 1.82
N ALA A 64 -2.43 3.94 1.02
CA ALA A 64 -2.38 4.10 -0.43
C ALA A 64 -2.93 5.48 -0.80
N LYS A 65 -4.13 5.76 -0.31
CA LYS A 65 -4.78 7.03 -0.58
C LYS A 65 -3.79 8.17 -0.31
N GLU A 66 -3.19 8.12 0.87
CA GLU A 66 -2.22 9.12 1.26
C GLU A 66 -1.07 9.18 0.27
N THR A 67 -0.58 7.99 -0.08
CA THR A 67 0.52 7.88 -1.03
C THR A 67 0.22 8.71 -2.28
N ASN A 68 -0.94 8.46 -2.85
CA ASN A 68 -1.36 9.17 -4.06
C ASN A 68 -1.19 10.67 -3.84
N GLU A 69 -1.93 11.18 -2.86
CA GLU A 69 -1.88 12.60 -2.54
C GLU A 69 -0.42 13.06 -2.39
N LEU A 70 0.29 12.40 -1.49
CA LEU A 70 1.69 12.72 -1.24
C LEU A 70 2.44 12.75 -2.57
N LEU A 71 2.14 11.77 -3.41
CA LEU A 71 2.78 11.68 -4.70
C LEU A 71 2.31 12.83 -5.58
N LYS A 72 1.16 13.39 -5.21
CA LYS A 72 0.59 14.50 -5.95
C LYS A 72 1.26 15.81 -5.51
N GLU A 73 1.93 15.73 -4.37
CA GLU A 73 2.60 16.90 -3.82
C GLU A 73 4.07 16.92 -4.29
N LEU A 74 4.68 15.73 -4.28
CA LEU A 74 6.06 15.60 -4.70
C LEU A 74 6.27 16.36 -6.01
N GLY A 75 5.73 15.80 -7.08
CA GLY A 75 5.84 16.41 -8.39
C GLY A 75 5.42 17.88 -8.35
N SER A 76 4.46 18.16 -7.48
CA SER A 76 3.97 19.52 -7.33
C SER A 76 5.11 20.46 -6.96
N LEU A 77 5.95 20.00 -6.03
CA LEU A 77 7.08 20.79 -5.59
C LEU A 77 7.78 21.40 -6.80
N PRO A 78 8.47 22.54 -6.54
CA PRO A 78 9.19 23.23 -7.61
C PRO A 78 10.49 22.49 -7.97
N LEU A 79 11.08 22.92 -9.06
CA LEU A 79 12.32 22.31 -9.52
C LEU A 79 13.50 23.20 -9.14
N PRO A 80 14.66 22.55 -8.88
CA PRO A 80 15.86 23.28 -8.51
C PRO A 80 16.50 23.96 -9.73
N LEU A 81 17.33 24.95 -9.46
CA LEU A 81 17.99 25.68 -10.52
C LEU A 81 18.95 24.75 -11.26
N SER A 82 19.46 23.77 -10.52
CA SER A 82 20.38 22.81 -11.08
C SER A 82 19.61 21.63 -11.68
N THR A 83 20.18 21.07 -12.73
CA THR A 83 19.56 19.93 -13.40
C THR A 83 19.91 18.63 -12.69
N SER A 84 21.17 18.53 -12.28
CA SER A 84 21.64 17.35 -11.58
C SER A 84 20.63 16.94 -10.50
N GLU A 85 19.94 17.94 -9.97
CA GLU A 85 18.95 17.71 -8.93
C GLU A 85 17.60 17.36 -9.55
N GLN A 86 17.31 18.04 -10.65
CA GLN A 86 16.05 17.82 -11.36
C GLN A 86 15.85 16.33 -11.63
N ARG A 87 16.88 15.72 -12.22
CA ARG A 87 16.82 14.31 -12.55
C ARG A 87 16.68 13.48 -11.27
N GLN A 88 17.59 13.73 -10.34
CA GLN A 88 17.57 13.01 -9.07
C GLN A 88 16.19 13.13 -8.40
N GLN A 89 15.55 14.26 -8.66
CA GLN A 89 14.23 14.51 -8.10
C GLN A 89 13.18 13.65 -8.81
N ARG A 90 12.97 13.97 -10.07
CA ARG A 90 11.99 13.23 -10.87
C ARG A 90 12.27 11.73 -10.80
N LEU A 91 13.55 11.40 -10.73
CA LEU A 91 13.96 10.00 -10.65
C LEU A 91 13.40 9.39 -9.36
N GLN A 92 13.64 10.08 -8.26
CA GLN A 92 13.18 9.61 -6.97
C GLN A 92 11.67 9.31 -7.02
N LYS A 93 10.91 10.28 -7.50
CA LYS A 93 9.47 10.12 -7.61
C LYS A 93 9.17 8.94 -8.53
N GLU A 94 9.78 8.96 -9.70
CA GLU A 94 9.57 7.90 -10.67
C GLU A 94 9.65 6.54 -10.00
N ARG A 95 10.60 6.43 -9.08
CA ARG A 95 10.79 5.18 -8.35
C ARG A 95 9.68 4.99 -7.32
N LEU A 96 9.29 6.10 -6.69
CA LEU A 96 8.25 6.07 -5.69
C LEU A 96 6.96 5.51 -6.32
N MET A 97 6.72 5.92 -7.55
CA MET A 97 5.54 5.48 -8.27
C MET A 97 5.61 3.98 -8.57
N ASN A 98 6.69 3.60 -9.24
CA ASN A 98 6.88 2.20 -9.59
C ASN A 98 6.81 1.34 -8.32
N ASP A 99 7.72 1.62 -7.41
CA ASP A 99 7.77 0.88 -6.15
C ASP A 99 6.35 0.81 -5.57
N PHE A 100 5.70 1.96 -5.54
CA PHE A 100 4.34 2.03 -5.00
C PHE A 100 3.39 1.13 -5.79
N SER A 101 3.57 1.14 -7.10
CA SER A 101 2.73 0.33 -7.97
C SER A 101 2.94 -1.16 -7.67
N ALA A 102 4.20 -1.57 -7.76
CA ALA A 102 4.55 -2.95 -7.50
C ALA A 102 3.90 -3.41 -6.20
N ALA A 103 3.88 -2.50 -5.24
CA ALA A 103 3.29 -2.79 -3.94
C ALA A 103 1.77 -2.77 -4.06
N LEU A 104 1.28 -1.82 -4.85
CA LEU A 104 -0.16 -1.68 -5.06
C LEU A 104 -0.69 -2.96 -5.71
N ASN A 105 -0.19 -3.24 -6.90
CA ASN A 105 -0.62 -4.43 -7.63
C ASN A 105 -0.73 -5.61 -6.66
N ASN A 106 0.28 -5.73 -5.81
CA ASN A 106 0.31 -6.81 -4.83
C ASN A 106 -1.03 -6.84 -4.08
N PHE A 107 -1.32 -5.72 -3.44
CA PHE A 107 -2.56 -5.60 -2.68
C PHE A 107 -3.77 -6.01 -3.53
N GLN A 108 -3.82 -5.47 -4.73
CA GLN A 108 -4.91 -5.78 -5.64
C GLN A 108 -5.03 -7.29 -5.85
N ALA A 109 -3.92 -7.87 -6.30
CA ALA A 109 -3.89 -9.31 -6.54
C ALA A 109 -4.28 -10.04 -5.26
N VAL A 110 -4.14 -9.35 -4.15
CA VAL A 110 -4.47 -9.93 -2.85
C VAL A 110 -5.94 -9.66 -2.55
N GLN A 111 -6.43 -8.53 -3.06
CA GLN A 111 -7.81 -8.15 -2.85
C GLN A 111 -8.74 -9.08 -3.63
N ARG A 112 -8.28 -9.50 -4.80
CA ARG A 112 -9.05 -10.38 -5.65
C ARG A 112 -8.98 -11.81 -5.13
N ARG A 113 -7.84 -12.13 -4.53
CA ARG A 113 -7.63 -13.46 -3.98
C ARG A 113 -8.40 -13.63 -2.67
N VAL A 114 -8.55 -12.52 -1.96
CA VAL A 114 -9.27 -12.53 -0.70
C VAL A 114 -10.74 -12.83 -0.96
N SER A 115 -11.33 -12.05 -1.86
CA SER A 115 -12.72 -12.22 -2.21
C SER A 115 -13.01 -13.70 -2.50
N GLU A 116 -12.34 -14.21 -3.52
CA GLU A 116 -12.51 -15.59 -3.91
C GLU A 116 -12.55 -16.50 -2.68
N LYS A 117 -11.61 -16.26 -1.78
CA LYS A 117 -11.53 -17.04 -0.55
C LYS A 117 -12.86 -16.95 0.19
N GLU A 118 -13.20 -15.72 0.58
CA GLU A 118 -14.43 -15.49 1.31
C GLU A 118 -15.63 -15.90 0.46
N LYS A 119 -15.38 -16.10 -0.83
CA LYS A 119 -16.42 -16.50 -1.76
C LYS A 119 -16.75 -17.98 -1.53
N GLU A 120 -15.71 -18.79 -1.55
CA GLU A 120 -15.88 -20.22 -1.34
C GLU A 120 -16.44 -20.50 0.05
N SER A 121 -16.06 -19.66 0.99
CA SER A 121 -16.52 -19.80 2.36
C SER A 121 -18.04 -19.92 2.40
N ILE A 122 -18.69 -18.92 1.81
CA ILE A 122 -20.15 -18.91 1.76
C ILE A 122 -20.66 -20.30 1.40
N ALA A 123 -20.15 -20.80 0.27
CA ALA A 123 -20.55 -22.12 -0.19
C ALA A 123 -20.59 -23.09 0.98
N ARG A 124 -19.41 -23.34 1.54
CA ARG A 124 -19.29 -24.25 2.67
C ARG A 124 -20.47 -24.06 3.62
N SER A 125 -21.07 -25.19 4.01
CA SER A 125 -22.21 -25.15 4.91
C SER A 125 -21.72 -25.16 6.36
N GLY A 126 -22.31 -24.28 7.16
CA GLY A 126 -21.94 -24.18 8.56
C GLY A 126 -22.22 -25.48 9.30
N PRO A 127 -21.12 -26.16 9.70
CA PRO A 127 -21.25 -27.43 10.42
C PRO A 127 -21.67 -27.20 11.87
N SER A 128 -22.86 -26.62 12.01
CA SER A 128 -23.40 -26.34 13.34
C SER A 128 -23.13 -27.51 14.27
N SER A 129 -23.62 -28.67 13.88
CA SER A 129 -23.45 -29.88 14.67
C SER A 129 -24.13 -29.72 16.03
N GLY A 130 -24.71 -30.82 16.49
CA GLY A 130 -25.41 -30.82 17.76
C GLY A 130 -25.15 -32.12 18.52
N GLY A 1 18.04 11.21 -4.17
CA GLY A 1 18.79 12.08 -3.28
C GLY A 1 18.17 12.12 -1.89
N SER A 2 17.22 13.03 -1.71
CA SER A 2 16.54 13.16 -0.44
C SER A 2 17.48 13.79 0.59
N SER A 3 17.78 15.06 0.38
CA SER A 3 18.67 15.77 1.28
C SER A 3 18.00 17.06 1.77
N GLY A 4 18.51 17.58 2.88
CA GLY A 4 17.97 18.80 3.45
C GLY A 4 17.09 18.49 4.67
N SER A 5 16.92 19.50 5.50
CA SER A 5 16.11 19.35 6.71
C SER A 5 15.94 20.70 7.40
N SER A 6 14.70 21.08 7.61
CA SER A 6 14.38 22.34 8.25
C SER A 6 12.92 22.37 8.68
N GLY A 7 12.69 22.84 9.90
CA GLY A 7 11.35 22.91 10.44
C GLY A 7 10.59 21.60 10.22
N GLN A 8 9.28 21.73 10.09
CA GLN A 8 8.43 20.56 9.87
C GLN A 8 7.51 20.79 8.68
N LEU A 9 8.08 21.36 7.62
CA LEU A 9 7.32 21.63 6.41
C LEU A 9 7.34 20.40 5.51
N ARG A 10 6.27 20.24 4.75
CA ARG A 10 6.16 19.12 3.83
C ARG A 10 7.15 19.28 2.68
N ASP A 11 8.41 18.95 2.98
CA ASP A 11 9.46 19.05 1.98
C ASP A 11 9.52 17.75 1.18
N PHE A 12 9.91 17.88 -0.08
CA PHE A 12 10.01 16.73 -0.95
C PHE A 12 10.50 15.50 -0.18
N SER A 13 11.68 15.64 0.41
CA SER A 13 12.27 14.56 1.18
C SER A 13 11.28 14.08 2.25
N SER A 14 10.67 15.04 2.92
CA SER A 14 9.70 14.73 3.96
C SER A 14 8.54 13.93 3.37
N ILE A 15 8.28 14.18 2.10
CA ILE A 15 7.20 13.49 1.41
C ILE A 15 7.71 12.16 0.86
N ILE A 16 9.00 12.15 0.54
CA ILE A 16 9.62 10.95 0.00
C ILE A 16 9.53 9.83 1.03
N GLN A 17 10.23 10.02 2.14
CA GLN A 17 10.23 9.04 3.21
C GLN A 17 8.82 8.48 3.42
N THR A 18 7.90 9.38 3.71
CA THR A 18 6.52 8.99 3.94
C THR A 18 6.01 8.13 2.78
N CYS A 19 6.33 8.58 1.57
CA CYS A 19 5.92 7.87 0.37
C CYS A 19 6.52 6.46 0.42
N SER A 20 7.82 6.42 0.63
CA SER A 20 8.52 5.15 0.70
C SER A 20 7.87 4.23 1.73
N GLY A 21 7.86 4.71 2.97
CA GLY A 21 7.26 3.94 4.06
C GLY A 21 5.90 3.39 3.64
N ASN A 22 5.01 4.30 3.29
CA ASN A 22 3.67 3.92 2.88
C ASN A 22 3.74 2.69 1.98
N ILE A 23 4.48 2.83 0.89
CA ILE A 23 4.64 1.74 -0.05
C ILE A 23 4.91 0.44 0.71
N GLN A 24 6.00 0.44 1.45
CA GLN A 24 6.38 -0.72 2.23
C GLN A 24 5.15 -1.34 2.89
N ARG A 25 4.52 -0.56 3.75
CA ARG A 25 3.33 -1.01 4.46
C ARG A 25 2.39 -1.74 3.49
N ILE A 26 1.97 -1.00 2.47
CA ILE A 26 1.07 -1.56 1.47
C ILE A 26 1.49 -3.00 1.17
N SER A 27 2.72 -3.14 0.71
CA SER A 27 3.25 -4.45 0.37
C SER A 27 3.23 -5.36 1.61
N GLN A 28 3.58 -4.76 2.74
CA GLN A 28 3.62 -5.49 3.99
C GLN A 28 2.22 -6.03 4.34
N ALA A 29 1.32 -5.08 4.61
CA ALA A 29 -0.05 -5.44 4.95
C ALA A 29 -0.55 -6.51 3.97
N THR A 30 -0.26 -6.29 2.71
CA THR A 30 -0.67 -7.22 1.67
C THR A 30 -0.18 -8.63 1.98
N ALA A 31 1.01 -8.68 2.57
CA ALA A 31 1.63 -9.96 2.92
C ALA A 31 0.87 -10.56 4.10
N GLN A 32 0.57 -9.70 5.08
CA GLN A 32 -0.15 -10.15 6.25
C GLN A 32 -1.45 -10.86 5.85
N ILE A 33 -2.15 -10.25 4.91
CA ILE A 33 -3.40 -10.81 4.44
C ILE A 33 -3.15 -12.20 3.85
N LYS A 34 -2.17 -12.26 2.96
CA LYS A 34 -1.81 -13.51 2.32
C LYS A 34 -1.44 -14.54 3.40
N ASN A 35 -0.78 -14.05 4.43
CA ASN A 35 -0.36 -14.91 5.54
C ASN A 35 -1.59 -15.32 6.35
N LEU A 36 -2.44 -14.34 6.62
CA LEU A 36 -3.64 -14.57 7.39
C LEU A 36 -4.64 -15.37 6.53
N MET A 37 -4.41 -15.34 5.23
CA MET A 37 -5.27 -16.05 4.30
C MET A 37 -5.12 -17.57 4.46
N SER A 38 -3.86 -18.01 4.41
CA SER A 38 -3.57 -19.42 4.56
C SER A 38 -3.92 -19.89 5.98
N GLN A 39 -4.15 -18.92 6.84
CA GLN A 39 -4.50 -19.22 8.22
C GLN A 39 -5.93 -19.74 8.31
N LEU A 40 -6.74 -19.31 7.35
CA LEU A 40 -8.13 -19.72 7.30
C LEU A 40 -8.23 -21.23 7.56
N GLY A 41 -7.27 -21.95 6.99
CA GLY A 41 -7.23 -23.39 7.15
C GLY A 41 -6.51 -23.79 8.45
N THR A 42 -7.10 -23.37 9.55
CA THR A 42 -6.53 -23.66 10.85
C THR A 42 -7.48 -23.21 11.97
N LYS A 43 -7.67 -24.09 12.93
CA LYS A 43 -8.54 -23.79 14.06
C LYS A 43 -9.99 -23.78 13.58
N GLN A 44 -10.89 -23.53 14.52
CA GLN A 44 -12.31 -23.49 14.21
C GLN A 44 -12.92 -22.18 14.71
N ASP A 45 -12.70 -21.13 13.93
CA ASP A 45 -13.22 -19.82 14.27
C ASP A 45 -12.88 -18.83 13.16
N SER A 46 -11.59 -18.58 13.00
CA SER A 46 -11.12 -17.67 11.98
C SER A 46 -11.83 -16.31 12.13
N SER A 47 -11.87 -15.84 13.37
CA SER A 47 -12.51 -14.57 13.65
C SER A 47 -11.50 -13.42 13.51
N LYS A 48 -10.47 -13.47 14.34
CA LYS A 48 -9.44 -12.46 14.32
C LYS A 48 -8.95 -12.27 12.88
N LEU A 49 -8.32 -13.32 12.37
CA LEU A 49 -7.81 -13.28 11.01
C LEU A 49 -8.78 -12.51 10.11
N GLN A 50 -9.91 -13.15 9.85
CA GLN A 50 -10.94 -12.54 9.01
C GLN A 50 -11.01 -11.03 9.27
N GLU A 51 -11.21 -10.70 10.54
CA GLU A 51 -11.30 -9.30 10.94
C GLU A 51 -10.04 -8.55 10.52
N ASN A 52 -8.89 -9.17 10.78
CA ASN A 52 -7.62 -8.57 10.44
C ASN A 52 -7.56 -8.33 8.93
N LEU A 53 -7.82 -9.39 8.19
CA LEU A 53 -7.81 -9.30 6.73
C LEU A 53 -8.44 -7.97 6.30
N GLN A 54 -9.59 -7.69 6.87
CA GLN A 54 -10.31 -6.46 6.56
C GLN A 54 -9.57 -5.26 7.15
N GLN A 55 -9.02 -5.46 8.32
CA GLN A 55 -8.29 -4.40 9.02
C GLN A 55 -6.99 -4.10 8.27
N LEU A 56 -6.53 -5.09 7.52
CA LEU A 56 -5.30 -4.94 6.75
C LEU A 56 -5.60 -4.23 5.44
N GLN A 57 -6.65 -4.69 4.78
CA GLN A 57 -7.06 -4.11 3.51
C GLN A 57 -7.29 -2.60 3.67
N HIS A 58 -8.15 -2.26 4.62
CA HIS A 58 -8.47 -0.87 4.88
C HIS A 58 -7.19 -0.08 5.11
N SER A 59 -6.44 -0.51 6.11
CA SER A 59 -5.18 0.15 6.45
C SER A 59 -4.45 0.53 5.16
N THR A 60 -4.22 -0.47 4.33
CA THR A 60 -3.52 -0.26 3.08
C THR A 60 -4.34 0.65 2.15
N ASN A 61 -5.64 0.36 2.10
CA ASN A 61 -6.53 1.14 1.27
C ASN A 61 -6.25 2.63 1.47
N GLN A 62 -6.33 3.06 2.72
CA GLN A 62 -6.08 4.46 3.06
C GLN A 62 -4.67 4.85 2.65
N LEU A 63 -3.70 4.14 3.21
CA LEU A 63 -2.31 4.41 2.91
C LEU A 63 -2.16 4.76 1.43
N ALA A 64 -2.57 3.81 0.60
CA ALA A 64 -2.49 4.00 -0.84
C ALA A 64 -3.04 5.37 -1.21
N LYS A 65 -4.30 5.58 -0.86
CA LYS A 65 -4.96 6.85 -1.14
C LYS A 65 -3.98 7.99 -0.87
N GLU A 66 -3.42 7.98 0.33
CA GLU A 66 -2.46 9.01 0.72
C GLU A 66 -1.27 9.00 -0.23
N THR A 67 -0.73 7.81 -0.45
CA THR A 67 0.42 7.67 -1.33
C THR A 67 0.18 8.41 -2.65
N ASN A 68 -0.90 8.04 -3.31
CA ASN A 68 -1.24 8.65 -4.58
C ASN A 68 -1.35 10.17 -4.38
N GLU A 69 -1.91 10.55 -3.26
CA GLU A 69 -2.08 11.96 -2.95
C GLU A 69 -0.71 12.63 -2.78
N LEU A 70 0.17 11.95 -2.05
CA LEU A 70 1.51 12.47 -1.82
C LEU A 70 2.28 12.47 -3.14
N LEU A 71 2.22 11.35 -3.83
CA LEU A 71 2.91 11.22 -5.09
C LEU A 71 2.51 12.36 -6.02
N LYS A 72 1.36 12.95 -5.71
CA LYS A 72 0.85 14.06 -6.50
C LYS A 72 1.43 15.37 -5.95
N GLU A 73 1.48 15.46 -4.64
CA GLU A 73 2.00 16.65 -3.98
C GLU A 73 3.52 16.71 -4.14
N LEU A 74 4.11 15.55 -4.30
CA LEU A 74 5.56 15.46 -4.47
C LEU A 74 5.97 16.15 -5.77
N GLY A 75 5.55 15.57 -6.87
CA GLY A 75 5.86 16.12 -8.18
C GLY A 75 5.41 17.58 -8.29
N SER A 76 4.40 17.91 -7.49
CA SER A 76 3.88 19.26 -7.48
C SER A 76 4.96 20.25 -7.06
N LEU A 77 5.74 19.84 -6.06
CA LEU A 77 6.81 20.67 -5.55
C LEU A 77 7.62 21.22 -6.72
N PRO A 78 8.32 22.36 -6.46
CA PRO A 78 9.13 23.00 -7.49
C PRO A 78 10.43 22.22 -7.72
N LEU A 79 11.33 22.84 -8.46
CA LEU A 79 12.61 22.22 -8.76
C LEU A 79 13.74 23.13 -8.27
N PRO A 80 14.86 22.48 -7.84
CA PRO A 80 16.01 23.21 -7.35
C PRO A 80 16.79 23.86 -8.50
N LEU A 81 17.64 24.81 -8.14
CA LEU A 81 18.45 25.50 -9.13
C LEU A 81 19.45 24.52 -9.74
N SER A 82 19.87 23.57 -8.92
CA SER A 82 20.83 22.57 -9.36
C SER A 82 20.11 21.45 -10.11
N THR A 83 20.61 21.19 -11.32
CA THR A 83 20.01 20.15 -12.15
C THR A 83 20.24 18.77 -11.52
N SER A 84 21.41 18.62 -10.92
CA SER A 84 21.76 17.36 -10.28
C SER A 84 20.65 16.94 -9.30
N GLU A 85 19.96 17.95 -8.78
CA GLU A 85 18.88 17.70 -7.85
C GLU A 85 17.56 17.52 -8.60
N GLN A 86 17.42 18.27 -9.68
CA GLN A 86 16.21 18.20 -10.49
C GLN A 86 15.89 16.76 -10.84
N ARG A 87 16.78 16.15 -11.61
CA ARG A 87 16.60 14.77 -12.03
C ARG A 87 16.46 13.86 -10.80
N GLN A 88 17.40 14.02 -9.87
CA GLN A 88 17.38 13.22 -8.65
C GLN A 88 16.01 13.30 -7.98
N GLN A 89 15.30 14.38 -8.28
CA GLN A 89 13.97 14.58 -7.72
C GLN A 89 12.95 13.73 -8.46
N ARG A 90 12.75 14.08 -9.73
CA ARG A 90 11.80 13.36 -10.56
C ARG A 90 12.16 11.87 -10.62
N LEU A 91 13.45 11.60 -10.57
CA LEU A 91 13.94 10.23 -10.60
C LEU A 91 13.35 9.46 -9.43
N GLN A 92 13.57 10.00 -8.24
CA GLN A 92 13.06 9.37 -7.02
C GLN A 92 11.57 9.10 -7.15
N LYS A 93 10.80 10.17 -7.28
CA LYS A 93 9.36 10.07 -7.42
C LYS A 93 9.03 8.96 -8.43
N GLU A 94 9.54 9.14 -9.64
CA GLU A 94 9.30 8.17 -10.69
C GLU A 94 9.41 6.74 -10.15
N ARG A 95 10.54 6.47 -9.53
CA ARG A 95 10.79 5.16 -8.96
C ARG A 95 9.72 4.83 -7.92
N LEU A 96 9.45 5.80 -7.06
CA LEU A 96 8.46 5.61 -6.02
C LEU A 96 7.13 5.20 -6.65
N MET A 97 6.80 5.86 -7.75
CA MET A 97 5.57 5.57 -8.46
C MET A 97 5.54 4.12 -8.94
N ASN A 98 6.62 3.73 -9.60
CA ASN A 98 6.74 2.37 -10.12
C ASN A 98 6.74 1.38 -8.95
N ASP A 99 7.41 1.80 -7.87
CA ASP A 99 7.51 0.96 -6.69
C ASP A 99 6.11 0.74 -6.11
N PHE A 100 5.47 1.85 -5.77
CA PHE A 100 4.12 1.79 -5.21
C PHE A 100 3.21 0.90 -6.06
N SER A 101 3.36 1.02 -7.36
CA SER A 101 2.57 0.25 -8.29
C SER A 101 2.74 -1.25 -8.00
N ALA A 102 3.98 -1.70 -8.07
CA ALA A 102 4.29 -3.09 -7.82
C ALA A 102 3.61 -3.53 -6.52
N ALA A 103 3.66 -2.65 -5.53
CA ALA A 103 3.06 -2.93 -4.24
C ALA A 103 1.54 -2.87 -4.37
N LEU A 104 1.08 -1.96 -5.21
CA LEU A 104 -0.35 -1.79 -5.43
C LEU A 104 -0.92 -3.07 -6.04
N ASN A 105 -0.38 -3.44 -7.19
CA ASN A 105 -0.82 -4.64 -7.87
C ASN A 105 -0.95 -5.78 -6.87
N ASN A 106 0.08 -5.93 -6.05
CA ASN A 106 0.09 -6.98 -5.04
C ASN A 106 -1.24 -6.98 -4.30
N PHE A 107 -1.57 -5.82 -3.72
CA PHE A 107 -2.81 -5.68 -2.99
C PHE A 107 -4.01 -6.11 -3.83
N GLN A 108 -4.01 -5.67 -5.08
CA GLN A 108 -5.08 -6.00 -5.99
C GLN A 108 -5.23 -7.52 -6.10
N ALA A 109 -4.17 -8.16 -6.60
CA ALA A 109 -4.16 -9.60 -6.75
C ALA A 109 -4.63 -10.25 -5.45
N VAL A 110 -4.43 -9.53 -4.36
CA VAL A 110 -4.81 -10.02 -3.05
C VAL A 110 -6.31 -9.74 -2.82
N GLN A 111 -6.72 -8.56 -3.25
CA GLN A 111 -8.11 -8.15 -3.09
C GLN A 111 -9.04 -9.17 -3.76
N ARG A 112 -8.58 -9.67 -4.91
CA ARG A 112 -9.35 -10.66 -5.64
C ARG A 112 -9.34 -12.00 -4.92
N ARG A 113 -8.14 -12.48 -4.63
CA ARG A 113 -7.98 -13.75 -3.95
C ARG A 113 -8.76 -13.74 -2.62
N VAL A 114 -8.66 -12.62 -1.93
CA VAL A 114 -9.35 -12.47 -0.66
C VAL A 114 -10.86 -12.58 -0.88
N SER A 115 -11.32 -11.93 -1.93
CA SER A 115 -12.73 -11.94 -2.27
C SER A 115 -13.18 -13.38 -2.52
N GLU A 116 -12.49 -14.04 -3.44
CA GLU A 116 -12.82 -15.41 -3.78
C GLU A 116 -13.02 -16.24 -2.51
N LYS A 117 -12.20 -15.96 -1.52
CA LYS A 117 -12.28 -16.66 -0.25
C LYS A 117 -13.66 -16.43 0.37
N GLU A 118 -14.00 -15.17 0.54
CA GLU A 118 -15.27 -14.80 1.12
C GLU A 118 -16.42 -15.32 0.25
N LYS A 119 -16.07 -15.65 -0.99
CA LYS A 119 -17.06 -16.16 -1.92
C LYS A 119 -17.31 -17.64 -1.65
N GLU A 120 -16.23 -18.34 -1.30
CA GLU A 120 -16.33 -19.76 -1.00
C GLU A 120 -17.15 -19.97 0.27
N SER A 121 -16.95 -19.08 1.22
CA SER A 121 -17.66 -19.17 2.49
C SER A 121 -19.16 -19.28 2.24
N ILE A 122 -19.71 -18.24 1.64
CA ILE A 122 -21.14 -18.20 1.34
C ILE A 122 -21.47 -19.36 0.38
N ALA A 123 -20.97 -19.24 -0.84
CA ALA A 123 -21.21 -20.26 -1.85
C ALA A 123 -22.61 -20.07 -2.42
N ARG A 124 -23.60 -20.51 -1.65
CA ARG A 124 -24.98 -20.40 -2.07
C ARG A 124 -25.56 -19.03 -1.67
N SER A 125 -26.50 -18.56 -2.47
CA SER A 125 -27.12 -17.28 -2.20
C SER A 125 -26.08 -16.16 -2.24
N GLY A 126 -25.87 -15.62 -3.42
CA GLY A 126 -24.91 -14.55 -3.60
C GLY A 126 -24.68 -14.26 -5.09
N PRO A 127 -24.22 -13.00 -5.36
CA PRO A 127 -23.95 -12.59 -6.73
C PRO A 127 -22.66 -13.23 -7.26
N SER A 128 -22.76 -13.80 -8.45
CA SER A 128 -21.61 -14.43 -9.07
C SER A 128 -21.79 -14.48 -10.58
N SER A 129 -20.70 -14.76 -11.28
CA SER A 129 -20.73 -14.84 -12.73
C SER A 129 -21.53 -13.67 -13.30
N GLY A 130 -20.82 -12.59 -13.59
CA GLY A 130 -21.44 -11.40 -14.14
C GLY A 130 -20.84 -11.03 -15.50
N GLY A 1 15.22 14.62 -3.67
CA GLY A 1 16.35 13.81 -4.10
C GLY A 1 16.69 12.76 -3.04
N SER A 2 17.98 12.63 -2.78
CA SER A 2 18.46 11.67 -1.80
C SER A 2 19.86 12.06 -1.32
N SER A 3 19.89 12.95 -0.34
CA SER A 3 21.15 13.41 0.21
C SER A 3 21.00 13.69 1.71
N GLY A 4 20.07 14.57 2.03
CA GLY A 4 19.81 14.92 3.41
C GLY A 4 18.31 14.88 3.73
N SER A 5 17.94 15.59 4.78
CA SER A 5 16.54 15.63 5.19
C SER A 5 16.03 17.07 5.13
N SER A 6 14.71 17.20 5.22
CA SER A 6 14.09 18.51 5.18
C SER A 6 12.68 18.43 5.78
N GLY A 7 12.09 19.61 5.99
CA GLY A 7 10.75 19.69 6.54
C GLY A 7 10.20 21.11 6.45
N GLN A 8 9.15 21.25 5.67
CA GLN A 8 8.52 22.55 5.49
C GLN A 8 7.16 22.38 4.81
N LEU A 9 6.19 21.90 5.58
CA LEU A 9 4.85 21.69 5.06
C LEU A 9 4.91 20.73 3.87
N ARG A 10 4.76 19.45 4.17
CA ARG A 10 4.78 18.43 3.13
C ARG A 10 5.97 18.68 2.18
N ASP A 11 7.16 18.53 2.73
CA ASP A 11 8.37 18.72 1.94
C ASP A 11 8.69 17.44 1.18
N PHE A 12 9.37 17.61 0.06
CA PHE A 12 9.76 16.48 -0.77
C PHE A 12 10.17 15.28 0.09
N SER A 13 11.10 15.54 0.99
CA SER A 13 11.58 14.49 1.88
C SER A 13 10.44 13.96 2.74
N SER A 14 9.59 14.89 3.18
CA SER A 14 8.45 14.52 4.00
C SER A 14 7.48 13.66 3.20
N ILE A 15 7.31 14.02 1.94
CA ILE A 15 6.41 13.31 1.05
C ILE A 15 7.07 11.99 0.63
N ILE A 16 8.37 12.08 0.38
CA ILE A 16 9.13 10.91 -0.04
C ILE A 16 9.21 9.91 1.13
N GLN A 17 9.92 10.33 2.16
CA GLN A 17 10.09 9.48 3.34
C GLN A 17 8.79 8.72 3.62
N THR A 18 7.69 9.46 3.64
CA THR A 18 6.39 8.86 3.90
C THR A 18 6.02 7.90 2.78
N CYS A 19 6.24 8.35 1.55
CA CYS A 19 5.92 7.54 0.39
C CYS A 19 6.60 6.18 0.55
N SER A 20 7.92 6.22 0.62
CA SER A 20 8.70 5.00 0.78
C SER A 20 8.07 4.12 1.86
N GLY A 21 7.91 4.70 3.04
CA GLY A 21 7.33 3.98 4.16
C GLY A 21 5.96 3.40 3.78
N ASN A 22 5.04 4.29 3.44
CA ASN A 22 3.71 3.88 3.06
C ASN A 22 3.79 2.61 2.20
N ILE A 23 4.54 2.71 1.13
CA ILE A 23 4.71 1.59 0.22
C ILE A 23 4.94 0.31 1.04
N GLN A 24 6.04 0.32 1.78
CA GLN A 24 6.37 -0.83 2.62
C GLN A 24 5.13 -1.37 3.31
N ARG A 25 4.53 -0.53 4.13
CA ARG A 25 3.33 -0.91 4.86
C ARG A 25 2.35 -1.62 3.94
N ILE A 26 1.99 -0.94 2.86
CA ILE A 26 1.06 -1.50 1.89
C ILE A 26 1.43 -2.95 1.62
N SER A 27 2.62 -3.13 1.06
CA SER A 27 3.11 -4.47 0.74
C SER A 27 3.11 -5.33 2.00
N GLN A 28 3.56 -4.72 3.10
CA GLN A 28 3.63 -5.43 4.37
C GLN A 28 2.26 -6.01 4.72
N ALA A 29 1.31 -5.11 4.96
CA ALA A 29 -0.04 -5.52 5.30
C ALA A 29 -0.53 -6.56 4.31
N THR A 30 -0.12 -6.37 3.06
CA THR A 30 -0.51 -7.29 2.00
C THR A 30 0.10 -8.68 2.25
N ALA A 31 1.23 -8.68 2.93
CA ALA A 31 1.92 -9.92 3.24
C ALA A 31 1.17 -10.64 4.36
N GLN A 32 0.74 -9.88 5.35
CA GLN A 32 0.02 -10.43 6.48
C GLN A 32 -1.30 -11.05 6.01
N ILE A 33 -2.03 -10.28 5.22
CA ILE A 33 -3.31 -10.75 4.71
C ILE A 33 -3.14 -12.14 4.11
N LYS A 34 -1.98 -12.34 3.48
CA LYS A 34 -1.68 -13.62 2.87
C LYS A 34 -1.29 -14.63 3.96
N ASN A 35 -0.70 -14.10 5.02
CA ASN A 35 -0.28 -14.94 6.13
C ASN A 35 -1.51 -15.33 6.96
N LEU A 36 -2.39 -14.36 7.15
CA LEU A 36 -3.59 -14.59 7.92
C LEU A 36 -4.62 -15.33 7.05
N MET A 37 -4.34 -15.36 5.76
CA MET A 37 -5.21 -16.03 4.82
C MET A 37 -5.26 -17.54 5.09
N SER A 38 -4.08 -18.13 5.09
CA SER A 38 -3.97 -19.56 5.33
C SER A 38 -4.95 -19.99 6.42
N GLN A 39 -4.97 -19.22 7.50
CA GLN A 39 -5.85 -19.50 8.61
C GLN A 39 -7.22 -19.97 8.10
N LEU A 40 -7.84 -19.12 7.30
CA LEU A 40 -9.14 -19.43 6.74
C LEU A 40 -9.04 -20.71 5.91
N GLY A 41 -7.99 -20.76 5.10
CA GLY A 41 -7.77 -21.92 4.24
C GLY A 41 -7.88 -23.21 5.04
N THR A 42 -7.08 -23.30 6.09
CA THR A 42 -7.08 -24.48 6.93
C THR A 42 -8.26 -24.44 7.91
N LYS A 43 -9.45 -24.34 7.34
CA LYS A 43 -10.66 -24.30 8.14
C LYS A 43 -10.37 -23.57 9.46
N GLN A 44 -10.42 -22.25 9.39
CA GLN A 44 -10.16 -21.44 10.58
C GLN A 44 -10.51 -19.97 10.30
N ASP A 45 -11.79 -19.66 10.48
CA ASP A 45 -12.26 -18.31 10.25
C ASP A 45 -11.70 -17.38 11.34
N SER A 46 -12.12 -17.64 12.57
CA SER A 46 -11.67 -16.85 13.70
C SER A 46 -12.03 -15.38 13.48
N SER A 47 -13.00 -14.92 14.25
CA SER A 47 -13.44 -13.54 14.14
C SER A 47 -12.24 -12.60 14.14
N LYS A 48 -11.40 -12.77 15.15
CA LYS A 48 -10.20 -11.95 15.28
C LYS A 48 -9.46 -11.94 13.95
N LEU A 49 -9.17 -13.14 13.46
CA LEU A 49 -8.47 -13.29 12.19
C LEU A 49 -9.07 -12.33 11.16
N GLN A 50 -10.26 -12.67 10.72
CA GLN A 50 -10.95 -11.85 9.73
C GLN A 50 -10.84 -10.37 10.10
N GLU A 51 -11.10 -10.08 11.37
CA GLU A 51 -11.04 -8.72 11.86
C GLU A 51 -9.69 -8.09 11.50
N ASN A 52 -8.67 -8.93 11.46
CA ASN A 52 -7.34 -8.46 11.12
C ASN A 52 -7.27 -8.14 9.63
N LEU A 53 -7.68 -9.11 8.82
CA LEU A 53 -7.67 -8.95 7.38
C LEU A 53 -8.17 -7.55 7.03
N GLN A 54 -9.38 -7.24 7.48
CA GLN A 54 -9.98 -5.95 7.23
C GLN A 54 -9.11 -4.84 7.80
N GLN A 55 -8.48 -5.15 8.93
CA GLN A 55 -7.61 -4.19 9.60
C GLN A 55 -6.31 -4.01 8.80
N LEU A 56 -5.96 -5.05 8.08
CA LEU A 56 -4.75 -5.01 7.26
C LEU A 56 -5.07 -4.42 5.89
N GLN A 57 -6.33 -4.56 5.50
CA GLN A 57 -6.79 -4.05 4.22
C GLN A 57 -7.07 -2.56 4.32
N HIS A 58 -7.82 -2.19 5.34
CA HIS A 58 -8.17 -0.79 5.55
C HIS A 58 -6.90 0.04 5.65
N SER A 59 -6.03 -0.34 6.57
CA SER A 59 -4.77 0.36 6.77
C SER A 59 -4.11 0.63 5.41
N THR A 60 -3.93 -0.45 4.65
CA THR A 60 -3.30 -0.34 3.35
C THR A 60 -4.15 0.54 2.43
N ASN A 61 -5.45 0.31 2.47
CA ASN A 61 -6.38 1.08 1.66
C ASN A 61 -6.04 2.57 1.77
N GLN A 62 -6.19 3.08 2.99
CA GLN A 62 -5.90 4.49 3.24
C GLN A 62 -4.51 4.85 2.74
N LEU A 63 -3.52 4.12 3.25
CA LEU A 63 -2.14 4.35 2.86
C LEU A 63 -2.07 4.65 1.37
N ALA A 64 -2.69 3.75 0.60
CA ALA A 64 -2.71 3.89 -0.85
C ALA A 64 -3.23 5.28 -1.21
N LYS A 65 -4.42 5.58 -0.69
CA LYS A 65 -5.04 6.87 -0.94
C LYS A 65 -4.05 7.99 -0.61
N GLU A 66 -3.32 7.79 0.48
CA GLU A 66 -2.35 8.77 0.92
C GLU A 66 -1.17 8.83 -0.07
N THR A 67 -0.69 7.66 -0.43
CA THR A 67 0.42 7.56 -1.37
C THR A 67 0.11 8.35 -2.64
N ASN A 68 -1.06 8.08 -3.20
CA ASN A 68 -1.49 8.75 -4.41
C ASN A 68 -1.39 10.26 -4.22
N GLU A 69 -2.03 10.73 -3.16
CA GLU A 69 -2.03 12.15 -2.85
C GLU A 69 -0.60 12.64 -2.65
N LEU A 70 0.08 12.04 -1.68
CA LEU A 70 1.45 12.40 -1.38
C LEU A 70 2.26 12.41 -2.68
N LEU A 71 1.99 11.43 -3.52
CA LEU A 71 2.69 11.32 -4.78
C LEU A 71 2.24 12.44 -5.71
N LYS A 72 1.06 12.97 -5.42
CA LYS A 72 0.51 14.06 -6.22
C LYS A 72 1.14 15.38 -5.78
N GLU A 73 1.73 15.35 -4.60
CA GLU A 73 2.37 16.55 -4.05
C GLU A 73 3.85 16.57 -4.44
N LEU A 74 4.44 15.40 -4.45
CA LEU A 74 5.85 15.28 -4.81
C LEU A 74 6.12 16.04 -6.11
N GLY A 75 5.43 15.62 -7.16
CA GLY A 75 5.58 16.25 -8.45
C GLY A 75 5.21 17.73 -8.39
N SER A 76 4.18 18.02 -7.61
CA SER A 76 3.71 19.39 -7.45
C SER A 76 4.88 20.29 -7.04
N LEU A 77 5.70 19.78 -6.14
CA LEU A 77 6.85 20.53 -5.67
C LEU A 77 7.57 21.17 -6.87
N PRO A 78 8.27 22.29 -6.57
CA PRO A 78 9.00 23.00 -7.61
C PRO A 78 10.28 22.26 -7.99
N LEU A 79 11.11 22.93 -8.77
CA LEU A 79 12.37 22.35 -9.21
C LEU A 79 13.51 23.30 -8.87
N PRO A 80 14.68 22.70 -8.54
CA PRO A 80 15.87 23.46 -8.20
C PRO A 80 16.50 24.09 -9.44
N LEU A 81 17.38 25.04 -9.19
CA LEU A 81 18.06 25.73 -10.28
C LEU A 81 18.99 24.75 -11.00
N SER A 82 19.54 23.83 -10.21
CA SER A 82 20.44 22.83 -10.76
C SER A 82 19.64 21.66 -11.33
N THR A 83 20.20 21.08 -12.39
CA THR A 83 19.55 19.95 -13.05
C THR A 83 19.89 18.65 -12.33
N SER A 84 21.14 18.55 -11.91
CA SER A 84 21.60 17.37 -11.20
C SER A 84 20.60 16.97 -10.13
N GLU A 85 19.91 17.97 -9.59
CA GLU A 85 18.92 17.75 -8.56
C GLU A 85 17.56 17.43 -9.19
N GLN A 86 17.27 18.14 -10.26
CA GLN A 86 16.01 17.95 -10.97
C GLN A 86 15.80 16.48 -11.29
N ARG A 87 16.88 15.84 -11.74
CA ARG A 87 16.82 14.43 -12.08
C ARG A 87 16.62 13.58 -10.83
N GLN A 88 17.61 13.66 -9.94
CA GLN A 88 17.55 12.90 -8.69
C GLN A 88 16.15 13.01 -8.07
N GLN A 89 15.52 14.14 -8.32
CA GLN A 89 14.19 14.38 -7.79
C GLN A 89 13.17 13.48 -8.49
N ARG A 90 12.96 13.75 -9.78
CA ARG A 90 12.03 12.98 -10.57
C ARG A 90 12.39 11.50 -10.52
N LEU A 91 13.69 11.24 -10.50
CA LEU A 91 14.18 9.87 -10.46
C LEU A 91 13.55 9.14 -9.27
N GLN A 92 13.62 9.78 -8.11
CA GLN A 92 13.06 9.20 -6.91
C GLN A 92 11.56 8.99 -7.07
N LYS A 93 10.88 10.04 -7.51
CA LYS A 93 9.45 9.99 -7.71
C LYS A 93 9.11 8.81 -8.63
N GLU A 94 9.75 8.82 -9.80
CA GLU A 94 9.53 7.76 -10.77
C GLU A 94 9.60 6.40 -10.10
N ARG A 95 10.69 6.19 -9.39
CA ARG A 95 10.91 4.92 -8.69
C ARG A 95 9.82 4.72 -7.63
N LEU A 96 9.57 5.77 -6.87
CA LEU A 96 8.55 5.72 -5.83
C LEU A 96 7.21 5.33 -6.45
N MET A 97 6.98 5.81 -7.67
CA MET A 97 5.75 5.52 -8.38
C MET A 97 5.69 4.06 -8.80
N ASN A 98 6.84 3.57 -9.26
CA ASN A 98 6.93 2.18 -9.70
C ASN A 98 6.84 1.26 -8.49
N ASP A 99 7.72 1.50 -7.54
CA ASP A 99 7.76 0.70 -6.32
C ASP A 99 6.34 0.58 -5.75
N PHE A 100 5.72 1.73 -5.57
CA PHE A 100 4.37 1.78 -5.05
C PHE A 100 3.44 0.82 -5.81
N SER A 101 3.61 0.82 -7.12
CA SER A 101 2.80 -0.03 -7.99
C SER A 101 2.99 -1.49 -7.59
N ALA A 102 4.26 -1.92 -7.59
CA ALA A 102 4.58 -3.29 -7.24
C ALA A 102 3.89 -3.65 -5.92
N ALA A 103 3.82 -2.67 -5.05
CA ALA A 103 3.18 -2.87 -3.75
C ALA A 103 1.66 -2.85 -3.92
N LEU A 104 1.22 -2.02 -4.86
CA LEU A 104 -0.20 -1.89 -5.13
C LEU A 104 -0.72 -3.19 -5.73
N ASN A 105 -0.17 -3.53 -6.89
CA ASN A 105 -0.57 -4.76 -7.58
C ASN A 105 -0.68 -5.90 -6.57
N ASN A 106 0.28 -5.93 -5.66
CA ASN A 106 0.30 -6.96 -4.63
C ASN A 106 -1.04 -6.97 -3.89
N PHE A 107 -1.40 -5.81 -3.37
CA PHE A 107 -2.66 -5.69 -2.64
C PHE A 107 -3.83 -6.18 -3.49
N GLN A 108 -3.83 -5.76 -4.75
CA GLN A 108 -4.88 -6.15 -5.67
C GLN A 108 -4.99 -7.66 -5.76
N ALA A 109 -3.92 -8.27 -6.26
CA ALA A 109 -3.88 -9.72 -6.40
C ALA A 109 -4.32 -10.37 -5.08
N VAL A 110 -4.15 -9.62 -4.00
CA VAL A 110 -4.53 -10.10 -2.69
C VAL A 110 -6.02 -9.84 -2.45
N GLN A 111 -6.46 -8.68 -2.92
CA GLN A 111 -7.85 -8.30 -2.76
C GLN A 111 -8.76 -9.33 -3.44
N ARG A 112 -8.29 -9.82 -4.58
CA ARG A 112 -9.04 -10.80 -5.33
C ARG A 112 -9.11 -12.12 -4.57
N ARG A 113 -7.94 -12.67 -4.29
CA ARG A 113 -7.85 -13.92 -3.56
C ARG A 113 -8.79 -13.90 -2.34
N VAL A 114 -8.83 -12.74 -1.69
CA VAL A 114 -9.67 -12.58 -0.52
C VAL A 114 -11.14 -12.79 -0.92
N SER A 115 -11.55 -12.03 -1.93
CA SER A 115 -12.93 -12.12 -2.40
C SER A 115 -13.28 -13.57 -2.70
N GLU A 116 -12.30 -14.30 -3.22
CA GLU A 116 -12.50 -15.70 -3.55
C GLU A 116 -12.45 -16.56 -2.28
N LYS A 117 -11.58 -16.16 -1.36
CA LYS A 117 -11.43 -16.86 -0.11
C LYS A 117 -12.72 -16.74 0.70
N GLU A 118 -13.29 -15.54 0.67
CA GLU A 118 -14.52 -15.27 1.40
C GLU A 118 -15.71 -15.86 0.65
N LYS A 119 -15.48 -16.19 -0.61
CA LYS A 119 -16.53 -16.77 -1.43
C LYS A 119 -16.71 -18.24 -1.07
N GLU A 120 -15.60 -18.95 -1.08
CA GLU A 120 -15.62 -20.37 -0.76
C GLU A 120 -16.31 -20.59 0.60
N SER A 121 -15.93 -19.78 1.57
CA SER A 121 -16.50 -19.88 2.90
C SER A 121 -18.02 -19.92 2.82
N ILE A 122 -18.59 -18.81 2.37
CA ILE A 122 -20.04 -18.71 2.23
C ILE A 122 -20.53 -19.78 1.27
N ALA A 123 -20.15 -19.64 0.01
CA ALA A 123 -20.54 -20.59 -1.02
C ALA A 123 -22.06 -20.54 -1.19
N ARG A 124 -22.50 -20.85 -2.40
CA ARG A 124 -23.92 -20.85 -2.71
C ARG A 124 -24.67 -21.80 -1.77
N SER A 125 -24.25 -23.06 -1.80
CA SER A 125 -24.88 -24.08 -0.97
C SER A 125 -25.15 -23.51 0.42
N GLY A 126 -26.43 -23.46 0.76
CA GLY A 126 -26.85 -22.95 2.05
C GLY A 126 -26.34 -23.84 3.18
N PRO A 127 -26.28 -23.24 4.40
CA PRO A 127 -25.81 -23.96 5.57
C PRO A 127 -26.88 -24.94 6.07
N SER A 128 -26.43 -25.89 6.88
CA SER A 128 -27.32 -26.89 7.43
C SER A 128 -27.32 -26.82 8.95
N SER A 129 -28.41 -26.32 9.50
CA SER A 129 -28.54 -26.19 10.94
C SER A 129 -27.52 -25.19 11.47
N GLY A 130 -28.00 -23.99 11.74
CA GLY A 130 -27.12 -22.94 12.26
C GLY A 130 -27.93 -21.65 12.54
N GLY A 1 14.59 18.41 -1.74
CA GLY A 1 15.41 19.58 -1.48
C GLY A 1 15.59 19.80 0.02
N SER A 2 16.73 20.37 0.37
CA SER A 2 17.04 20.65 1.76
C SER A 2 17.29 22.15 1.96
N SER A 3 16.24 22.85 2.34
CA SER A 3 16.32 24.28 2.56
C SER A 3 15.03 24.79 3.20
N GLY A 4 15.19 25.75 4.10
CA GLY A 4 14.05 26.33 4.79
C GLY A 4 14.51 27.17 5.98
N SER A 5 13.80 28.28 6.18
CA SER A 5 14.11 29.18 7.29
C SER A 5 13.06 29.04 8.38
N SER A 6 13.35 28.18 9.34
CA SER A 6 12.44 27.95 10.45
C SER A 6 11.12 27.36 9.94
N GLY A 7 10.86 26.13 10.35
CA GLY A 7 9.65 25.44 9.95
C GLY A 7 9.94 23.99 9.57
N GLN A 8 8.97 23.38 8.90
CA GLN A 8 9.11 22.00 8.48
C GLN A 8 8.00 21.63 7.50
N LEU A 9 8.02 22.30 6.35
CA LEU A 9 7.01 22.05 5.33
C LEU A 9 7.27 20.68 4.70
N ARG A 10 6.25 20.18 4.03
CA ARG A 10 6.34 18.88 3.38
C ARG A 10 7.42 18.92 2.29
N ASP A 11 8.66 18.78 2.73
CA ASP A 11 9.79 18.79 1.82
C ASP A 11 9.85 17.47 1.07
N PHE A 12 10.47 17.51 -0.10
CA PHE A 12 10.59 16.32 -0.93
C PHE A 12 11.11 15.13 -0.10
N SER A 13 12.18 15.38 0.63
CA SER A 13 12.78 14.36 1.46
C SER A 13 11.84 14.01 2.62
N SER A 14 11.01 14.98 2.97
CA SER A 14 10.06 14.80 4.06
C SER A 14 8.85 13.99 3.57
N ILE A 15 8.54 14.19 2.29
CA ILE A 15 7.42 13.50 1.69
C ILE A 15 7.85 12.10 1.25
N ILE A 16 9.01 12.06 0.60
CA ILE A 16 9.55 10.80 0.11
C ILE A 16 9.59 9.79 1.26
N GLN A 17 10.40 10.11 2.26
CA GLN A 17 10.54 9.24 3.41
C GLN A 17 9.17 8.70 3.83
N THR A 18 8.19 9.59 3.84
CA THR A 18 6.84 9.21 4.21
C THR A 18 6.26 8.21 3.19
N CYS A 19 6.47 8.54 1.92
CA CYS A 19 5.98 7.69 0.85
C CYS A 19 6.62 6.31 0.99
N SER A 20 7.95 6.31 1.05
CA SER A 20 8.69 5.07 1.19
C SER A 20 8.02 4.17 2.24
N GLY A 21 7.76 4.75 3.40
CA GLY A 21 7.13 4.02 4.48
C GLY A 21 5.77 3.45 4.04
N ASN A 22 4.90 4.36 3.62
CA ASN A 22 3.57 3.97 3.18
C ASN A 22 3.67 2.71 2.32
N ILE A 23 4.45 2.82 1.25
CA ILE A 23 4.63 1.70 0.34
C ILE A 23 4.87 0.43 1.16
N GLN A 24 5.92 0.47 1.97
CA GLN A 24 6.27 -0.66 2.80
C GLN A 24 5.02 -1.25 3.46
N ARG A 25 4.36 -0.41 4.24
CA ARG A 25 3.14 -0.82 4.92
C ARG A 25 2.20 -1.54 3.95
N ILE A 26 1.92 -0.85 2.85
CA ILE A 26 1.04 -1.41 1.84
C ILE A 26 1.42 -2.87 1.56
N SER A 27 2.69 -3.06 1.25
CA SER A 27 3.20 -4.39 0.96
C SER A 27 3.11 -5.26 2.22
N GLN A 28 3.33 -4.63 3.37
CA GLN A 28 3.28 -5.33 4.63
C GLN A 28 1.88 -5.92 4.85
N ALA A 29 0.91 -5.04 4.98
CA ALA A 29 -0.47 -5.45 5.18
C ALA A 29 -0.81 -6.57 4.20
N THR A 30 -0.35 -6.39 2.96
CA THR A 30 -0.61 -7.36 1.92
C THR A 30 -0.06 -8.73 2.33
N ALA A 31 1.05 -8.69 3.05
CA ALA A 31 1.68 -9.92 3.50
C ALA A 31 0.84 -10.55 4.61
N GLN A 32 0.31 -9.69 5.47
CA GLN A 32 -0.51 -10.14 6.57
C GLN A 32 -1.72 -10.92 6.05
N ILE A 33 -2.36 -10.36 5.03
CA ILE A 33 -3.52 -10.98 4.43
C ILE A 33 -3.12 -12.36 3.90
N LYS A 34 -1.96 -12.41 3.26
CA LYS A 34 -1.47 -13.65 2.69
C LYS A 34 -1.15 -14.63 3.83
N ASN A 35 -0.58 -14.08 4.89
CA ASN A 35 -0.21 -14.88 6.05
C ASN A 35 -1.49 -15.38 6.74
N LEU A 36 -2.40 -14.45 6.96
CA LEU A 36 -3.67 -14.77 7.60
C LEU A 36 -4.46 -15.73 6.71
N MET A 37 -4.03 -15.81 5.46
CA MET A 37 -4.69 -16.68 4.50
C MET A 37 -4.33 -18.15 4.75
N SER A 38 -3.02 -18.39 4.85
CA SER A 38 -2.53 -19.74 5.09
C SER A 38 -3.22 -20.34 6.32
N GLN A 39 -3.37 -19.51 7.33
CA GLN A 39 -4.00 -19.93 8.57
C GLN A 39 -5.51 -20.08 8.37
N LEU A 40 -6.09 -19.07 7.74
CA LEU A 40 -7.52 -19.06 7.48
C LEU A 40 -7.92 -20.41 6.87
N GLY A 41 -7.07 -20.90 5.97
CA GLY A 41 -7.32 -22.16 5.31
C GLY A 41 -7.91 -23.18 6.28
N THR A 42 -7.08 -23.57 7.24
CA THR A 42 -7.50 -24.54 8.24
C THR A 42 -8.69 -24.02 9.04
N LYS A 43 -9.38 -24.93 9.70
CA LYS A 43 -10.53 -24.57 10.50
C LYS A 43 -10.15 -24.56 11.97
N GLN A 44 -10.56 -23.49 12.65
CA GLN A 44 -10.25 -23.34 14.06
C GLN A 44 -10.69 -21.95 14.55
N ASP A 45 -11.89 -21.56 14.13
CA ASP A 45 -12.44 -20.28 14.51
C ASP A 45 -11.50 -19.16 14.07
N SER A 46 -11.93 -18.45 13.05
CA SER A 46 -11.13 -17.36 12.51
C SER A 46 -11.96 -16.08 12.44
N SER A 47 -12.35 -15.60 13.62
CA SER A 47 -13.16 -14.39 13.70
C SER A 47 -12.25 -13.17 13.79
N LYS A 48 -11.23 -13.28 14.61
CA LYS A 48 -10.27 -12.20 14.79
C LYS A 48 -9.44 -12.04 13.52
N LEU A 49 -9.38 -13.12 12.75
CA LEU A 49 -8.62 -13.12 11.52
C LEU A 49 -9.44 -12.43 10.42
N GLN A 50 -10.57 -13.04 10.11
CA GLN A 50 -11.45 -12.50 9.08
C GLN A 50 -11.60 -10.98 9.26
N GLU A 51 -11.76 -10.58 10.51
CA GLU A 51 -11.91 -9.18 10.83
C GLU A 51 -10.59 -8.44 10.64
N ASN A 52 -9.51 -9.17 10.87
CA ASN A 52 -8.18 -8.59 10.72
C ASN A 52 -7.91 -8.30 9.25
N LEU A 53 -8.34 -9.23 8.40
CA LEU A 53 -8.16 -9.09 6.97
C LEU A 53 -8.73 -7.75 6.51
N GLN A 54 -10.03 -7.60 6.75
CA GLN A 54 -10.72 -6.38 6.36
C GLN A 54 -10.07 -5.17 7.04
N GLN A 55 -9.36 -5.44 8.13
CA GLN A 55 -8.69 -4.40 8.88
C GLN A 55 -7.32 -4.10 8.26
N LEU A 56 -6.76 -5.13 7.62
CA LEU A 56 -5.46 -5.00 6.99
C LEU A 56 -5.64 -4.39 5.60
N GLN A 57 -6.80 -4.63 5.02
CA GLN A 57 -7.11 -4.11 3.70
C GLN A 57 -7.43 -2.61 3.77
N HIS A 58 -8.36 -2.28 4.64
CA HIS A 58 -8.77 -0.91 4.82
C HIS A 58 -7.54 -0.03 5.06
N SER A 59 -6.80 -0.39 6.09
CA SER A 59 -5.59 0.36 6.44
C SER A 59 -4.79 0.67 5.18
N THR A 60 -4.39 -0.39 4.50
CA THR A 60 -3.62 -0.24 3.27
C THR A 60 -4.39 0.59 2.25
N ASN A 61 -5.69 0.32 2.16
CA ASN A 61 -6.54 1.03 1.23
C ASN A 61 -6.22 2.52 1.29
N GLN A 62 -6.25 3.06 2.51
CA GLN A 62 -5.97 4.46 2.71
C GLN A 62 -4.49 4.76 2.38
N LEU A 63 -3.62 4.06 3.09
CA LEU A 63 -2.19 4.24 2.89
C LEU A 63 -1.90 4.41 1.39
N ALA A 64 -2.65 3.66 0.59
CA ALA A 64 -2.50 3.71 -0.85
C ALA A 64 -2.93 5.10 -1.35
N LYS A 65 -4.22 5.36 -1.21
CA LYS A 65 -4.78 6.63 -1.64
C LYS A 65 -3.90 7.77 -1.11
N GLU A 66 -3.51 7.65 0.15
CA GLU A 66 -2.68 8.66 0.78
C GLU A 66 -1.43 8.91 -0.06
N THR A 67 -0.83 7.81 -0.52
CA THR A 67 0.37 7.90 -1.34
C THR A 67 0.09 8.70 -2.62
N ASN A 68 -1.04 8.39 -3.24
CA ASN A 68 -1.44 9.06 -4.46
C ASN A 68 -1.42 10.57 -4.23
N GLU A 69 -1.92 10.96 -3.07
CA GLU A 69 -1.97 12.37 -2.72
C GLU A 69 -0.56 12.95 -2.58
N LEU A 70 0.31 12.15 -1.98
CA LEU A 70 1.69 12.56 -1.79
C LEU A 70 2.41 12.55 -3.14
N LEU A 71 2.17 11.49 -3.89
CA LEU A 71 2.79 11.35 -5.19
C LEU A 71 2.37 12.52 -6.09
N LYS A 72 1.27 13.14 -5.70
CA LYS A 72 0.75 14.26 -6.46
C LYS A 72 1.37 15.56 -5.91
N GLU A 73 1.54 15.59 -4.60
CA GLU A 73 2.12 16.75 -3.96
C GLU A 73 3.63 16.79 -4.17
N LEU A 74 4.21 15.61 -4.35
CA LEU A 74 5.64 15.50 -4.57
C LEU A 74 6.02 16.28 -5.82
N GLY A 75 5.58 15.78 -6.96
CA GLY A 75 5.87 16.42 -8.23
C GLY A 75 5.42 17.87 -8.21
N SER A 76 4.42 18.15 -7.39
CA SER A 76 3.89 19.49 -7.27
C SER A 76 4.99 20.46 -6.82
N LEU A 77 5.80 19.97 -5.89
CA LEU A 77 6.89 20.78 -5.36
C LEU A 77 7.65 21.42 -6.53
N PRO A 78 8.36 22.54 -6.21
CA PRO A 78 9.13 23.25 -7.21
C PRO A 78 10.42 22.49 -7.56
N LEU A 79 11.17 23.08 -8.48
CA LEU A 79 12.43 22.47 -8.90
C LEU A 79 13.59 23.37 -8.48
N PRO A 80 14.75 22.71 -8.18
CA PRO A 80 15.93 23.43 -7.78
C PRO A 80 16.59 24.13 -8.97
N LEU A 81 17.51 25.03 -8.65
CA LEU A 81 18.23 25.76 -9.69
C LEU A 81 19.14 24.81 -10.44
N SER A 82 19.65 23.82 -9.72
CA SER A 82 20.54 22.85 -10.31
C SER A 82 19.73 21.80 -11.07
N THR A 83 20.17 21.52 -12.29
CA THR A 83 19.50 20.54 -13.14
C THR A 83 19.81 19.13 -12.65
N SER A 84 20.94 19.00 -11.96
CA SER A 84 21.36 17.71 -11.44
C SER A 84 20.38 17.24 -10.37
N GLU A 85 19.86 18.20 -9.62
CA GLU A 85 18.91 17.90 -8.56
C GLU A 85 17.50 17.75 -9.13
N GLN A 86 17.34 18.24 -10.34
CA GLN A 86 16.05 18.16 -11.02
C GLN A 86 15.74 16.72 -11.42
N ARG A 87 16.69 16.11 -12.09
CA ARG A 87 16.52 14.74 -12.53
C ARG A 87 16.36 13.81 -11.33
N GLN A 88 17.28 13.95 -10.38
CA GLN A 88 17.25 13.13 -9.18
C GLN A 88 15.86 13.19 -8.54
N GLN A 89 15.27 14.37 -8.57
CA GLN A 89 13.95 14.57 -8.01
C GLN A 89 12.92 13.68 -8.72
N ARG A 90 12.72 13.97 -9.99
CA ARG A 90 11.79 13.21 -10.80
C ARG A 90 12.16 11.72 -10.78
N LEU A 91 13.45 11.46 -10.71
CA LEU A 91 13.94 10.10 -10.70
C LEU A 91 13.42 9.40 -9.45
N GLN A 92 13.84 9.90 -8.30
CA GLN A 92 13.41 9.33 -7.03
C GLN A 92 11.91 9.04 -7.05
N LYS A 93 11.16 9.98 -7.60
CA LYS A 93 9.72 9.83 -7.69
C LYS A 93 9.39 8.71 -8.69
N GLU A 94 9.97 8.82 -9.87
CA GLU A 94 9.74 7.83 -10.91
C GLU A 94 9.76 6.42 -10.31
N ARG A 95 10.75 6.19 -9.47
CA ARG A 95 10.90 4.89 -8.82
C ARG A 95 9.78 4.67 -7.81
N LEU A 96 9.55 5.70 -6.99
CA LEU A 96 8.52 5.64 -5.98
C LEU A 96 7.22 5.15 -6.62
N MET A 97 6.88 5.76 -7.74
CA MET A 97 5.67 5.39 -8.46
C MET A 97 5.69 3.92 -8.87
N ASN A 98 6.74 3.55 -9.59
CA ASN A 98 6.89 2.18 -10.05
C ASN A 98 6.92 1.24 -8.83
N ASP A 99 7.49 1.76 -7.75
CA ASP A 99 7.58 0.98 -6.52
C ASP A 99 6.18 0.81 -5.92
N PHE A 100 5.56 1.94 -5.65
CA PHE A 100 4.22 1.94 -5.07
C PHE A 100 3.28 1.05 -5.88
N SER A 101 3.54 0.99 -7.18
CA SER A 101 2.72 0.19 -8.08
C SER A 101 2.92 -1.29 -7.79
N ALA A 102 4.17 -1.71 -7.86
CA ALA A 102 4.51 -3.10 -7.60
C ALA A 102 3.83 -3.56 -6.31
N ALA A 103 3.90 -2.69 -5.31
CA ALA A 103 3.30 -2.99 -4.01
C ALA A 103 1.78 -2.96 -4.15
N LEU A 104 1.31 -2.04 -4.98
CA LEU A 104 -0.12 -1.89 -5.21
C LEU A 104 -0.67 -3.18 -5.82
N ASN A 105 -0.18 -3.49 -7.02
CA ASN A 105 -0.61 -4.68 -7.72
C ASN A 105 -0.69 -5.85 -6.74
N ASN A 106 0.30 -5.90 -5.85
CA ASN A 106 0.35 -6.96 -4.86
C ASN A 106 -0.96 -6.97 -4.07
N PHE A 107 -1.26 -5.83 -3.46
CA PHE A 107 -2.48 -5.71 -2.67
C PHE A 107 -3.70 -6.15 -3.48
N GLN A 108 -3.71 -5.77 -4.75
CA GLN A 108 -4.80 -6.13 -5.62
C GLN A 108 -4.95 -7.64 -5.71
N ALA A 109 -3.94 -8.28 -6.29
CA ALA A 109 -3.95 -9.71 -6.45
C ALA A 109 -4.38 -10.36 -5.13
N VAL A 110 -4.12 -9.65 -4.04
CA VAL A 110 -4.48 -10.14 -2.72
C VAL A 110 -5.96 -9.86 -2.47
N GLN A 111 -6.38 -8.67 -2.86
CA GLN A 111 -7.76 -8.26 -2.68
C GLN A 111 -8.70 -9.26 -3.36
N ARG A 112 -8.27 -9.74 -4.51
CA ARG A 112 -9.06 -10.71 -5.27
C ARG A 112 -9.16 -12.03 -4.50
N ARG A 113 -7.99 -12.63 -4.27
CA ARG A 113 -7.94 -13.89 -3.55
C ARG A 113 -8.83 -13.84 -2.31
N VAL A 114 -8.81 -12.69 -1.66
CA VAL A 114 -9.63 -12.49 -0.46
C VAL A 114 -11.11 -12.63 -0.82
N SER A 115 -11.48 -11.95 -1.90
CA SER A 115 -12.86 -11.99 -2.36
C SER A 115 -13.30 -13.44 -2.58
N GLU A 116 -12.51 -14.15 -3.36
CA GLU A 116 -12.81 -15.55 -3.66
C GLU A 116 -13.14 -16.31 -2.38
N LYS A 117 -12.33 -16.06 -1.36
CA LYS A 117 -12.52 -16.70 -0.08
C LYS A 117 -13.91 -16.37 0.46
N GLU A 118 -14.28 -15.10 0.32
CA GLU A 118 -15.58 -14.63 0.78
C GLU A 118 -16.68 -15.12 -0.17
N LYS A 119 -16.26 -15.57 -1.34
CA LYS A 119 -17.20 -16.07 -2.33
C LYS A 119 -17.40 -17.57 -2.13
N GLU A 120 -16.36 -18.22 -1.61
CA GLU A 120 -16.41 -19.65 -1.37
C GLU A 120 -17.23 -19.94 -0.11
N SER A 121 -17.30 -18.94 0.76
CA SER A 121 -18.04 -19.08 1.99
C SER A 121 -19.55 -19.04 1.71
N ILE A 122 -19.98 -17.92 1.16
CA ILE A 122 -21.39 -17.75 0.84
C ILE A 122 -21.80 -18.80 -0.21
N ALA A 123 -21.11 -18.76 -1.33
CA ALA A 123 -21.39 -19.70 -2.41
C ALA A 123 -22.82 -19.48 -2.91
N ARG A 124 -23.13 -20.11 -4.03
CA ARG A 124 -24.45 -20.01 -4.61
C ARG A 124 -24.68 -18.58 -5.13
N SER A 125 -25.19 -18.50 -6.36
CA SER A 125 -25.47 -17.22 -6.97
C SER A 125 -24.17 -16.43 -7.13
N GLY A 126 -23.53 -16.63 -8.27
CA GLY A 126 -22.28 -15.95 -8.56
C GLY A 126 -21.49 -16.69 -9.64
N PRO A 127 -21.18 -15.95 -10.74
CA PRO A 127 -20.43 -16.53 -11.85
C PRO A 127 -18.95 -16.66 -11.48
N SER A 128 -18.22 -17.34 -12.35
CA SER A 128 -16.80 -17.55 -12.15
C SER A 128 -16.57 -18.39 -10.89
N SER A 129 -15.49 -19.16 -10.91
CA SER A 129 -15.15 -20.00 -9.78
C SER A 129 -14.90 -19.16 -8.54
N GLY A 130 -15.98 -18.75 -7.91
CA GLY A 130 -15.88 -17.93 -6.71
C GLY A 130 -15.10 -18.65 -5.61
N GLY A 1 23.72 6.58 -3.70
CA GLY A 1 23.40 7.24 -2.46
C GLY A 1 23.31 8.76 -2.66
N SER A 2 22.24 9.17 -3.33
CA SER A 2 22.03 10.59 -3.60
C SER A 2 20.95 11.13 -2.65
N SER A 3 21.00 12.44 -2.44
CA SER A 3 20.04 13.09 -1.57
C SER A 3 20.24 14.60 -1.61
N GLY A 4 19.26 15.32 -1.07
CA GLY A 4 19.33 16.77 -1.04
C GLY A 4 17.93 17.37 -0.83
N SER A 5 17.80 18.10 0.27
CA SER A 5 16.54 18.73 0.60
C SER A 5 16.73 19.72 1.76
N SER A 6 15.62 20.32 2.18
CA SER A 6 15.65 21.27 3.26
C SER A 6 14.33 21.23 4.05
N GLY A 7 14.33 21.92 5.17
CA GLY A 7 13.14 21.97 6.01
C GLY A 7 12.08 22.90 5.42
N GLN A 8 10.90 22.34 5.20
CA GLN A 8 9.80 23.11 4.65
C GLN A 8 8.50 22.29 4.70
N LEU A 9 7.41 22.97 4.39
CA LEU A 9 6.11 22.32 4.41
C LEU A 9 6.12 21.15 3.42
N ARG A 10 5.98 19.96 3.98
CA ARG A 10 5.97 18.75 3.18
C ARG A 10 7.02 18.84 2.06
N ASP A 11 8.29 18.77 2.48
CA ASP A 11 9.38 18.85 1.54
C ASP A 11 9.55 17.50 0.84
N PHE A 12 10.14 17.54 -0.34
CA PHE A 12 10.36 16.34 -1.13
C PHE A 12 10.84 15.19 -0.23
N SER A 13 11.82 15.51 0.60
CA SER A 13 12.38 14.52 1.51
C SER A 13 11.35 14.14 2.56
N SER A 14 10.55 15.12 2.96
CA SER A 14 9.52 14.90 3.96
C SER A 14 8.41 14.02 3.37
N ILE A 15 8.15 14.23 2.09
CA ILE A 15 7.13 13.47 1.40
C ILE A 15 7.65 12.06 1.10
N ILE A 16 8.85 12.02 0.55
CA ILE A 16 9.47 10.75 0.22
C ILE A 16 9.46 9.84 1.44
N GLN A 17 10.23 10.25 2.45
CA GLN A 17 10.31 9.46 3.67
C GLN A 17 8.94 8.88 4.03
N THR A 18 7.96 9.76 4.10
CA THR A 18 6.60 9.34 4.42
C THR A 18 6.12 8.28 3.43
N CYS A 19 6.28 8.60 2.16
CA CYS A 19 5.86 7.69 1.10
C CYS A 19 6.46 6.31 1.40
N SER A 20 7.77 6.29 1.60
CA SER A 20 8.46 5.05 1.89
C SER A 20 7.67 4.23 2.90
N GLY A 21 7.57 4.76 4.10
CA GLY A 21 6.84 4.08 5.17
C GLY A 21 5.53 3.50 4.64
N ASN A 22 4.66 4.39 4.19
CA ASN A 22 3.37 3.97 3.65
C ASN A 22 3.56 2.72 2.80
N ILE A 23 4.37 2.86 1.76
CA ILE A 23 4.65 1.76 0.86
C ILE A 23 4.89 0.48 1.68
N GLN A 24 5.94 0.53 2.49
CA GLN A 24 6.28 -0.61 3.32
C GLN A 24 5.02 -1.22 3.95
N ARG A 25 4.35 -0.40 4.76
CA ARG A 25 3.13 -0.84 5.41
C ARG A 25 2.23 -1.59 4.43
N ILE A 26 1.89 -0.90 3.35
CA ILE A 26 1.04 -1.49 2.33
C ILE A 26 1.49 -2.93 2.06
N SER A 27 2.76 -3.05 1.71
CA SER A 27 3.33 -4.36 1.42
C SER A 27 3.28 -5.24 2.68
N GLN A 28 3.48 -4.59 3.82
CA GLN A 28 3.47 -5.30 5.09
C GLN A 28 2.08 -5.90 5.34
N ALA A 29 1.12 -5.03 5.56
CA ALA A 29 -0.24 -5.46 5.82
C ALA A 29 -0.66 -6.48 4.75
N THR A 30 -0.24 -6.22 3.52
CA THR A 30 -0.55 -7.11 2.42
C THR A 30 0.10 -8.47 2.63
N ALA A 31 1.21 -8.47 3.36
CA ALA A 31 1.92 -9.70 3.64
C ALA A 31 1.15 -10.50 4.69
N GLN A 32 0.58 -9.77 5.65
CA GLN A 32 -0.17 -10.40 6.71
C GLN A 32 -1.46 -11.02 6.17
N ILE A 33 -2.08 -10.29 5.26
CA ILE A 33 -3.31 -10.75 4.64
C ILE A 33 -3.07 -12.10 3.96
N LYS A 34 -1.89 -12.22 3.36
CA LYS A 34 -1.52 -13.43 2.68
C LYS A 34 -1.07 -14.48 3.71
N ASN A 35 -0.65 -13.99 4.85
CA ASN A 35 -0.20 -14.86 5.93
C ASN A 35 -1.41 -15.37 6.71
N LEU A 36 -2.37 -14.47 6.90
CA LEU A 36 -3.57 -14.80 7.63
C LEU A 36 -4.54 -15.56 6.71
N MET A 37 -4.24 -15.50 5.42
CA MET A 37 -5.05 -16.16 4.42
C MET A 37 -5.00 -17.68 4.59
N SER A 38 -3.77 -18.20 4.59
CA SER A 38 -3.56 -19.62 4.73
C SER A 38 -4.16 -20.11 6.06
N GLN A 39 -3.90 -19.33 7.11
CA GLN A 39 -4.40 -19.67 8.43
C GLN A 39 -5.87 -20.11 8.34
N LEU A 40 -6.72 -19.14 8.01
CA LEU A 40 -8.14 -19.42 7.89
C LEU A 40 -8.36 -20.45 6.78
N GLY A 41 -7.41 -20.51 5.87
CA GLY A 41 -7.49 -21.44 4.76
C GLY A 41 -6.91 -22.81 5.15
N THR A 42 -7.27 -23.25 6.34
CA THR A 42 -6.80 -24.53 6.84
C THR A 42 -7.89 -25.22 7.65
N LYS A 43 -8.45 -24.48 8.59
CA LYS A 43 -9.51 -25.01 9.43
C LYS A 43 -10.82 -24.29 9.11
N GLN A 44 -11.81 -24.51 9.97
CA GLN A 44 -13.12 -23.89 9.79
C GLN A 44 -13.60 -23.28 11.10
N ASP A 45 -12.93 -22.19 11.50
CA ASP A 45 -13.29 -21.51 12.72
C ASP A 45 -12.16 -20.55 13.10
N SER A 46 -12.30 -19.31 12.64
CA SER A 46 -11.30 -18.29 12.93
C SER A 46 -11.81 -16.92 12.48
N SER A 47 -12.43 -16.22 13.41
CA SER A 47 -12.97 -14.90 13.12
C SER A 47 -11.89 -13.84 13.33
N LYS A 48 -11.00 -14.12 14.27
CA LYS A 48 -9.91 -13.20 14.57
C LYS A 48 -9.18 -12.84 13.28
N LEU A 49 -9.04 -13.84 12.42
CA LEU A 49 -8.36 -13.65 11.15
C LEU A 49 -9.27 -12.85 10.21
N GLN A 50 -10.40 -13.47 9.89
CA GLN A 50 -11.37 -12.83 9.00
C GLN A 50 -11.44 -11.32 9.29
N GLU A 51 -11.43 -11.00 10.57
CA GLU A 51 -11.50 -9.61 10.99
C GLU A 51 -10.17 -8.91 10.71
N ASN A 52 -9.09 -9.61 11.03
CA ASN A 52 -7.76 -9.06 10.82
C ASN A 52 -7.61 -8.65 9.35
N LEU A 53 -7.92 -9.60 8.47
CA LEU A 53 -7.82 -9.35 7.04
C LEU A 53 -8.40 -7.97 6.73
N GLN A 54 -9.72 -7.87 6.85
CA GLN A 54 -10.40 -6.61 6.59
C GLN A 54 -9.60 -5.44 7.15
N GLN A 55 -9.48 -5.41 8.47
CA GLN A 55 -8.74 -4.36 9.13
C GLN A 55 -7.46 -4.03 8.36
N LEU A 56 -6.71 -5.08 8.07
CA LEU A 56 -5.46 -4.93 7.34
C LEU A 56 -5.73 -4.20 6.02
N GLN A 57 -6.62 -4.79 5.23
CA GLN A 57 -6.98 -4.20 3.95
C GLN A 57 -7.29 -2.71 4.10
N HIS A 58 -8.35 -2.43 4.84
CA HIS A 58 -8.77 -1.07 5.07
C HIS A 58 -7.55 -0.21 5.44
N SER A 59 -6.83 -0.68 6.46
CA SER A 59 -5.64 0.03 6.92
C SER A 59 -4.77 0.42 5.73
N THR A 60 -4.52 -0.56 4.87
CA THR A 60 -3.70 -0.34 3.69
C THR A 60 -4.46 0.54 2.68
N ASN A 61 -5.77 0.33 2.63
CA ASN A 61 -6.61 1.09 1.72
C ASN A 61 -6.33 2.58 1.90
N GLN A 62 -6.49 3.05 3.13
CA GLN A 62 -6.26 4.45 3.45
C GLN A 62 -4.86 4.86 3.03
N LEU A 63 -3.88 4.22 3.65
CA LEU A 63 -2.48 4.52 3.34
C LEU A 63 -2.33 4.75 1.85
N ALA A 64 -2.67 3.73 1.07
CA ALA A 64 -2.57 3.82 -0.37
C ALA A 64 -3.11 5.17 -0.83
N LYS A 65 -4.36 5.43 -0.47
CA LYS A 65 -5.01 6.68 -0.84
C LYS A 65 -4.02 7.83 -0.65
N GLU A 66 -3.49 7.92 0.56
CA GLU A 66 -2.54 8.97 0.88
C GLU A 66 -1.31 8.87 -0.04
N THR A 67 -0.81 7.65 -0.18
CA THR A 67 0.34 7.41 -1.03
C THR A 67 0.14 8.04 -2.41
N ASN A 68 -0.93 7.63 -3.06
CA ASN A 68 -1.25 8.14 -4.38
C ASN A 68 -1.30 9.66 -4.33
N GLU A 69 -1.91 10.18 -3.27
CA GLU A 69 -2.02 11.61 -3.09
C GLU A 69 -0.64 12.25 -3.01
N LEU A 70 0.23 11.62 -2.24
CA LEU A 70 1.58 12.10 -2.07
C LEU A 70 2.33 12.02 -3.40
N LEU A 71 2.26 10.85 -4.00
CA LEU A 71 2.91 10.61 -5.28
C LEU A 71 2.50 11.70 -6.27
N LYS A 72 1.36 12.32 -5.97
CA LYS A 72 0.84 13.38 -6.83
C LYS A 72 1.43 14.72 -6.39
N GLU A 73 1.53 14.88 -5.08
CA GLU A 73 2.06 16.10 -4.51
C GLU A 73 3.58 16.15 -4.71
N LEU A 74 4.16 14.97 -4.87
CA LEU A 74 5.61 14.87 -5.05
C LEU A 74 5.99 15.64 -6.32
N GLY A 75 5.58 15.10 -7.46
CA GLY A 75 5.88 15.73 -8.73
C GLY A 75 5.40 17.18 -8.76
N SER A 76 4.36 17.44 -7.99
CA SER A 76 3.79 18.76 -7.93
C SER A 76 4.87 19.78 -7.53
N LEU A 77 5.70 19.37 -6.59
CA LEU A 77 6.78 20.23 -6.12
C LEU A 77 7.46 20.90 -7.33
N PRO A 78 8.13 22.04 -7.05
CA PRO A 78 8.81 22.78 -8.09
C PRO A 78 10.11 22.08 -8.50
N LEU A 79 10.74 22.62 -9.53
CA LEU A 79 11.99 22.06 -10.02
C LEU A 79 13.11 23.08 -9.85
N PRO A 80 14.33 22.55 -9.58
CA PRO A 80 15.49 23.41 -9.38
C PRO A 80 15.99 23.98 -10.72
N LEU A 81 16.44 25.22 -10.67
CA LEU A 81 16.95 25.89 -11.86
C LEU A 81 17.94 24.97 -12.57
N SER A 82 18.56 24.10 -11.79
CA SER A 82 19.53 23.15 -12.33
C SER A 82 18.84 21.85 -12.71
N THR A 83 19.36 21.22 -13.76
CA THR A 83 18.81 19.97 -14.23
C THR A 83 19.34 18.80 -13.40
N SER A 84 20.64 18.86 -13.13
CA SER A 84 21.28 17.82 -12.35
C SER A 84 20.39 17.39 -11.19
N GLU A 85 19.78 18.40 -10.57
CA GLU A 85 18.89 18.14 -9.44
C GLU A 85 17.53 17.64 -9.93
N GLN A 86 17.09 18.21 -11.04
CA GLN A 86 15.82 17.83 -11.63
C GLN A 86 15.72 16.31 -11.74
N ARG A 87 16.81 15.71 -12.20
CA ARG A 87 16.86 14.27 -12.36
C ARG A 87 16.88 13.58 -10.99
N GLN A 88 17.94 13.83 -10.25
CA GLN A 88 18.09 13.24 -8.93
C GLN A 88 16.76 13.29 -8.18
N GLN A 89 15.97 14.31 -8.50
CA GLN A 89 14.68 14.49 -7.86
C GLN A 89 13.67 13.50 -8.44
N ARG A 90 13.30 13.74 -9.69
CA ARG A 90 12.34 12.88 -10.37
C ARG A 90 12.77 11.41 -10.26
N LEU A 91 14.08 11.21 -10.30
CA LEU A 91 14.64 9.87 -10.21
C LEU A 91 14.20 9.24 -8.88
N GLN A 92 14.08 10.09 -7.88
CA GLN A 92 13.68 9.63 -6.55
C GLN A 92 12.17 9.34 -6.52
N LYS A 93 11.40 10.37 -6.81
CA LYS A 93 9.95 10.24 -6.82
C LYS A 93 9.55 9.15 -7.81
N GLU A 94 10.26 9.11 -8.92
CA GLU A 94 9.99 8.11 -9.95
C GLU A 94 10.00 6.71 -9.34
N ARG A 95 11.06 6.41 -8.61
CA ARG A 95 11.20 5.12 -7.98
C ARG A 95 10.06 4.90 -6.96
N LEU A 96 9.71 5.97 -6.28
CA LEU A 96 8.65 5.91 -5.28
C LEU A 96 7.37 5.38 -5.94
N MET A 97 7.07 5.95 -7.11
CA MET A 97 5.88 5.54 -7.84
C MET A 97 5.90 4.04 -8.14
N ASN A 98 7.00 3.62 -8.76
CA ASN A 98 7.17 2.22 -9.10
C ASN A 98 7.17 1.37 -7.83
N ASP A 99 8.13 1.65 -6.97
CA ASP A 99 8.25 0.93 -5.72
C ASP A 99 6.86 0.69 -5.14
N PHE A 100 6.12 1.79 -5.00
CA PHE A 100 4.77 1.71 -4.47
C PHE A 100 3.92 0.70 -5.24
N SER A 101 3.81 0.95 -6.54
CA SER A 101 3.03 0.08 -7.40
C SER A 101 3.29 -1.38 -7.03
N ALA A 102 4.50 -1.84 -7.33
CA ALA A 102 4.87 -3.20 -7.03
C ALA A 102 4.22 -3.64 -5.73
N ALA A 103 4.25 -2.73 -4.76
CA ALA A 103 3.67 -3.01 -3.46
C ALA A 103 2.15 -2.94 -3.56
N LEU A 104 1.67 -1.84 -4.13
CA LEU A 104 0.24 -1.64 -4.29
C LEU A 104 -0.34 -2.80 -5.10
N ASN A 105 0.21 -3.00 -6.28
CA ASN A 105 -0.24 -4.06 -7.16
C ASN A 105 -0.45 -5.33 -6.34
N ASN A 106 0.54 -5.64 -5.51
CA ASN A 106 0.48 -6.81 -4.67
C ASN A 106 -0.81 -6.79 -3.86
N PHE A 107 -1.06 -5.65 -3.22
CA PHE A 107 -2.25 -5.49 -2.41
C PHE A 107 -3.51 -5.69 -3.25
N GLN A 108 -3.46 -5.22 -4.49
CA GLN A 108 -4.58 -5.35 -5.39
C GLN A 108 -4.90 -6.82 -5.64
N ALA A 109 -3.88 -7.55 -6.07
CA ALA A 109 -4.04 -8.97 -6.35
C ALA A 109 -4.53 -9.67 -5.08
N VAL A 110 -4.24 -9.06 -3.95
CA VAL A 110 -4.65 -9.62 -2.67
C VAL A 110 -6.07 -9.17 -2.34
N GLN A 111 -6.42 -8.00 -2.85
CA GLN A 111 -7.73 -7.44 -2.62
C GLN A 111 -8.78 -8.19 -3.46
N ARG A 112 -8.35 -8.61 -4.64
CA ARG A 112 -9.23 -9.33 -5.54
C ARG A 112 -9.29 -10.81 -5.14
N ARG A 113 -8.29 -11.23 -4.39
CA ARG A 113 -8.23 -12.61 -3.94
C ARG A 113 -8.95 -12.76 -2.60
N VAL A 114 -8.94 -11.68 -1.83
CA VAL A 114 -9.59 -11.67 -0.53
C VAL A 114 -11.10 -11.71 -0.72
N SER A 115 -11.60 -10.77 -1.52
CA SER A 115 -13.02 -10.69 -1.79
C SER A 115 -13.53 -12.02 -2.35
N GLU A 116 -12.64 -12.70 -3.06
CA GLU A 116 -12.99 -13.99 -3.64
C GLU A 116 -12.91 -15.09 -2.59
N LYS A 117 -11.96 -14.94 -1.68
CA LYS A 117 -11.77 -15.91 -0.62
C LYS A 117 -13.01 -15.92 0.29
N GLU A 118 -13.48 -14.72 0.59
CA GLU A 118 -14.65 -14.56 1.44
C GLU A 118 -15.90 -15.01 0.69
N LYS A 119 -15.81 -14.99 -0.63
CA LYS A 119 -16.93 -15.39 -1.46
C LYS A 119 -17.21 -16.88 -1.26
N GLU A 120 -16.23 -17.69 -1.66
CA GLU A 120 -16.36 -19.13 -1.53
C GLU A 120 -16.91 -19.49 -0.14
N SER A 121 -16.32 -18.89 0.87
CA SER A 121 -16.73 -19.13 2.25
C SER A 121 -18.26 -19.16 2.33
N ILE A 122 -18.87 -18.04 1.97
CA ILE A 122 -20.32 -17.92 2.00
C ILE A 122 -20.91 -18.69 0.81
N ALA A 123 -20.62 -18.16 -0.39
CA ALA A 123 -21.12 -18.79 -1.60
C ALA A 123 -20.90 -20.30 -1.53
N ARG A 124 -21.53 -21.00 -2.47
CA ARG A 124 -21.40 -22.45 -2.51
C ARG A 124 -19.98 -22.88 -2.16
N SER A 125 -19.89 -23.91 -1.35
CA SER A 125 -18.59 -24.44 -0.93
C SER A 125 -18.78 -25.66 -0.05
N GLY A 126 -17.87 -26.61 -0.20
CA GLY A 126 -17.92 -27.84 0.58
C GLY A 126 -17.60 -27.56 2.06
N PRO A 127 -18.55 -27.95 2.93
CA PRO A 127 -18.37 -27.75 4.37
C PRO A 127 -17.39 -28.77 4.95
N SER A 128 -17.15 -28.64 6.24
CA SER A 128 -16.23 -29.54 6.93
C SER A 128 -17.01 -30.58 7.71
N SER A 129 -17.46 -31.60 6.99
CA SER A 129 -18.23 -32.67 7.61
C SER A 129 -19.63 -32.18 7.97
N GLY A 130 -20.55 -32.38 7.04
CA GLY A 130 -21.93 -31.97 7.24
C GLY A 130 -22.84 -33.18 7.46
N GLY A 1 15.77 11.75 0.87
CA GLY A 1 17.21 11.71 1.09
C GLY A 1 17.55 11.84 2.58
N SER A 2 18.37 12.84 2.88
CA SER A 2 18.78 13.09 4.25
C SER A 2 17.54 13.31 5.13
N SER A 3 17.77 13.30 6.43
CA SER A 3 16.69 13.49 7.39
C SER A 3 17.06 14.60 8.38
N GLY A 4 16.06 15.39 8.74
CA GLY A 4 16.27 16.48 9.67
C GLY A 4 15.15 16.53 10.72
N SER A 5 15.11 17.63 11.44
CA SER A 5 14.10 17.82 12.47
C SER A 5 14.02 19.30 12.86
N SER A 6 12.78 19.78 12.98
CA SER A 6 12.55 21.17 13.35
C SER A 6 11.06 21.46 13.33
N GLY A 7 10.46 21.28 12.16
CA GLY A 7 9.04 21.52 11.99
C GLY A 7 8.38 20.39 11.21
N GLN A 8 7.22 20.71 10.63
CA GLN A 8 6.48 19.73 9.86
C GLN A 8 6.21 20.25 8.45
N LEU A 9 7.29 20.43 7.70
CA LEU A 9 7.19 20.92 6.35
C LEU A 9 7.22 19.74 5.38
N ARG A 10 6.17 19.65 4.57
CA ARG A 10 6.08 18.57 3.60
C ARG A 10 7.11 18.77 2.49
N ASP A 11 8.37 18.51 2.84
CA ASP A 11 9.46 18.65 1.88
C ASP A 11 9.60 17.36 1.08
N PHE A 12 10.14 17.50 -0.12
CA PHE A 12 10.33 16.36 -0.99
C PHE A 12 10.90 15.17 -0.22
N SER A 13 11.93 15.46 0.58
CA SER A 13 12.57 14.43 1.38
C SER A 13 11.60 13.91 2.45
N SER A 14 10.75 14.82 2.92
CA SER A 14 9.78 14.46 3.93
C SER A 14 8.66 13.62 3.31
N ILE A 15 8.26 14.02 2.12
CA ILE A 15 7.20 13.31 1.40
C ILE A 15 7.73 11.95 0.94
N ILE A 16 8.90 11.99 0.33
CA ILE A 16 9.53 10.77 -0.17
C ILE A 16 9.59 9.74 0.96
N GLN A 17 10.40 10.06 1.96
CA GLN A 17 10.56 9.17 3.11
C GLN A 17 9.21 8.56 3.50
N THR A 18 8.20 9.42 3.54
CA THR A 18 6.86 8.97 3.91
C THR A 18 6.31 8.01 2.85
N CYS A 19 6.47 8.41 1.60
CA CYS A 19 6.01 7.59 0.49
C CYS A 19 6.58 6.18 0.65
N SER A 20 7.89 6.13 0.83
CA SER A 20 8.57 4.85 1.01
C SER A 20 7.88 4.03 2.09
N GLY A 21 7.81 4.62 3.29
CA GLY A 21 7.18 3.95 4.41
C GLY A 21 5.81 3.38 4.02
N ASN A 22 4.92 4.29 3.65
CA ASN A 22 3.58 3.89 3.25
C ASN A 22 3.67 2.63 2.39
N ILE A 23 4.41 2.74 1.30
CA ILE A 23 4.58 1.62 0.39
C ILE A 23 4.84 0.34 1.20
N GLN A 24 5.94 0.36 1.93
CA GLN A 24 6.32 -0.79 2.74
C GLN A 24 5.08 -1.38 3.42
N ARG A 25 4.46 -0.57 4.25
CA ARG A 25 3.27 -1.00 4.97
C ARG A 25 2.30 -1.68 4.01
N ILE A 26 1.96 -0.97 2.95
CA ILE A 26 1.04 -1.49 1.95
C ILE A 26 1.42 -2.94 1.63
N SER A 27 2.68 -3.11 1.25
CA SER A 27 3.19 -4.43 0.90
C SER A 27 3.19 -5.33 2.14
N GLN A 28 3.52 -4.72 3.27
CA GLN A 28 3.57 -5.45 4.52
C GLN A 28 2.20 -6.02 4.86
N ALA A 29 1.25 -5.12 5.08
CA ALA A 29 -0.11 -5.52 5.41
C ALA A 29 -0.58 -6.57 4.41
N THR A 30 -0.19 -6.36 3.15
CA THR A 30 -0.57 -7.28 2.09
C THR A 30 0.05 -8.66 2.33
N ALA A 31 1.18 -8.66 3.03
CA ALA A 31 1.87 -9.89 3.34
C ALA A 31 1.14 -10.62 4.45
N GLN A 32 0.70 -9.86 5.45
CA GLN A 32 -0.02 -10.41 6.56
C GLN A 32 -1.34 -11.04 6.10
N ILE A 33 -2.02 -10.31 5.23
CA ILE A 33 -3.29 -10.78 4.71
C ILE A 33 -3.11 -12.18 4.11
N LYS A 34 -2.00 -12.35 3.42
CA LYS A 34 -1.69 -13.63 2.80
C LYS A 34 -1.25 -14.62 3.88
N ASN A 35 -0.61 -14.08 4.91
CA ASN A 35 -0.14 -14.90 6.01
C ASN A 35 -1.32 -15.33 6.87
N LEU A 36 -2.33 -14.47 6.91
CA LEU A 36 -3.52 -14.75 7.69
C LEU A 36 -4.50 -15.55 6.83
N MET A 37 -4.45 -15.30 5.53
CA MET A 37 -5.33 -15.99 4.59
C MET A 37 -5.28 -17.50 4.80
N SER A 38 -4.09 -17.98 5.13
CA SER A 38 -3.89 -19.40 5.36
C SER A 38 -4.94 -19.93 6.34
N GLN A 39 -5.08 -19.21 7.44
CA GLN A 39 -6.03 -19.58 8.47
C GLN A 39 -7.34 -20.05 7.83
N LEU A 40 -7.92 -19.17 7.03
CA LEU A 40 -9.16 -19.48 6.34
C LEU A 40 -9.10 -20.91 5.80
N GLY A 41 -7.94 -21.26 5.26
CA GLY A 41 -7.74 -22.59 4.71
C GLY A 41 -7.64 -23.64 5.82
N THR A 42 -8.78 -23.86 6.47
CA THR A 42 -8.84 -24.83 7.55
C THR A 42 -10.29 -25.02 8.02
N LYS A 43 -10.96 -23.89 8.21
CA LYS A 43 -12.35 -23.92 8.65
C LYS A 43 -12.39 -24.09 10.17
N GLN A 44 -12.49 -22.95 10.86
CA GLN A 44 -12.54 -22.95 12.31
C GLN A 44 -12.86 -21.55 12.82
N ASP A 45 -13.43 -21.51 14.02
CA ASP A 45 -13.79 -20.25 14.65
C ASP A 45 -12.55 -19.35 14.71
N SER A 46 -12.59 -18.28 13.93
CA SER A 46 -11.48 -17.34 13.89
C SER A 46 -11.97 -15.97 13.40
N SER A 47 -12.55 -15.21 14.32
CA SER A 47 -13.06 -13.90 13.99
C SER A 47 -11.96 -12.85 14.14
N LYS A 48 -11.09 -13.09 15.11
CA LYS A 48 -9.98 -12.18 15.37
C LYS A 48 -9.16 -12.02 14.10
N LEU A 49 -9.14 -13.08 13.29
CA LEU A 49 -8.40 -13.07 12.05
C LEU A 49 -9.20 -12.32 10.99
N GLN A 50 -10.34 -12.89 10.64
CA GLN A 50 -11.20 -12.28 9.65
C GLN A 50 -11.21 -10.76 9.79
N GLU A 51 -11.10 -10.32 11.04
CA GLU A 51 -11.10 -8.90 11.34
C GLU A 51 -9.80 -8.25 10.83
N ASN A 52 -8.69 -8.87 11.19
CA ASN A 52 -7.39 -8.38 10.79
C ASN A 52 -7.36 -8.21 9.26
N LEU A 53 -7.65 -9.30 8.58
CA LEU A 53 -7.67 -9.30 7.12
C LEU A 53 -8.29 -7.98 6.64
N GLN A 54 -9.44 -7.66 7.20
CA GLN A 54 -10.14 -6.43 6.83
C GLN A 54 -9.40 -5.21 7.38
N GLN A 55 -8.88 -5.37 8.59
CA GLN A 55 -8.15 -4.30 9.24
C GLN A 55 -6.82 -4.04 8.52
N LEU A 56 -6.44 -5.01 7.69
CA LEU A 56 -5.20 -4.90 6.94
C LEU A 56 -5.49 -4.23 5.60
N GLN A 57 -6.54 -4.70 4.95
CA GLN A 57 -6.92 -4.14 3.66
C GLN A 57 -7.27 -2.66 3.80
N HIS A 58 -8.03 -2.36 4.84
CA HIS A 58 -8.44 -0.99 5.10
C HIS A 58 -7.20 -0.11 5.30
N SER A 59 -6.42 -0.46 6.32
CA SER A 59 -5.21 0.28 6.63
C SER A 59 -4.45 0.59 5.34
N THR A 60 -4.24 -0.45 4.55
CA THR A 60 -3.53 -0.30 3.29
C THR A 60 -4.30 0.63 2.34
N ASN A 61 -5.58 0.32 2.18
CA ASN A 61 -6.43 1.11 1.31
C ASN A 61 -6.17 2.59 1.55
N GLN A 62 -6.30 2.99 2.82
CA GLN A 62 -6.08 4.37 3.20
C GLN A 62 -4.67 4.81 2.79
N LEU A 63 -3.69 4.15 3.37
CA LEU A 63 -2.30 4.46 3.07
C LEU A 63 -2.15 4.79 1.59
N ALA A 64 -2.52 3.81 0.77
CA ALA A 64 -2.43 3.98 -0.67
C ALA A 64 -3.01 5.35 -1.06
N LYS A 65 -4.26 5.56 -0.66
CA LYS A 65 -4.93 6.81 -0.96
C LYS A 65 -3.96 7.97 -0.74
N GLU A 66 -3.39 8.02 0.46
CA GLU A 66 -2.45 9.06 0.80
C GLU A 66 -1.25 9.04 -0.15
N THR A 67 -0.72 7.83 -0.35
CA THR A 67 0.42 7.65 -1.23
C THR A 67 0.19 8.38 -2.56
N ASN A 68 -0.89 8.00 -3.22
CA ASN A 68 -1.24 8.60 -4.50
C ASN A 68 -1.30 10.12 -4.34
N GLU A 69 -1.86 10.55 -3.22
CA GLU A 69 -1.99 11.96 -2.94
C GLU A 69 -0.60 12.60 -2.82
N LEU A 70 0.27 11.92 -2.09
CA LEU A 70 1.63 12.41 -1.90
C LEU A 70 2.37 12.40 -3.23
N LEU A 71 2.29 11.25 -3.91
CA LEU A 71 2.95 11.09 -5.19
C LEU A 71 2.55 12.24 -6.11
N LYS A 72 1.41 12.84 -5.79
CA LYS A 72 0.91 13.95 -6.58
C LYS A 72 1.50 15.25 -6.07
N GLU A 73 1.57 15.36 -4.74
CA GLU A 73 2.12 16.54 -4.11
C GLU A 73 3.63 16.60 -4.30
N LEU A 74 4.22 15.42 -4.45
CA LEU A 74 5.66 15.31 -4.64
C LEU A 74 6.06 16.08 -5.90
N GLY A 75 5.62 15.58 -7.04
CA GLY A 75 5.93 16.21 -8.31
C GLY A 75 5.40 17.64 -8.36
N SER A 76 4.43 17.91 -7.49
CA SER A 76 3.84 19.23 -7.43
C SER A 76 4.89 20.25 -6.97
N LEU A 77 5.73 19.81 -6.04
CA LEU A 77 6.77 20.68 -5.52
C LEU A 77 7.52 21.33 -6.69
N PRO A 78 8.17 22.48 -6.37
CA PRO A 78 8.91 23.22 -7.38
C PRO A 78 10.24 22.52 -7.70
N LEU A 79 10.90 23.01 -8.73
CA LEU A 79 12.18 22.45 -9.14
C LEU A 79 13.31 23.40 -8.74
N PRO A 80 14.47 22.80 -8.38
CA PRO A 80 15.63 23.58 -7.98
C PRO A 80 16.29 24.23 -9.19
N LEU A 81 17.17 25.19 -8.90
CA LEU A 81 17.88 25.90 -9.95
C LEU A 81 18.88 24.95 -10.62
N SER A 82 19.40 24.03 -9.81
CA SER A 82 20.36 23.06 -10.31
C SER A 82 19.63 21.92 -11.02
N THR A 83 20.04 21.67 -12.25
CA THR A 83 19.44 20.62 -13.05
C THR A 83 19.77 19.25 -12.45
N SER A 84 20.99 19.14 -11.94
CA SER A 84 21.44 17.89 -11.34
C SER A 84 20.41 17.41 -10.32
N GLU A 85 19.75 18.38 -9.68
CA GLU A 85 18.75 18.05 -8.68
C GLU A 85 17.39 17.79 -9.35
N GLN A 86 17.10 18.60 -10.35
CA GLN A 86 15.85 18.47 -11.08
C GLN A 86 15.61 17.01 -11.46
N ARG A 87 16.62 16.43 -12.10
CA ARG A 87 16.53 15.05 -12.52
C ARG A 87 16.42 14.12 -11.31
N GLN A 88 17.42 14.23 -10.43
CA GLN A 88 17.43 13.41 -9.23
C GLN A 88 16.07 13.43 -8.54
N GLN A 89 15.42 14.58 -8.62
CA GLN A 89 14.11 14.75 -8.03
C GLN A 89 13.08 13.87 -8.73
N ARG A 90 12.79 14.23 -9.97
CA ARG A 90 11.84 13.48 -10.77
C ARG A 90 12.21 11.99 -10.79
N LEU A 91 13.50 11.74 -10.86
CA LEU A 91 13.99 10.37 -10.89
C LEU A 91 13.57 9.66 -9.59
N GLN A 92 13.71 10.38 -8.49
CA GLN A 92 13.36 9.83 -7.19
C GLN A 92 11.87 9.49 -7.15
N LYS A 93 11.08 10.37 -7.75
CA LYS A 93 9.63 10.18 -7.80
C LYS A 93 9.30 9.03 -8.74
N GLU A 94 9.97 9.04 -9.88
CA GLU A 94 9.77 8.01 -10.89
C GLU A 94 9.80 6.62 -10.23
N ARG A 95 10.83 6.40 -9.43
CA ARG A 95 10.98 5.13 -8.73
C ARG A 95 9.85 4.93 -7.73
N LEU A 96 9.62 5.97 -6.93
CA LEU A 96 8.58 5.92 -5.92
C LEU A 96 7.30 5.37 -6.54
N MET A 97 6.94 5.95 -7.69
CA MET A 97 5.74 5.52 -8.40
C MET A 97 5.79 4.03 -8.72
N ASN A 98 6.81 3.65 -9.47
CA ASN A 98 6.99 2.26 -9.85
C ASN A 98 6.96 1.39 -8.60
N ASP A 99 7.61 1.87 -7.55
CA ASP A 99 7.67 1.15 -6.30
C ASP A 99 6.25 0.92 -5.78
N PHE A 100 5.60 2.02 -5.44
CA PHE A 100 4.23 1.96 -4.94
C PHE A 100 3.38 0.98 -5.76
N SER A 101 3.56 1.07 -7.07
CA SER A 101 2.82 0.21 -7.98
C SER A 101 3.07 -1.26 -7.63
N ALA A 102 4.32 -1.66 -7.74
CA ALA A 102 4.71 -3.03 -7.45
C ALA A 102 4.00 -3.48 -6.16
N ALA A 103 3.95 -2.57 -5.19
CA ALA A 103 3.32 -2.85 -3.93
C ALA A 103 1.81 -2.88 -4.11
N LEU A 104 1.32 -1.93 -4.90
CA LEU A 104 -0.10 -1.83 -5.16
C LEU A 104 -0.59 -3.13 -5.81
N ASN A 105 0.00 -3.43 -6.96
CA ASN A 105 -0.36 -4.63 -7.69
C ASN A 105 -0.54 -5.79 -6.71
N ASN A 106 0.42 -5.90 -5.80
CA ASN A 106 0.40 -6.95 -4.79
C ASN A 106 -0.97 -6.95 -4.10
N PHE A 107 -1.27 -5.82 -3.47
CA PHE A 107 -2.53 -5.67 -2.76
C PHE A 107 -3.70 -6.15 -3.63
N GLN A 108 -3.66 -5.74 -4.90
CA GLN A 108 -4.71 -6.12 -5.83
C GLN A 108 -4.84 -7.64 -5.90
N ALA A 109 -3.79 -8.26 -6.39
CA ALA A 109 -3.77 -9.71 -6.53
C ALA A 109 -4.26 -10.34 -5.22
N VAL A 110 -4.09 -9.60 -4.13
CA VAL A 110 -4.51 -10.07 -2.83
C VAL A 110 -6.01 -9.79 -2.65
N GLN A 111 -6.42 -8.61 -3.10
CA GLN A 111 -7.80 -8.21 -3.00
C GLN A 111 -8.71 -9.24 -3.68
N ARG A 112 -8.22 -9.75 -4.80
CA ARG A 112 -8.97 -10.74 -5.56
C ARG A 112 -9.01 -12.07 -4.81
N ARG A 113 -7.82 -12.60 -4.56
CA ARG A 113 -7.70 -13.87 -3.86
C ARG A 113 -8.54 -13.84 -2.57
N VAL A 114 -8.41 -12.75 -1.84
CA VAL A 114 -9.16 -12.59 -0.60
C VAL A 114 -10.66 -12.79 -0.88
N SER A 115 -11.13 -12.11 -1.92
CA SER A 115 -12.52 -12.21 -2.29
C SER A 115 -12.90 -13.67 -2.55
N GLU A 116 -11.98 -14.39 -3.20
CA GLU A 116 -12.21 -15.79 -3.51
C GLU A 116 -12.10 -16.63 -2.23
N LYS A 117 -11.20 -16.21 -1.35
CA LYS A 117 -11.00 -16.91 -0.10
C LYS A 117 -12.27 -16.82 0.75
N GLU A 118 -12.85 -15.64 0.76
CA GLU A 118 -14.06 -15.40 1.53
C GLU A 118 -15.26 -16.06 0.84
N LYS A 119 -15.10 -16.30 -0.46
CA LYS A 119 -16.15 -16.93 -1.24
C LYS A 119 -16.28 -18.39 -0.83
N GLU A 120 -15.23 -19.15 -1.08
CA GLU A 120 -15.22 -20.56 -0.74
C GLU A 120 -15.81 -20.78 0.64
N SER A 121 -15.43 -19.89 1.56
CA SER A 121 -15.92 -19.97 2.93
C SER A 121 -17.44 -20.04 2.94
N ILE A 122 -18.06 -18.96 2.50
CA ILE A 122 -19.51 -18.88 2.47
C ILE A 122 -20.05 -19.97 1.53
N ALA A 123 -19.59 -19.93 0.29
CA ALA A 123 -20.01 -20.90 -0.70
C ALA A 123 -20.03 -22.30 -0.07
N ARG A 124 -20.89 -23.14 -0.60
CA ARG A 124 -21.02 -24.50 -0.10
C ARG A 124 -20.07 -25.43 -0.85
N SER A 125 -19.69 -26.50 -0.17
CA SER A 125 -18.78 -27.48 -0.77
C SER A 125 -17.40 -26.86 -0.98
N GLY A 126 -16.38 -27.67 -0.73
CA GLY A 126 -15.01 -27.22 -0.89
C GLY A 126 -14.04 -28.15 -0.15
N PRO A 127 -12.73 -28.03 -0.53
CA PRO A 127 -11.70 -28.86 0.08
C PRO A 127 -11.38 -28.36 1.50
N SER A 128 -12.41 -28.28 2.32
CA SER A 128 -12.25 -27.82 3.68
C SER A 128 -12.84 -28.85 4.65
N SER A 129 -14.12 -29.11 4.48
CA SER A 129 -14.81 -30.08 5.33
C SER A 129 -14.86 -29.56 6.77
N GLY A 130 -16.08 -29.30 7.23
CA GLY A 130 -16.27 -28.81 8.58
C GLY A 130 -17.17 -29.76 9.38
N GLY A 1 6.06 24.93 13.92
CA GLY A 1 6.25 26.24 14.53
C GLY A 1 7.10 26.13 15.80
N SER A 2 7.00 27.15 16.63
CA SER A 2 7.75 27.19 17.88
C SER A 2 9.24 26.99 17.59
N SER A 3 10.05 27.23 18.62
CA SER A 3 11.48 27.09 18.49
C SER A 3 11.90 25.70 19.00
N GLY A 4 11.71 24.71 18.15
CA GLY A 4 12.06 23.35 18.48
C GLY A 4 11.03 22.36 17.94
N SER A 5 11.08 22.17 16.63
CA SER A 5 10.16 21.26 15.98
C SER A 5 10.83 19.91 15.72
N SER A 6 10.02 18.87 15.65
CA SER A 6 10.53 17.53 15.40
C SER A 6 10.44 17.20 13.91
N GLY A 7 11.10 18.01 13.11
CA GLY A 7 11.11 17.81 11.68
C GLY A 7 9.69 17.45 11.17
N GLN A 8 8.96 18.49 10.81
CA GLN A 8 7.60 18.31 10.31
C GLN A 8 7.30 19.34 9.22
N LEU A 9 6.97 18.83 8.04
CA LEU A 9 6.64 19.68 6.92
C LEU A 9 6.09 18.83 5.78
N ARG A 10 5.94 19.48 4.62
CA ARG A 10 5.42 18.78 3.44
C ARG A 10 6.34 19.03 2.24
N ASP A 11 7.62 18.78 2.46
CA ASP A 11 8.61 18.96 1.41
C ASP A 11 8.87 17.62 0.73
N PHE A 12 9.42 17.70 -0.48
CA PHE A 12 9.72 16.51 -1.25
C PHE A 12 10.21 15.38 -0.34
N SER A 13 11.12 15.73 0.55
CA SER A 13 11.68 14.76 1.48
C SER A 13 10.57 14.23 2.41
N SER A 14 10.10 15.12 3.27
CA SER A 14 9.06 14.77 4.21
C SER A 14 8.03 13.86 3.54
N ILE A 15 7.65 14.25 2.33
CA ILE A 15 6.68 13.49 1.57
C ILE A 15 7.29 12.13 1.19
N ILE A 16 8.31 12.19 0.34
CA ILE A 16 8.98 10.99 -0.10
C ILE A 16 9.08 10.00 1.06
N GLN A 17 9.80 10.41 2.10
CA GLN A 17 9.97 9.58 3.26
C GLN A 17 8.67 8.82 3.57
N THR A 18 7.58 9.56 3.58
CA THR A 18 6.28 8.97 3.86
C THR A 18 5.90 7.97 2.76
N CYS A 19 6.14 8.38 1.53
CA CYS A 19 5.82 7.55 0.38
C CYS A 19 6.50 6.18 0.59
N SER A 20 7.82 6.22 0.65
CA SER A 20 8.60 5.00 0.85
C SER A 20 7.98 4.17 1.97
N GLY A 21 7.89 4.78 3.15
CA GLY A 21 7.33 4.10 4.31
C GLY A 21 5.98 3.48 3.97
N ASN A 22 5.06 4.32 3.52
CA ASN A 22 3.73 3.87 3.16
C ASN A 22 3.84 2.57 2.36
N ILE A 23 4.59 2.65 1.26
CA ILE A 23 4.78 1.48 0.41
C ILE A 23 5.04 0.25 1.27
N GLN A 24 6.11 0.33 2.04
CA GLN A 24 6.48 -0.77 2.93
C GLN A 24 5.25 -1.34 3.62
N ARG A 25 4.61 -0.49 4.40
CA ARG A 25 3.41 -0.89 5.13
C ARG A 25 2.45 -1.63 4.19
N ILE A 26 2.13 -0.98 3.07
CA ILE A 26 1.24 -1.57 2.09
C ILE A 26 1.65 -3.02 1.84
N SER A 27 2.91 -3.20 1.48
CA SER A 27 3.43 -4.52 1.21
C SER A 27 3.41 -5.37 2.49
N GLN A 28 3.61 -4.70 3.60
CA GLN A 28 3.62 -5.36 4.90
C GLN A 28 2.24 -5.95 5.19
N ALA A 29 1.29 -5.06 5.42
CA ALA A 29 -0.07 -5.47 5.72
C ALA A 29 -0.52 -6.53 4.71
N THR A 30 -0.18 -6.28 3.45
CA THR A 30 -0.53 -7.20 2.39
C THR A 30 0.10 -8.58 2.64
N ALA A 31 1.26 -8.55 3.27
CA ALA A 31 1.97 -9.78 3.57
C ALA A 31 1.21 -10.56 4.63
N GLN A 32 0.73 -9.82 5.64
CA GLN A 32 -0.01 -10.43 6.72
C GLN A 32 -1.28 -11.09 6.18
N ILE A 33 -2.03 -10.33 5.39
CA ILE A 33 -3.26 -10.85 4.81
C ILE A 33 -2.98 -12.20 4.16
N LYS A 34 -1.80 -12.31 3.57
CA LYS A 34 -1.40 -13.54 2.89
C LYS A 34 -1.05 -14.59 3.95
N ASN A 35 -0.56 -14.11 5.08
CA ASN A 35 -0.18 -15.00 6.17
C ASN A 35 -1.44 -15.48 6.90
N LEU A 36 -2.33 -14.52 7.15
CA LEU A 36 -3.58 -14.83 7.83
C LEU A 36 -4.49 -15.59 6.88
N MET A 37 -4.13 -15.57 5.62
CA MET A 37 -4.91 -16.26 4.60
C MET A 37 -4.89 -17.77 4.81
N SER A 38 -3.70 -18.35 4.67
CA SER A 38 -3.52 -19.77 4.84
C SER A 38 -4.03 -20.19 6.23
N GLN A 39 -3.95 -19.26 7.16
CA GLN A 39 -4.39 -19.51 8.52
C GLN A 39 -5.86 -19.94 8.53
N LEU A 40 -6.70 -19.08 7.98
CA LEU A 40 -8.13 -19.35 7.92
C LEU A 40 -8.39 -20.41 6.84
N GLY A 41 -7.36 -20.64 6.04
CA GLY A 41 -7.48 -21.62 4.95
C GLY A 41 -7.37 -23.05 5.50
N THR A 42 -6.49 -23.21 6.48
CA THR A 42 -6.28 -24.51 7.08
C THR A 42 -7.13 -24.65 8.35
N LYS A 43 -7.98 -23.66 8.57
CA LYS A 43 -8.86 -23.67 9.72
C LYS A 43 -10.03 -22.73 9.47
N GLN A 44 -11.01 -23.23 8.73
CA GLN A 44 -12.19 -22.45 8.40
C GLN A 44 -13.03 -22.21 9.66
N ASP A 45 -12.57 -21.27 10.47
CA ASP A 45 -13.26 -20.93 11.70
C ASP A 45 -12.40 -19.95 12.51
N SER A 46 -12.80 -18.69 12.46
CA SER A 46 -12.09 -17.64 13.17
C SER A 46 -12.59 -16.27 12.74
N SER A 47 -13.09 -15.51 13.72
CA SER A 47 -13.61 -14.19 13.45
C SER A 47 -12.48 -13.16 13.55
N LYS A 48 -11.83 -13.14 14.72
CA LYS A 48 -10.74 -12.21 14.95
C LYS A 48 -9.87 -12.12 13.69
N LEU A 49 -9.33 -13.27 13.31
CA LEU A 49 -8.49 -13.34 12.13
C LEU A 49 -9.08 -12.46 11.02
N GLN A 50 -10.25 -12.87 10.55
CA GLN A 50 -10.92 -12.13 9.50
C GLN A 50 -10.89 -10.62 9.80
N GLU A 51 -11.22 -10.28 11.04
CA GLU A 51 -11.23 -8.90 11.46
C GLU A 51 -9.86 -8.26 11.21
N ASN A 52 -8.83 -9.08 11.31
CA ASN A 52 -7.47 -8.62 11.09
C ASN A 52 -7.25 -8.37 9.60
N LEU A 53 -7.74 -9.29 8.80
CA LEU A 53 -7.60 -9.18 7.36
C LEU A 53 -8.12 -7.82 6.90
N GLN A 54 -9.41 -7.61 7.10
CA GLN A 54 -10.04 -6.36 6.72
C GLN A 54 -9.18 -5.18 7.17
N GLN A 55 -9.05 -5.05 8.49
CA GLN A 55 -8.26 -3.97 9.05
C GLN A 55 -6.97 -3.79 8.27
N LEU A 56 -6.24 -4.89 8.12
CA LEU A 56 -4.98 -4.87 7.39
C LEU A 56 -5.20 -4.23 6.02
N GLN A 57 -6.27 -4.66 5.36
CA GLN A 57 -6.60 -4.15 4.05
C GLN A 57 -6.88 -2.64 4.12
N HIS A 58 -7.92 -2.30 4.88
CA HIS A 58 -8.30 -0.91 5.04
C HIS A 58 -7.03 -0.06 5.23
N SER A 59 -6.33 -0.35 6.32
CA SER A 59 -5.11 0.39 6.62
C SER A 59 -4.30 0.62 5.35
N THR A 60 -4.05 -0.47 4.64
CA THR A 60 -3.29 -0.40 3.40
C THR A 60 -4.03 0.47 2.37
N ASN A 61 -5.33 0.29 2.32
CA ASN A 61 -6.16 1.05 1.39
C ASN A 61 -5.82 2.53 1.51
N GLN A 62 -6.09 3.08 2.68
CA GLN A 62 -5.82 4.48 2.93
C GLN A 62 -4.37 4.82 2.57
N LEU A 63 -3.46 4.11 3.22
CA LEU A 63 -2.04 4.33 2.97
C LEU A 63 -1.82 4.58 1.48
N ALA A 64 -2.32 3.65 0.67
CA ALA A 64 -2.18 3.76 -0.77
C ALA A 64 -2.80 5.08 -1.23
N LYS A 65 -4.03 5.30 -0.80
CA LYS A 65 -4.74 6.52 -1.17
C LYS A 65 -3.82 7.73 -0.97
N GLU A 66 -3.14 7.71 0.16
CA GLU A 66 -2.22 8.80 0.49
C GLU A 66 -1.03 8.80 -0.46
N THR A 67 -0.45 7.62 -0.64
CA THR A 67 0.69 7.47 -1.52
C THR A 67 0.46 8.24 -2.83
N ASN A 68 -0.61 7.87 -3.52
CA ASN A 68 -0.95 8.50 -4.78
C ASN A 68 -1.04 10.02 -4.57
N GLU A 69 -1.90 10.41 -3.63
CA GLU A 69 -2.08 11.81 -3.33
C GLU A 69 -0.74 12.48 -3.06
N LEU A 70 0.15 11.73 -2.43
CA LEU A 70 1.47 12.23 -2.11
C LEU A 70 2.30 12.34 -3.40
N LEU A 71 2.32 11.24 -4.14
CA LEU A 71 3.06 11.19 -5.38
C LEU A 71 2.60 12.33 -6.30
N LYS A 72 1.41 12.84 -5.98
CA LYS A 72 0.83 13.93 -6.76
C LYS A 72 1.40 15.26 -6.26
N GLU A 73 1.38 15.42 -4.95
CA GLU A 73 1.88 16.64 -4.34
C GLU A 73 3.39 16.77 -4.58
N LEU A 74 4.04 15.62 -4.67
CA LEU A 74 5.47 15.58 -4.90
C LEU A 74 5.80 16.32 -6.19
N GLY A 75 5.41 15.73 -7.30
CA GLY A 75 5.65 16.32 -8.60
C GLY A 75 5.19 17.78 -8.63
N SER A 76 4.18 18.06 -7.82
CA SER A 76 3.64 19.41 -7.75
C SER A 76 4.72 20.39 -7.27
N LEU A 77 5.52 19.91 -6.33
CA LEU A 77 6.59 20.73 -5.77
C LEU A 77 7.43 21.30 -6.91
N PRO A 78 8.12 22.43 -6.61
CA PRO A 78 8.96 23.09 -7.59
C PRO A 78 10.26 22.31 -7.82
N LEU A 79 11.10 22.85 -8.69
CA LEU A 79 12.37 22.22 -8.99
C LEU A 79 13.51 23.11 -8.49
N PRO A 80 14.64 22.44 -8.13
CA PRO A 80 15.80 23.15 -7.62
C PRO A 80 16.54 23.86 -8.76
N LEU A 81 17.45 24.75 -8.37
CA LEU A 81 18.22 25.50 -9.34
C LEU A 81 19.20 24.55 -10.04
N SER A 82 19.66 23.56 -9.29
CA SER A 82 20.59 22.58 -9.83
C SER A 82 19.83 21.49 -10.60
N THR A 83 20.32 21.21 -11.79
CA THR A 83 19.70 20.19 -12.63
C THR A 83 19.95 18.80 -12.06
N SER A 84 21.09 18.67 -11.39
CA SER A 84 21.47 17.41 -10.79
C SER A 84 20.38 16.94 -9.83
N GLU A 85 19.69 17.91 -9.24
CA GLU A 85 18.63 17.61 -8.30
C GLU A 85 17.29 17.44 -9.03
N GLN A 86 17.17 18.16 -10.13
CA GLN A 86 15.95 18.10 -10.93
C GLN A 86 15.64 16.65 -11.30
N ARG A 87 16.54 16.05 -12.06
CA ARG A 87 16.36 14.67 -12.49
C ARG A 87 16.24 13.76 -11.27
N GLN A 88 17.18 13.91 -10.35
CA GLN A 88 17.18 13.09 -9.15
C GLN A 88 15.81 13.13 -8.48
N GLN A 89 15.15 14.27 -8.62
CA GLN A 89 13.83 14.45 -8.04
C GLN A 89 12.81 13.57 -8.75
N ARG A 90 12.56 13.91 -10.01
CA ARG A 90 11.61 13.16 -10.81
C ARG A 90 11.98 11.67 -10.81
N LEU A 91 13.27 11.41 -10.86
CA LEU A 91 13.76 10.04 -10.86
C LEU A 91 13.24 9.32 -9.62
N GLN A 92 13.43 9.97 -8.48
CA GLN A 92 12.98 9.39 -7.22
C GLN A 92 11.49 9.04 -7.29
N LYS A 93 10.70 10.04 -7.65
CA LYS A 93 9.26 9.85 -7.76
C LYS A 93 8.98 8.69 -8.71
N GLU A 94 9.61 8.75 -9.88
CA GLU A 94 9.42 7.71 -10.88
C GLU A 94 9.57 6.32 -10.23
N ARG A 95 10.69 6.13 -9.57
CA ARG A 95 10.96 4.87 -8.90
C ARG A 95 9.89 4.58 -7.85
N LEU A 96 9.63 5.58 -7.03
CA LEU A 96 8.62 5.44 -5.99
C LEU A 96 7.30 4.98 -6.60
N MET A 97 6.95 5.61 -7.70
CA MET A 97 5.71 5.26 -8.40
C MET A 97 5.71 3.79 -8.80
N ASN A 98 6.87 3.33 -9.27
CA ASN A 98 7.00 1.95 -9.69
C ASN A 98 6.98 1.03 -8.46
N ASP A 99 7.88 1.33 -7.54
CA ASP A 99 7.98 0.55 -6.31
C ASP A 99 6.59 0.42 -5.69
N PHE A 100 5.91 1.55 -5.59
CA PHE A 100 4.58 1.59 -5.02
C PHE A 100 3.63 0.66 -5.77
N SER A 101 3.75 0.70 -7.10
CA SER A 101 2.92 -0.13 -7.95
C SER A 101 3.12 -1.61 -7.60
N ALA A 102 4.36 -2.05 -7.73
CA ALA A 102 4.70 -3.43 -7.44
C ALA A 102 4.05 -3.84 -6.12
N ALA A 103 4.04 -2.91 -5.18
CA ALA A 103 3.46 -3.17 -3.88
C ALA A 103 1.94 -3.13 -3.99
N LEU A 104 1.45 -2.21 -4.82
CA LEU A 104 0.02 -2.06 -5.03
C LEU A 104 -0.52 -3.34 -5.69
N ASN A 105 -0.01 -3.61 -6.88
CA ASN A 105 -0.45 -4.78 -7.62
C ASN A 105 -0.60 -5.96 -6.66
N ASN A 106 0.32 -6.04 -5.72
CA ASN A 106 0.31 -7.11 -4.73
C ASN A 106 -1.02 -7.08 -3.98
N PHE A 107 -1.25 -5.96 -3.29
CA PHE A 107 -2.47 -5.78 -2.52
C PHE A 107 -3.70 -6.19 -3.35
N GLN A 108 -3.71 -5.72 -4.59
CA GLN A 108 -4.82 -6.02 -5.49
C GLN A 108 -5.02 -7.53 -5.60
N ALA A 109 -4.01 -8.20 -6.13
CA ALA A 109 -4.06 -9.64 -6.29
C ALA A 109 -4.51 -10.27 -4.99
N VAL A 110 -4.26 -9.57 -3.90
CA VAL A 110 -4.64 -10.05 -2.58
C VAL A 110 -6.10 -9.67 -2.30
N GLN A 111 -6.48 -8.51 -2.79
CA GLN A 111 -7.83 -8.02 -2.60
C GLN A 111 -8.82 -8.89 -3.40
N ARG A 112 -8.36 -9.33 -4.56
CA ARG A 112 -9.19 -10.16 -5.42
C ARG A 112 -9.19 -11.60 -4.91
N ARG A 113 -8.17 -11.94 -4.14
CA ARG A 113 -8.05 -13.27 -3.59
C ARG A 113 -8.82 -13.39 -2.28
N VAL A 114 -9.02 -12.23 -1.65
CA VAL A 114 -9.74 -12.18 -0.40
C VAL A 114 -11.25 -12.25 -0.67
N SER A 115 -11.71 -11.30 -1.49
CA SER A 115 -13.12 -11.24 -1.83
C SER A 115 -13.62 -12.63 -2.25
N GLU A 116 -12.70 -13.41 -2.79
CA GLU A 116 -13.03 -14.76 -3.24
C GLU A 116 -13.04 -15.72 -2.05
N LYS A 117 -12.12 -15.47 -1.12
CA LYS A 117 -12.01 -16.31 0.06
C LYS A 117 -13.22 -16.08 0.96
N GLU A 118 -13.58 -14.80 1.08
CA GLU A 118 -14.72 -14.43 1.91
C GLU A 118 -16.03 -14.86 1.24
N LYS A 119 -15.92 -15.18 -0.04
CA LYS A 119 -17.08 -15.60 -0.81
C LYS A 119 -17.26 -17.11 -0.65
N GLU A 120 -16.17 -17.83 -0.84
CA GLU A 120 -16.20 -19.28 -0.72
C GLU A 120 -16.71 -19.70 0.65
N SER A 121 -16.24 -18.97 1.66
CA SER A 121 -16.65 -19.25 3.04
C SER A 121 -18.17 -19.35 3.12
N ILE A 122 -18.82 -18.23 2.84
CA ILE A 122 -20.27 -18.19 2.88
C ILE A 122 -20.84 -19.10 1.79
N ALA A 123 -20.62 -18.70 0.55
CA ALA A 123 -21.10 -19.46 -0.59
C ALA A 123 -22.63 -19.46 -0.58
N ARG A 124 -23.20 -20.06 -1.63
CA ARG A 124 -24.64 -20.13 -1.76
C ARG A 124 -25.24 -18.72 -1.91
N SER A 125 -25.27 -18.27 -3.16
CA SER A 125 -25.80 -16.95 -3.46
C SER A 125 -25.61 -16.63 -4.94
N GLY A 126 -26.27 -15.56 -5.37
CA GLY A 126 -26.18 -15.14 -6.76
C GLY A 126 -24.77 -15.35 -7.31
N PRO A 127 -24.60 -16.50 -8.04
CA PRO A 127 -23.30 -16.83 -8.62
C PRO A 127 -23.02 -15.95 -9.84
N SER A 128 -21.75 -15.89 -10.20
CA SER A 128 -21.32 -15.10 -11.34
C SER A 128 -19.83 -15.31 -11.60
N SER A 129 -19.55 -16.21 -12.54
CA SER A 129 -18.17 -16.51 -12.89
C SER A 129 -17.86 -15.96 -14.29
N GLY A 130 -16.67 -15.41 -14.42
CA GLY A 130 -16.23 -14.85 -15.69
C GLY A 130 -14.82 -14.27 -15.58
N GLY A 1 -4.47 33.17 4.58
CA GLY A 1 -3.13 32.70 4.86
C GLY A 1 -2.09 33.79 4.56
N SER A 2 -1.02 33.37 3.91
CA SER A 2 0.05 34.30 3.56
C SER A 2 0.68 34.87 4.83
N SER A 3 2.01 34.83 4.86
CA SER A 3 2.73 35.34 6.01
C SER A 3 2.13 34.81 7.30
N GLY A 4 2.65 33.68 7.75
CA GLY A 4 2.17 33.07 8.98
C GLY A 4 2.47 31.57 8.98
N SER A 5 3.72 31.23 9.29
CA SER A 5 4.14 29.85 9.33
C SER A 5 3.88 29.27 10.72
N SER A 6 3.42 28.02 10.74
CA SER A 6 3.12 27.35 11.99
C SER A 6 3.28 25.84 11.81
N GLY A 7 4.53 25.39 11.81
CA GLY A 7 4.83 23.98 11.65
C GLY A 7 5.83 23.76 10.51
N GLN A 8 5.34 23.14 9.45
CA GLN A 8 6.18 22.86 8.30
C GLN A 8 5.33 22.43 7.10
N LEU A 9 5.87 22.64 5.92
CA LEU A 9 5.17 22.27 4.69
C LEU A 9 5.65 20.89 4.23
N ARG A 10 4.75 20.17 3.59
CA ARG A 10 5.06 18.85 3.08
C ARG A 10 6.25 18.92 2.12
N ASP A 11 7.45 18.88 2.71
CA ASP A 11 8.66 18.94 1.93
C ASP A 11 8.84 17.62 1.17
N PHE A 12 9.37 17.73 -0.04
CA PHE A 12 9.60 16.56 -0.87
C PHE A 12 10.02 15.36 -0.02
N SER A 13 11.13 15.53 0.68
CA SER A 13 11.65 14.47 1.53
C SER A 13 10.57 14.04 2.53
N SER A 14 9.90 15.03 3.10
CA SER A 14 8.86 14.76 4.07
C SER A 14 7.76 13.90 3.44
N ILE A 15 7.58 14.10 2.14
CA ILE A 15 6.57 13.35 1.41
C ILE A 15 7.16 12.00 0.99
N ILE A 16 8.45 12.01 0.69
CA ILE A 16 9.13 10.80 0.28
C ILE A 16 9.00 9.74 1.38
N GLN A 17 9.68 10.01 2.49
CA GLN A 17 9.64 9.10 3.62
C GLN A 17 8.25 8.48 3.77
N THR A 18 7.26 9.35 3.84
CA THR A 18 5.88 8.90 3.99
C THR A 18 5.51 7.95 2.85
N CYS A 19 5.90 8.34 1.65
CA CYS A 19 5.61 7.54 0.47
C CYS A 19 6.20 6.14 0.69
N SER A 20 7.52 6.10 0.85
CA SER A 20 8.21 4.84 1.06
C SER A 20 7.45 4.00 2.10
N GLY A 21 7.12 4.65 3.21
CA GLY A 21 6.40 3.98 4.29
C GLY A 21 5.12 3.35 3.76
N ASN A 22 4.28 4.17 3.17
CA ASN A 22 3.01 3.71 2.62
C ASN A 22 3.24 2.40 1.86
N ILE A 23 4.10 2.47 0.86
CA ILE A 23 4.42 1.31 0.05
C ILE A 23 4.69 0.12 0.97
N GLN A 24 5.74 0.24 1.77
CA GLN A 24 6.11 -0.82 2.69
C GLN A 24 4.86 -1.44 3.30
N ARG A 25 4.12 -0.63 4.05
CA ARG A 25 2.91 -1.10 4.69
C ARG A 25 2.04 -1.86 3.69
N ILE A 26 1.56 -1.12 2.69
CA ILE A 26 0.72 -1.71 1.67
C ILE A 26 1.24 -3.11 1.32
N SER A 27 2.48 -3.16 0.88
CA SER A 27 3.10 -4.42 0.52
C SER A 27 3.07 -5.38 1.71
N GLN A 28 3.46 -4.86 2.86
CA GLN A 28 3.48 -5.65 4.07
C GLN A 28 2.09 -6.20 4.37
N ALA A 29 1.17 -5.28 4.66
CA ALA A 29 -0.20 -5.65 4.95
C ALA A 29 -0.69 -6.68 3.92
N THR A 30 -0.34 -6.41 2.67
CA THR A 30 -0.73 -7.29 1.59
C THR A 30 -0.17 -8.69 1.80
N ALA A 31 0.98 -8.74 2.46
CA ALA A 31 1.65 -10.01 2.74
C ALA A 31 0.93 -10.70 3.91
N GLN A 32 0.50 -9.88 4.86
CA GLN A 32 -0.20 -10.40 6.02
C GLN A 32 -1.49 -11.11 5.60
N ILE A 33 -2.18 -10.51 4.65
CA ILE A 33 -3.42 -11.07 4.15
C ILE A 33 -3.14 -12.45 3.56
N LYS A 34 -2.06 -12.53 2.78
CA LYS A 34 -1.68 -13.78 2.15
C LYS A 34 -1.18 -14.75 3.23
N ASN A 35 -0.38 -14.22 4.14
CA ASN A 35 0.17 -15.03 5.22
C ASN A 35 -0.98 -15.55 6.09
N LEU A 36 -1.89 -14.65 6.42
CA LEU A 36 -3.03 -15.00 7.25
C LEU A 36 -3.97 -15.90 6.45
N MET A 37 -4.11 -15.57 5.17
CA MET A 37 -4.98 -16.34 4.29
C MET A 37 -4.91 -17.83 4.62
N SER A 38 -3.69 -18.34 4.63
CA SER A 38 -3.46 -19.75 4.93
C SER A 38 -4.30 -20.16 6.14
N GLN A 39 -4.02 -19.52 7.26
CA GLN A 39 -4.73 -19.81 8.49
C GLN A 39 -6.21 -20.06 8.20
N LEU A 40 -6.90 -19.00 7.83
CA LEU A 40 -8.32 -19.09 7.52
C LEU A 40 -8.58 -20.36 6.72
N GLY A 41 -7.75 -20.57 5.71
CA GLY A 41 -7.88 -21.74 4.87
C GLY A 41 -7.98 -23.02 5.70
N THR A 42 -7.10 -23.12 6.68
CA THR A 42 -7.08 -24.28 7.57
C THR A 42 -7.85 -23.98 8.85
N LYS A 43 -9.16 -24.11 8.77
CA LYS A 43 -10.01 -23.85 9.92
C LYS A 43 -10.02 -22.35 10.22
N GLN A 44 -11.15 -21.89 10.73
CA GLN A 44 -11.30 -20.49 11.07
C GLN A 44 -11.82 -20.33 12.50
N ASP A 45 -11.23 -19.38 13.22
CA ASP A 45 -11.63 -19.13 14.59
C ASP A 45 -10.63 -18.16 15.23
N SER A 46 -10.95 -16.88 15.12
CA SER A 46 -10.09 -15.85 15.67
C SER A 46 -10.64 -14.46 15.32
N SER A 47 -11.06 -13.75 16.36
CA SER A 47 -11.61 -12.42 16.17
C SER A 47 -10.50 -11.44 15.76
N LYS A 48 -9.49 -11.35 16.61
CA LYS A 48 -8.36 -10.47 16.35
C LYS A 48 -7.84 -10.73 14.93
N LEU A 49 -7.28 -11.91 14.74
CA LEU A 49 -6.74 -12.28 13.44
C LEU A 49 -7.67 -11.78 12.35
N GLN A 50 -8.86 -12.36 12.30
CA GLN A 50 -9.85 -11.97 11.31
C GLN A 50 -9.90 -10.45 11.16
N GLU A 51 -10.02 -9.79 12.31
CA GLU A 51 -10.07 -8.33 12.33
C GLU A 51 -8.89 -7.75 11.54
N ASN A 52 -7.78 -8.45 11.60
CA ASN A 52 -6.58 -8.01 10.90
C ASN A 52 -6.84 -8.05 9.39
N LEU A 53 -7.19 -9.22 8.91
CA LEU A 53 -7.47 -9.40 7.49
C LEU A 53 -8.23 -8.18 6.97
N GLN A 54 -9.44 -8.01 7.46
CA GLN A 54 -10.28 -6.90 7.06
C GLN A 54 -9.44 -5.61 6.99
N GLN A 55 -8.98 -5.19 8.16
CA GLN A 55 -8.18 -3.98 8.26
C GLN A 55 -7.06 -4.01 7.22
N LEU A 56 -6.32 -5.11 7.21
CA LEU A 56 -5.22 -5.27 6.29
C LEU A 56 -5.68 -4.84 4.88
N GLN A 57 -6.97 -5.01 4.65
CA GLN A 57 -7.54 -4.64 3.35
C GLN A 57 -7.76 -3.12 3.28
N HIS A 58 -8.77 -2.68 4.01
CA HIS A 58 -9.10 -1.26 4.04
C HIS A 58 -7.88 -0.46 4.51
N SER A 59 -7.41 -0.80 5.70
CA SER A 59 -6.26 -0.12 6.27
C SER A 59 -5.26 0.23 5.17
N THR A 60 -4.98 -0.74 4.32
CA THR A 60 -4.06 -0.55 3.22
C THR A 60 -4.64 0.43 2.20
N ASN A 61 -5.87 0.15 1.80
CA ASN A 61 -6.55 1.00 0.83
C ASN A 61 -6.26 2.47 1.15
N GLN A 62 -6.53 2.83 2.39
CA GLN A 62 -6.30 4.20 2.83
C GLN A 62 -4.85 4.62 2.57
N LEU A 63 -3.94 3.90 3.21
CA LEU A 63 -2.52 4.17 3.05
C LEU A 63 -2.23 4.52 1.59
N ALA A 64 -2.75 3.68 0.70
CA ALA A 64 -2.57 3.89 -0.72
C ALA A 64 -3.06 5.28 -1.11
N LYS A 65 -4.29 5.56 -0.69
CA LYS A 65 -4.90 6.85 -0.98
C LYS A 65 -3.90 7.96 -0.65
N GLU A 66 -3.25 7.81 0.49
CA GLU A 66 -2.26 8.79 0.93
C GLU A 66 -1.08 8.82 -0.04
N THR A 67 -0.66 7.64 -0.45
CA THR A 67 0.46 7.51 -1.37
C THR A 67 0.25 8.39 -2.60
N ASN A 68 -0.87 8.12 -3.28
CA ASN A 68 -1.21 8.88 -4.47
C ASN A 68 -1.15 10.38 -4.17
N GLU A 69 -1.95 10.77 -3.19
CA GLU A 69 -1.99 12.17 -2.78
C GLU A 69 -0.58 12.70 -2.54
N LEU A 70 0.21 11.89 -1.86
CA LEU A 70 1.58 12.27 -1.56
C LEU A 70 2.36 12.43 -2.87
N LEU A 71 2.28 11.41 -3.70
CA LEU A 71 2.98 11.42 -4.98
C LEU A 71 2.60 12.70 -5.74
N LYS A 72 1.35 13.11 -5.57
CA LYS A 72 0.87 14.30 -6.22
C LYS A 72 1.69 15.51 -5.77
N GLU A 73 1.86 15.60 -4.46
CA GLU A 73 2.62 16.69 -3.87
C GLU A 73 4.06 16.68 -4.40
N LEU A 74 4.70 15.53 -4.25
CA LEU A 74 6.07 15.36 -4.71
C LEU A 74 6.23 16.03 -6.08
N GLY A 75 5.37 15.63 -7.00
CA GLY A 75 5.40 16.16 -8.35
C GLY A 75 4.95 17.63 -8.36
N SER A 76 4.13 17.97 -7.37
CA SER A 76 3.62 19.33 -7.25
C SER A 76 4.77 20.29 -6.91
N LEU A 77 5.66 19.81 -6.07
CA LEU A 77 6.81 20.61 -5.65
C LEU A 77 7.52 21.15 -6.90
N PRO A 78 8.21 22.31 -6.71
CA PRO A 78 8.93 22.94 -7.80
C PRO A 78 10.23 22.17 -8.11
N LEU A 79 11.12 22.85 -8.82
CA LEU A 79 12.39 22.25 -9.19
C LEU A 79 13.52 23.19 -8.79
N PRO A 80 14.66 22.58 -8.34
CA PRO A 80 15.82 23.35 -7.93
C PRO A 80 16.57 23.90 -9.14
N LEU A 81 17.34 24.95 -8.89
CA LEU A 81 18.11 25.58 -9.95
C LEU A 81 19.13 24.58 -10.49
N SER A 82 19.56 23.69 -9.61
CA SER A 82 20.54 22.68 -9.99
C SER A 82 19.83 21.45 -10.56
N THR A 83 20.36 20.95 -11.66
CA THR A 83 19.78 19.80 -12.32
C THR A 83 20.05 18.54 -11.49
N SER A 84 21.28 18.43 -11.00
CA SER A 84 21.66 17.30 -10.18
C SER A 84 20.52 16.91 -9.23
N GLU A 85 19.87 17.94 -8.71
CA GLU A 85 18.76 17.74 -7.79
C GLU A 85 17.49 17.37 -8.56
N GLN A 86 17.26 18.10 -9.65
CA GLN A 86 16.09 17.87 -10.48
C GLN A 86 15.95 16.38 -10.79
N ARG A 87 17.09 15.74 -11.03
CA ARG A 87 17.11 14.32 -11.34
C ARG A 87 16.75 13.50 -10.10
N GLN A 88 17.62 13.61 -9.09
CA GLN A 88 17.41 12.88 -7.85
C GLN A 88 15.94 12.97 -7.42
N GLN A 89 15.33 14.11 -7.74
CA GLN A 89 13.94 14.34 -7.39
C GLN A 89 13.04 13.38 -8.17
N ARG A 90 12.98 13.62 -9.47
CA ARG A 90 12.15 12.78 -10.34
C ARG A 90 12.58 11.32 -10.22
N LEU A 91 13.87 11.12 -10.03
CA LEU A 91 14.42 9.78 -9.91
C LEU A 91 13.70 9.05 -8.76
N GLN A 92 13.72 9.67 -7.60
CA GLN A 92 13.07 9.11 -6.42
C GLN A 92 11.60 8.81 -6.72
N LYS A 93 10.93 9.81 -7.28
CA LYS A 93 9.53 9.68 -7.61
C LYS A 93 9.35 8.54 -8.62
N GLU A 94 10.02 8.69 -9.76
CA GLU A 94 9.94 7.68 -10.80
C GLU A 94 9.92 6.28 -10.20
N ARG A 95 10.90 6.03 -9.32
CA ARG A 95 11.00 4.73 -8.66
C ARG A 95 9.80 4.52 -7.74
N LEU A 96 9.67 5.41 -6.78
CA LEU A 96 8.59 5.32 -5.82
C LEU A 96 7.29 5.01 -6.56
N MET A 97 7.14 5.63 -7.72
CA MET A 97 5.95 5.42 -8.53
C MET A 97 5.86 3.97 -9.00
N ASN A 98 6.98 3.48 -9.49
CA ASN A 98 7.04 2.10 -9.98
C ASN A 98 7.00 1.13 -8.79
N ASP A 99 7.53 1.60 -7.67
CA ASP A 99 7.55 0.80 -6.46
C ASP A 99 6.13 0.65 -5.92
N PHE A 100 5.51 1.79 -5.65
CA PHE A 100 4.16 1.80 -5.14
C PHE A 100 3.23 0.95 -6.00
N SER A 101 3.50 0.97 -7.29
CA SER A 101 2.70 0.20 -8.24
C SER A 101 2.85 -1.30 -7.96
N ALA A 102 4.10 -1.75 -7.96
CA ALA A 102 4.38 -3.15 -7.71
C ALA A 102 3.65 -3.59 -6.43
N ALA A 103 3.70 -2.71 -5.43
CA ALA A 103 3.06 -3.00 -4.16
C ALA A 103 1.54 -2.92 -4.34
N LEU A 104 1.12 -2.04 -5.23
CA LEU A 104 -0.29 -1.86 -5.50
C LEU A 104 -0.86 -3.13 -6.13
N ASN A 105 -0.30 -3.48 -7.28
CA ASN A 105 -0.73 -4.67 -8.00
C ASN A 105 -0.93 -5.81 -7.00
N ASN A 106 0.05 -5.97 -6.12
CA ASN A 106 0.00 -7.02 -5.12
C ASN A 106 -1.37 -7.01 -4.45
N PHE A 107 -1.65 -5.91 -3.76
CA PHE A 107 -2.92 -5.77 -3.07
C PHE A 107 -4.09 -6.23 -3.95
N GLN A 108 -4.09 -5.73 -5.18
CA GLN A 108 -5.13 -6.08 -6.12
C GLN A 108 -5.24 -7.60 -6.25
N ALA A 109 -4.14 -8.21 -6.68
CA ALA A 109 -4.10 -9.65 -6.84
C ALA A 109 -4.53 -10.33 -5.54
N VAL A 110 -4.42 -9.57 -4.45
CA VAL A 110 -4.80 -10.08 -3.14
C VAL A 110 -6.28 -9.78 -2.90
N GLN A 111 -6.75 -8.71 -3.53
CA GLN A 111 -8.14 -8.31 -3.37
C GLN A 111 -9.05 -9.24 -4.17
N ARG A 112 -8.53 -9.71 -5.30
CA ARG A 112 -9.28 -10.60 -6.16
C ARG A 112 -9.30 -12.02 -5.58
N ARG A 113 -8.21 -12.35 -4.89
CA ARG A 113 -8.08 -13.65 -4.28
C ARG A 113 -8.91 -13.72 -2.99
N VAL A 114 -8.98 -12.59 -2.30
CA VAL A 114 -9.73 -12.51 -1.06
C VAL A 114 -11.22 -12.66 -1.37
N SER A 115 -11.72 -11.73 -2.16
CA SER A 115 -13.13 -11.75 -2.53
C SER A 115 -13.52 -13.14 -3.04
N GLU A 116 -12.53 -13.83 -3.58
CA GLU A 116 -12.75 -15.16 -4.11
C GLU A 116 -12.78 -16.19 -2.97
N LYS A 117 -11.93 -15.95 -1.98
CA LYS A 117 -11.84 -16.83 -0.83
C LYS A 117 -13.14 -16.76 -0.04
N GLU A 118 -13.74 -15.58 -0.03
CA GLU A 118 -14.98 -15.37 0.68
C GLU A 118 -16.16 -15.84 -0.17
N LYS A 119 -15.91 -15.98 -1.47
CA LYS A 119 -16.93 -16.41 -2.39
C LYS A 119 -17.17 -17.92 -2.21
N GLU A 120 -16.09 -18.67 -2.33
CA GLU A 120 -16.16 -20.11 -2.19
C GLU A 120 -16.86 -20.48 -0.88
N SER A 121 -16.51 -19.74 0.16
CA SER A 121 -17.10 -19.98 1.48
C SER A 121 -18.63 -20.00 1.37
N ILE A 122 -19.18 -18.86 1.01
CA ILE A 122 -20.63 -18.75 0.87
C ILE A 122 -21.10 -19.68 -0.25
N ALA A 123 -20.59 -19.43 -1.45
CA ALA A 123 -20.95 -20.24 -2.59
C ALA A 123 -22.44 -20.06 -2.89
N ARG A 124 -22.73 -19.61 -4.10
CA ARG A 124 -24.10 -19.39 -4.51
C ARG A 124 -24.41 -20.20 -5.79
N SER A 125 -25.63 -20.71 -5.84
CA SER A 125 -26.06 -21.49 -6.98
C SER A 125 -25.64 -20.80 -8.28
N GLY A 126 -24.55 -21.28 -8.85
CA GLY A 126 -24.04 -20.72 -10.09
C GLY A 126 -22.52 -20.83 -10.15
N PRO A 127 -22.04 -21.87 -10.89
CA PRO A 127 -20.62 -22.09 -11.04
C PRO A 127 -20.00 -21.08 -12.02
N SER A 128 -18.71 -20.83 -11.82
CA SER A 128 -18.00 -19.89 -12.67
C SER A 128 -16.49 -20.02 -12.44
N SER A 129 -15.77 -20.27 -13.52
CA SER A 129 -14.33 -20.42 -13.45
C SER A 129 -13.66 -19.04 -13.50
N GLY A 130 -12.58 -18.92 -12.75
CA GLY A 130 -11.84 -17.67 -12.71
C GLY A 130 -10.90 -17.54 -13.91
#